data_6D3P
# 
_entry.id   6D3P 
# 
_audit_conform.dict_name       mmcif_pdbx.dic 
_audit_conform.dict_version    5.387 
_audit_conform.dict_location   http://mmcif.pdb.org/dictionaries/ascii/mmcif_pdbx.dic 
# 
loop_
_database_2.database_id 
_database_2.database_code 
_database_2.pdbx_database_accession 
_database_2.pdbx_DOI 
PDB   6D3P         pdb_00006d3p 10.2210/pdb6d3p/pdb 
WWPDB D_1000233949 ?            ?                   
# 
loop_
_pdbx_audit_revision_history.ordinal 
_pdbx_audit_revision_history.data_content_type 
_pdbx_audit_revision_history.major_revision 
_pdbx_audit_revision_history.minor_revision 
_pdbx_audit_revision_history.revision_date 
1 'Structure model' 1 0 2018-06-20 
2 'Structure model' 1 1 2018-07-04 
3 'Structure model' 1 2 2019-12-04 
4 'Structure model' 1 3 2020-10-21 
5 'Structure model' 1 4 2024-03-13 
# 
_pdbx_audit_revision_details.ordinal             1 
_pdbx_audit_revision_details.revision_ordinal    1 
_pdbx_audit_revision_details.data_content_type   'Structure model' 
_pdbx_audit_revision_details.provider            repository 
_pdbx_audit_revision_details.type                'Initial release' 
_pdbx_audit_revision_details.description         ? 
_pdbx_audit_revision_details.details             ? 
# 
loop_
_pdbx_audit_revision_group.ordinal 
_pdbx_audit_revision_group.revision_ordinal 
_pdbx_audit_revision_group.data_content_type 
_pdbx_audit_revision_group.group 
1 2 'Structure model' 'Data collection'            
2 2 'Structure model' 'Database references'        
3 3 'Structure model' 'Author supporting evidence' 
4 4 'Structure model' 'Data collection'            
5 5 'Structure model' 'Data collection'            
6 5 'Structure model' 'Database references'        
# 
loop_
_pdbx_audit_revision_category.ordinal 
_pdbx_audit_revision_category.revision_ordinal 
_pdbx_audit_revision_category.data_content_type 
_pdbx_audit_revision_category.category 
1 2 'Structure model' citation           
2 3 'Structure model' pdbx_audit_support 
3 4 'Structure model' reflns_shell       
4 5 'Structure model' chem_comp_atom     
5 5 'Structure model' chem_comp_bond     
6 5 'Structure model' database_2         
# 
loop_
_pdbx_audit_revision_item.ordinal 
_pdbx_audit_revision_item.revision_ordinal 
_pdbx_audit_revision_item.data_content_type 
_pdbx_audit_revision_item.item 
1 2 'Structure model' '_citation.journal_volume'                 
2 2 'Structure model' '_citation.page_first'                     
3 2 'Structure model' '_citation.page_last'                      
4 3 'Structure model' '_pdbx_audit_support.country'              
5 3 'Structure model' '_pdbx_audit_support.funding_organization' 
6 4 'Structure model' '_reflns_shell.Rmerge_I_obs'               
7 4 'Structure model' '_reflns_shell.pdbx_Rrim_I_all'            
8 5 'Structure model' '_database_2.pdbx_DOI'                     
9 5 'Structure model' '_database_2.pdbx_database_accession'      
# 
_pdbx_database_status.status_code                     REL 
_pdbx_database_status.status_code_sf                  REL 
_pdbx_database_status.status_code_mr                  ? 
_pdbx_database_status.entry_id                        6D3P 
_pdbx_database_status.recvd_initial_deposition_date   2018-04-16 
_pdbx_database_status.SG_entry                        N 
_pdbx_database_status.deposit_site                    RCSB 
_pdbx_database_status.process_site                    RCSB 
_pdbx_database_status.status_code_cs                  ? 
_pdbx_database_status.methods_development_category    ? 
_pdbx_database_status.pdb_format_compatible           Y 
_pdbx_database_status.status_code_nmr_data            ? 
# 
loop_
_audit_author.name 
_audit_author.pdbx_ordinal 
_audit_author.identifier_ORCID 
'Steckelberg, A.-L.' 1 0000-0001-7988-9946 
'Akiyama, B.M.'      2 ?                   
'Costantino, D.A.'   3 ?                   
'Sit, T.L.'          4 ?                   
'Nix, J.C.'          5 ?                   
'Kieft, J.S.'        6 0000-0002-3718-1891 
# 
_citation.abstract                  ? 
_citation.abstract_id_CAS           ? 
_citation.book_id_ISBN              ? 
_citation.book_publisher            ? 
_citation.book_publisher_city       ? 
_citation.book_title                ? 
_citation.coordinate_linkage        ? 
_citation.country                   US 
_citation.database_id_Medline       ? 
_citation.details                   ? 
_citation.id                        primary 
_citation.journal_abbrev            'Proc. Natl. Acad. Sci. U.S.A.' 
_citation.journal_id_ASTM           PNASA6 
_citation.journal_id_CSD            0040 
_citation.journal_id_ISSN           1091-6490 
_citation.journal_full              ? 
_citation.journal_issue             ? 
_citation.journal_volume            115 
_citation.language                  ? 
_citation.page_first                6404 
_citation.page_last                 6409 
_citation.title                     
'A folded viral noncoding RNA blocks host cell exoribonucleases through a conformationally dynamic RNA structure.' 
_citation.year                      2018 
_citation.database_id_CSD           ? 
_citation.pdbx_database_id_DOI      10.1073/pnas.1802429115 
_citation.pdbx_database_id_PubMed   29866852 
_citation.unpublished_flag          ? 
# 
loop_
_citation_author.citation_id 
_citation_author.name 
_citation_author.ordinal 
_citation_author.identifier_ORCID 
primary 'Steckelberg, A.L.' 1 ? 
primary 'Akiyama, B.M.'     2 ? 
primary 'Costantino, D.A.'  3 ? 
primary 'Sit, T.L.'         4 ? 
primary 'Nix, J.C.'         5 ? 
primary 'Kieft, J.S.'       6 ? 
# 
loop_
_entity.id 
_entity.type 
_entity.src_method 
_entity.pdbx_description 
_entity.formula_weight 
_entity.pdbx_number_of_molecules 
_entity.pdbx_ec 
_entity.pdbx_mutation 
_entity.pdbx_fragment 
_entity.details 
1 polymer     syn 'RNA (45-MER)'          14543.732 1  ? ? ? ? 
2 non-polymer syn 'IRIDIUM HEXAMMINE ION' 294.400   10 ? ? ? ? 
# 
_entity_poly.entity_id                      1 
_entity_poly.type                           polyribonucleotide 
_entity_poly.nstd_linkage                   no 
_entity_poly.nstd_monomer                   no 
_entity_poly.pdbx_seq_one_letter_code       GGGCGUAACCUCCAUCCGAGUUGCAAGAGAGGGAAACGCAGUCUC 
_entity_poly.pdbx_seq_one_letter_code_can   GGGCGUAACCUCCAUCCGAGUUGCAAGAGAGGGAAACGCAGUCUC 
_entity_poly.pdbx_strand_id                 A 
_entity_poly.pdbx_target_identifier         ? 
# 
_pdbx_entity_nonpoly.entity_id   2 
_pdbx_entity_nonpoly.name        'IRIDIUM HEXAMMINE ION' 
_pdbx_entity_nonpoly.comp_id     IRI 
# 
loop_
_entity_poly_seq.entity_id 
_entity_poly_seq.num 
_entity_poly_seq.mon_id 
_entity_poly_seq.hetero 
1 1  G n 
1 2  G n 
1 3  G n 
1 4  C n 
1 5  G n 
1 6  U n 
1 7  A n 
1 8  A n 
1 9  C n 
1 10 C n 
1 11 U n 
1 12 C n 
1 13 C n 
1 14 A n 
1 15 U n 
1 16 C n 
1 17 C n 
1 18 G n 
1 19 A n 
1 20 G n 
1 21 U n 
1 22 U n 
1 23 G n 
1 24 C n 
1 25 A n 
1 26 A n 
1 27 G n 
1 28 A n 
1 29 G n 
1 30 A n 
1 31 G n 
1 32 G n 
1 33 G n 
1 34 A n 
1 35 A n 
1 36 A n 
1 37 C n 
1 38 G n 
1 39 C n 
1 40 A n 
1 41 G n 
1 42 U n 
1 43 C n 
1 44 U n 
1 45 C n 
# 
_pdbx_entity_src_syn.entity_id              1 
_pdbx_entity_src_syn.pdbx_src_id            1 
_pdbx_entity_src_syn.pdbx_alt_source_flag   sample 
_pdbx_entity_src_syn.pdbx_beg_seq_num       ? 
_pdbx_entity_src_syn.pdbx_end_seq_num       ? 
_pdbx_entity_src_syn.organism_scientific    'Sweet clover necrotic mosaic virus' 
_pdbx_entity_src_syn.organism_common_name   ? 
_pdbx_entity_src_syn.ncbi_taxonomy_id       28348 
_pdbx_entity_src_syn.details                'In vitro transcribed with T7 RNA polymerase' 
# 
loop_
_chem_comp.id 
_chem_comp.type 
_chem_comp.mon_nstd_flag 
_chem_comp.name 
_chem_comp.pdbx_synonyms 
_chem_comp.formula 
_chem_comp.formula_weight 
A   'RNA linking' y "ADENOSINE-5'-MONOPHOSPHATE" ? 'C10 H14 N5 O7 P' 347.221 
C   'RNA linking' y "CYTIDINE-5'-MONOPHOSPHATE"  ? 'C9 H14 N3 O8 P'  323.197 
G   'RNA linking' y "GUANOSINE-5'-MONOPHOSPHATE" ? 'C10 H14 N5 O8 P' 363.221 
IRI non-polymer   . 'IRIDIUM HEXAMMINE ION'      ? 'H18 Ir N6 3'     294.400 
U   'RNA linking' y "URIDINE-5'-MONOPHOSPHATE"   ? 'C9 H13 N2 O9 P'  324.181 
# 
loop_
_pdbx_poly_seq_scheme.asym_id 
_pdbx_poly_seq_scheme.entity_id 
_pdbx_poly_seq_scheme.seq_id 
_pdbx_poly_seq_scheme.mon_id 
_pdbx_poly_seq_scheme.ndb_seq_num 
_pdbx_poly_seq_scheme.pdb_seq_num 
_pdbx_poly_seq_scheme.auth_seq_num 
_pdbx_poly_seq_scheme.pdb_mon_id 
_pdbx_poly_seq_scheme.auth_mon_id 
_pdbx_poly_seq_scheme.pdb_strand_id 
_pdbx_poly_seq_scheme.pdb_ins_code 
_pdbx_poly_seq_scheme.hetero 
A 1 1  G 1  1  1  G G A . n 
A 1 2  G 2  2  2  G G A . n 
A 1 3  G 3  3  3  G G A . n 
A 1 4  C 4  4  4  C C A . n 
A 1 5  G 5  5  5  G G A . n 
A 1 6  U 6  6  6  U U A . n 
A 1 7  A 7  7  7  A A A . n 
A 1 8  A 8  8  8  A A A . n 
A 1 9  C 9  9  9  C C A . n 
A 1 10 C 10 10 10 C C A . n 
A 1 11 U 11 11 11 U U A . n 
A 1 12 C 12 12 12 C C A . n 
A 1 13 C 13 13 13 C C A . n 
A 1 14 A 14 14 14 A A A . n 
A 1 15 U 15 15 15 U U A . n 
A 1 16 C 16 16 16 C C A . n 
A 1 17 C 17 17 17 C C A . n 
A 1 18 G 18 18 18 G G A . n 
A 1 19 A 19 19 19 A A A . n 
A 1 20 G 20 20 20 G G A . n 
A 1 21 U 21 21 21 U U A . n 
A 1 22 U 22 22 22 U U A . n 
A 1 23 G 23 23 23 G G A . n 
A 1 24 C 24 24 24 C C A . n 
A 1 25 A 25 25 25 A A A . n 
A 1 26 A 26 26 26 A A A . n 
A 1 27 G 27 27 27 G G A . n 
A 1 28 A 28 28 28 A A A . n 
A 1 29 G 29 29 29 G G A . n 
A 1 30 A 30 30 30 A A A . n 
A 1 31 G 31 31 31 G G A . n 
A 1 32 G 32 32 32 G G A . n 
A 1 33 G 33 33 33 G G A . n 
A 1 34 A 34 34 34 A A A . n 
A 1 35 A 35 35 35 A A A . n 
A 1 36 A 36 36 36 A A A . n 
A 1 37 C 37 37 37 C C A . n 
A 1 38 G 38 38 38 G G A . n 
A 1 39 C 39 39 39 C C A . n 
A 1 40 A 40 40 40 A A A . n 
A 1 41 G 41 41 41 G G A . n 
A 1 42 U 42 42 42 U U A . n 
A 1 43 C 43 43 43 C C A . n 
A 1 44 U 44 44 44 U U A . n 
A 1 45 C 45 45 45 C C A . n 
# 
loop_
_pdbx_nonpoly_scheme.asym_id 
_pdbx_nonpoly_scheme.entity_id 
_pdbx_nonpoly_scheme.mon_id 
_pdbx_nonpoly_scheme.ndb_seq_num 
_pdbx_nonpoly_scheme.pdb_seq_num 
_pdbx_nonpoly_scheme.auth_seq_num 
_pdbx_nonpoly_scheme.pdb_mon_id 
_pdbx_nonpoly_scheme.auth_mon_id 
_pdbx_nonpoly_scheme.pdb_strand_id 
_pdbx_nonpoly_scheme.pdb_ins_code 
B 2 IRI 1 101 1  IRI IRI A . 
C 2 IRI 1 102 2  IRI IRI A . 
D 2 IRI 1 103 3  IRI IRI A . 
E 2 IRI 1 104 4  IRI IRI A . 
F 2 IRI 1 105 5  IRI IRI A . 
G 2 IRI 1 106 6  IRI IRI A . 
H 2 IRI 1 107 7  IRI IRI A . 
I 2 IRI 1 108 8  IRI IRI A . 
J 2 IRI 1 109 9  IRI IRI A . 
K 2 IRI 1 110 10 IRI IRI A . 
# 
loop_
_software.citation_id 
_software.classification 
_software.compiler_name 
_software.compiler_version 
_software.contact_author 
_software.contact_author_email 
_software.date 
_software.description 
_software.dependencies 
_software.hardware 
_software.language 
_software.location 
_software.mods 
_software.name 
_software.os 
_software.os_version 
_software.type 
_software.version 
_software.pdbx_ordinal 
? refinement        ? ? ? ? ? ? ? ? ? ? ? PHENIX      ? ? ? 1.13_2998 1 
? 'data scaling'    ? ? ? ? ? ? ? ? ? ? ? XSCALE      ? ? ? .         2 
? 'data extraction' ? ? ? ? ? ? ? ? ? ? ? PDB_EXTRACT ? ? ? 3.24      3 
? 'data reduction'  ? ? ? ? ? ? ? ? ? ? ? XDS         ? ? ? .         4 
? phasing           ? ? ? ? ? ? ? ? ? ? ? AutoSol     ? ? ? .         5 
# 
_cell.angle_alpha                  90.000 
_cell.angle_alpha_esd              ? 
_cell.angle_beta                   90.000 
_cell.angle_beta_esd               ? 
_cell.angle_gamma                  120.000 
_cell.angle_gamma_esd              ? 
_cell.entry_id                     6D3P 
_cell.details                      ? 
_cell.formula_units_Z              ? 
_cell.length_a                     83.400 
_cell.length_a_esd                 ? 
_cell.length_b                     83.400 
_cell.length_b_esd                 ? 
_cell.length_c                     94.210 
_cell.length_c_esd                 ? 
_cell.volume                       ? 
_cell.volume_esd                   ? 
_cell.Z_PDB                        12 
_cell.reciprocal_angle_alpha       ? 
_cell.reciprocal_angle_beta        ? 
_cell.reciprocal_angle_gamma       ? 
_cell.reciprocal_angle_alpha_esd   ? 
_cell.reciprocal_angle_beta_esd    ? 
_cell.reciprocal_angle_gamma_esd   ? 
_cell.reciprocal_length_a          ? 
_cell.reciprocal_length_b          ? 
_cell.reciprocal_length_c          ? 
_cell.reciprocal_length_a_esd      ? 
_cell.reciprocal_length_b_esd      ? 
_cell.reciprocal_length_c_esd      ? 
_cell.pdbx_unique_axis             ? 
# 
_symmetry.entry_id                         6D3P 
_symmetry.cell_setting                     ? 
_symmetry.Int_Tables_number                178 
_symmetry.space_group_name_Hall            ? 
_symmetry.space_group_name_H-M             'P 61 2 2' 
_symmetry.pdbx_full_space_group_name_H-M   ? 
# 
_exptl.absorpt_coefficient_mu     ? 
_exptl.absorpt_correction_T_max   ? 
_exptl.absorpt_correction_T_min   ? 
_exptl.absorpt_correction_type    ? 
_exptl.absorpt_process_details    ? 
_exptl.entry_id                   6D3P 
_exptl.crystals_number            1 
_exptl.details                    ? 
_exptl.method                     'X-RAY DIFFRACTION' 
_exptl.method_details             ? 
# 
_exptl_crystal.colour                      ? 
_exptl_crystal.density_diffrn              ? 
_exptl_crystal.density_Matthews            3.25 
_exptl_crystal.density_method              ? 
_exptl_crystal.density_percent_sol         62.17 
_exptl_crystal.description                 ? 
_exptl_crystal.F_000                       ? 
_exptl_crystal.id                          1 
_exptl_crystal.preparation                 ? 
_exptl_crystal.size_max                    ? 
_exptl_crystal.size_mid                    ? 
_exptl_crystal.size_min                    ? 
_exptl_crystal.size_rad                    ? 
_exptl_crystal.colour_lustre               ? 
_exptl_crystal.colour_modifier             ? 
_exptl_crystal.colour_primary              ? 
_exptl_crystal.density_meas                ? 
_exptl_crystal.density_meas_esd            ? 
_exptl_crystal.density_meas_gt             ? 
_exptl_crystal.density_meas_lt             ? 
_exptl_crystal.density_meas_temp           ? 
_exptl_crystal.density_meas_temp_esd       ? 
_exptl_crystal.density_meas_temp_gt        ? 
_exptl_crystal.density_meas_temp_lt        ? 
_exptl_crystal.pdbx_crystal_image_url      ? 
_exptl_crystal.pdbx_crystal_image_format   ? 
_exptl_crystal.pdbx_mosaicity              ? 
_exptl_crystal.pdbx_mosaicity_esd          ? 
# 
_exptl_crystal_grow.apparatus       ? 
_exptl_crystal_grow.atmosphere      ? 
_exptl_crystal_grow.crystal_id      1 
_exptl_crystal_grow.details         ? 
_exptl_crystal_grow.method          'VAPOR DIFFUSION, SITTING DROP' 
_exptl_crystal_grow.method_ref      ? 
_exptl_crystal_grow.pH              6.5 
_exptl_crystal_grow.pressure        ? 
_exptl_crystal_grow.pressure_esd    ? 
_exptl_crystal_grow.seeding         ? 
_exptl_crystal_grow.seeding_ref     ? 
_exptl_crystal_grow.temp            293 
_exptl_crystal_grow.temp_details    ? 
_exptl_crystal_grow.temp_esd        ? 
_exptl_crystal_grow.time            ? 
_exptl_crystal_grow.pdbx_details    
;drop: 1 uL 5 mg/mL RNA in 30 mM HEPES pH 7.5, 20 mM MgCl2, 100 mM KCl + 1 uL 50 mM sodium cacodylate trihydrate (pH 6.5), 0.2 M potassium chloride, 0.1 M magnesium acetate tetrahydrate, 14% w/v PEG 8000. Crystals were buffer-exchanged into freezing solution (mother liquor containing 20% ethylene glycol and 20 mM Iridium (III) hexammine) and flash-frozen in liquid nitrogen
;
_exptl_crystal_grow.pdbx_pH_range   ? 
# 
_diffrn.ambient_environment    ? 
_diffrn.ambient_temp           100 
_diffrn.ambient_temp_details   ? 
_diffrn.ambient_temp_esd       ? 
_diffrn.crystal_id             1 
_diffrn.crystal_support        ? 
_diffrn.crystal_treatment      ? 
_diffrn.details                ? 
_diffrn.id                     1 
_diffrn.ambient_pressure       ? 
_diffrn.ambient_pressure_esd   ? 
_diffrn.ambient_pressure_gt    ? 
_diffrn.ambient_pressure_lt    ? 
_diffrn.ambient_temp_gt        ? 
_diffrn.ambient_temp_lt        ? 
# 
_diffrn_detector.details                      ? 
_diffrn_detector.detector                     CMOS 
_diffrn_detector.diffrn_id                    1 
_diffrn_detector.type                         'RDI CMOS_8M' 
_diffrn_detector.area_resol_mean              ? 
_diffrn_detector.dtime                        ? 
_diffrn_detector.pdbx_frames_total            ? 
_diffrn_detector.pdbx_collection_time_total   ? 
_diffrn_detector.pdbx_collection_date         2016-11-23 
# 
_diffrn_radiation.collimation                      ? 
_diffrn_radiation.diffrn_id                        1 
_diffrn_radiation.filter_edge                      ? 
_diffrn_radiation.inhomogeneity                    ? 
_diffrn_radiation.monochromator                    ? 
_diffrn_radiation.polarisn_norm                    ? 
_diffrn_radiation.polarisn_ratio                   ? 
_diffrn_radiation.probe                            ? 
_diffrn_radiation.type                             ? 
_diffrn_radiation.xray_symbol                      ? 
_diffrn_radiation.wavelength_id                    1 
_diffrn_radiation.pdbx_monochromatic_or_laue_m_l   M 
_diffrn_radiation.pdbx_wavelength_list             ? 
_diffrn_radiation.pdbx_wavelength                  ? 
_diffrn_radiation.pdbx_diffrn_protocol             'SINGLE WAVELENGTH' 
_diffrn_radiation.pdbx_analyzer                    ? 
_diffrn_radiation.pdbx_scattering_type             x-ray 
# 
_diffrn_radiation_wavelength.id           1 
_diffrn_radiation_wavelength.wavelength   1.0972 
_diffrn_radiation_wavelength.wt           1.0 
# 
_diffrn_source.current                     ? 
_diffrn_source.details                     ? 
_diffrn_source.diffrn_id                   1 
_diffrn_source.power                       ? 
_diffrn_source.size                        ? 
_diffrn_source.source                      SYNCHROTRON 
_diffrn_source.target                      ? 
_diffrn_source.type                        'ALS BEAMLINE 4.2.2' 
_diffrn_source.voltage                     ? 
_diffrn_source.take-off_angle              ? 
_diffrn_source.pdbx_wavelength_list        1.0972 
_diffrn_source.pdbx_wavelength             ? 
_diffrn_source.pdbx_synchrotron_beamline   4.2.2 
_diffrn_source.pdbx_synchrotron_site       ALS 
# 
_reflns.B_iso_Wilson_estimate            94.260 
_reflns.entry_id                         6D3P 
_reflns.data_reduction_details           ? 
_reflns.data_reduction_method            ? 
_reflns.d_resolution_high                1.850 
_reflns.d_resolution_low                 39.455 
_reflns.details                          ? 
_reflns.limit_h_max                      ? 
_reflns.limit_h_min                      ? 
_reflns.limit_k_max                      ? 
_reflns.limit_k_min                      ? 
_reflns.limit_l_max                      ? 
_reflns.limit_l_min                      ? 
_reflns.number_all                       ? 
_reflns.number_obs                       27657 
_reflns.observed_criterion               ? 
_reflns.observed_criterion_F_max         ? 
_reflns.observed_criterion_F_min         ? 
_reflns.observed_criterion_I_max         ? 
_reflns.observed_criterion_I_min         ? 
_reflns.observed_criterion_sigma_F       ? 
_reflns.observed_criterion_sigma_I       ? 
_reflns.percent_possible_obs             88.600 
_reflns.R_free_details                   ? 
_reflns.Rmerge_F_all                     ? 
_reflns.Rmerge_F_obs                     ? 
_reflns.Friedel_coverage                 ? 
_reflns.number_gt                        ? 
_reflns.threshold_expression             ? 
_reflns.pdbx_redundancy                  25.782 
_reflns.pdbx_Rmerge_I_obs                0.592 
_reflns.pdbx_Rmerge_I_all                ? 
_reflns.pdbx_Rsym_value                  ? 
_reflns.pdbx_netI_over_av_sigmaI         ? 
_reflns.pdbx_netI_over_sigmaI            7.140 
_reflns.pdbx_res_netI_over_av_sigmaI_2   ? 
_reflns.pdbx_res_netI_over_sigmaI_2      ? 
_reflns.pdbx_chi_squared                 1.754 
_reflns.pdbx_scaling_rejects             1073 
_reflns.pdbx_d_res_high_opt              ? 
_reflns.pdbx_d_res_low_opt               ? 
_reflns.pdbx_d_res_opt_method            ? 
_reflns.phase_calculation_details        ? 
_reflns.pdbx_Rrim_I_all                  0.612 
_reflns.pdbx_Rpim_I_all                  ? 
_reflns.pdbx_d_opt                       ? 
_reflns.pdbx_number_measured_all         713044 
_reflns.pdbx_diffrn_id                   1 
_reflns.pdbx_ordinal                     1 
_reflns.pdbx_CC_half                     0.884 
_reflns.pdbx_R_split                     ? 
_reflns.pdbx_CC_star                     ? 
# 
loop_
_reflns_shell.d_res_high 
_reflns_shell.d_res_low 
_reflns_shell.meanI_over_sigI_all 
_reflns_shell.meanI_over_sigI_obs 
_reflns_shell.number_measured_all 
_reflns_shell.number_measured_obs 
_reflns_shell.number_possible 
_reflns_shell.number_unique_all 
_reflns_shell.number_unique_obs 
_reflns_shell.percent_possible_all 
_reflns_shell.percent_possible_obs 
_reflns_shell.Rmerge_F_all 
_reflns_shell.Rmerge_F_obs 
_reflns_shell.Rmerge_I_all 
_reflns_shell.Rmerge_I_obs 
_reflns_shell.meanI_over_sigI_gt 
_reflns_shell.meanI_over_uI_all 
_reflns_shell.meanI_over_uI_gt 
_reflns_shell.number_measured_gt 
_reflns_shell.number_unique_gt 
_reflns_shell.percent_possible_gt 
_reflns_shell.Rmerge_F_gt 
_reflns_shell.Rmerge_I_gt 
_reflns_shell.pdbx_redundancy 
_reflns_shell.pdbx_Rsym_value 
_reflns_shell.pdbx_chi_squared 
_reflns_shell.pdbx_netI_over_sigmaI_all 
_reflns_shell.pdbx_netI_over_sigmaI_obs 
_reflns_shell.pdbx_Rrim_I_all 
_reflns_shell.pdbx_Rpim_I_all 
_reflns_shell.pdbx_rejects 
_reflns_shell.pdbx_ordinal 
_reflns_shell.pdbx_diffrn_id 
_reflns_shell.pdbx_CC_half 
_reflns_shell.pdbx_R_split 
_reflns_shell.pdbx_CC_star 
1.850 1.900  ? ?      ? 919   2288 ? 542  23.700  ? ? ? ? ?     ? ? ? ? ? ? ? ? 1.696  ? ? ? ? ?     ? ? 1  1 ?     ? ? 
1.900 1.950  ? 0.150  ? 3357  2236 ? 1305 58.400  ? ? ? ? ?     ? ? ? ? ? ? ? ? 2.572  ? ? ? ? ?     ? ? 2  1 ?     ? ? 
1.950 2.010  ? ?      ? 6910  2192 ? 1771 80.800  ? ? ? ? ?     ? ? ? ? ? ? ? ? 3.902  ? ? ? ? ?     ? ? 3  1 ?     ? ? 
2.010 2.070  ? ?      ? 9720  2126 ? 1921 90.400  ? ? ? ? ?     ? ? ? ? ? ? ? ? 5.060  ? ? ? ? ?     ? ? 4  1 ?     ? ? 
2.070 2.140  ? ?      ? 12270 2074 ? 1933 93.200  ? ? ? ? ?     ? ? ? ? ? ? ? ? 6.348  ? ? ? ? ?     ? ? 5  1 ?     ? ? 
2.140 2.210  ? ?      ? 18047 1981 ? 1918 96.800  ? ? ? ? ?     ? ? ? ? ? ? ? ? 9.409  ? ? ? ? ?     ? ? 6  1 ?     ? ? 
2.210 2.300  ? ?      ? 26187 1925 ? 1903 98.900  ? ? ? ? ?     ? ? ? ? ? ? ? ? 13.761 ? ? ? ? ?     ? ? 7  1 ?     ? ? 
2.300 2.390  ? ?      ? 37475 1857 ? 1855 99.900  ? ? ? ? ?     ? ? ? ? ? ? ? ? 20.202 ? ? ? ? ?     ? ? 8  1 ?     ? ? 
2.390 2.500  ? ?      ? 48139 1772 ? 1770 99.900  ? ? ? ? ?     ? ? ? ? ? ? ? ? 27.197 ? ? ? ? ?     ? ? 9  1 ?     ? ? 
2.500 2.620  ? ?      ? 63696 1705 ? 1696 99.500  ? ? ? ? ?     ? ? ? ? ? ? ? ? 37.557 ? ? ? ? ?     ? ? 10 1 0.147 ? ? 
2.620 2.760  ? ?      ? 66513 1601 ? 1598 99.800  ? ? ? ? ?     ? ? ? ? ? ? ? ? 41.623 ? ? ? ? ?     ? ? 11 1 0.338 ? ? 
2.760 2.930  ? 0.670  ? 63337 1530 ? 1524 99.600  ? ? ? ? ?     ? ? ? ? ? ? ? ? 41.560 ? ? ? ? ?     ? ? 12 1 0.708 ? ? 
2.930 3.130  ? 1.670  ? 58934 1438 ? 1435 99.800  ? ? ? ? 4.080 ? ? ? ? ? ? ? ? 41.069 ? ? ? ? 4.131 ? ? 13 1 0.825 ? ? 
3.130 3.380  ? 4.420  ? 57617 1338 ? 1338 100.000 ? ? ? ? 1.512 ? ? ? ? ? ? ? ? 43.062 ? ? ? ? 1.530 ? ? 14 1 0.971 ? ? 
3.380 3.700  ? 10.870 ? 57007 1223 ? 1223 100.000 ? ? ? ? 0.575 ? ? ? ? ? ? ? ? 46.612 ? ? ? ? 0.581 ? ? 15 1 0.996 ? ? 
3.700 4.140  ? 20.760 ? 52077 1109 ? 1109 100.000 ? ? ? ? 0.291 ? ? ? ? ? ? ? ? 46.959 ? ? ? ? 0.294 ? ? 16 1 0.998 ? ? 
4.140 4.780  ? 32.850 ? 46315 985  ? 985  100.000 ? ? ? ? 0.146 ? ? ? ? ? ? ? ? 47.020 ? ? ? ? 0.148 ? ? 17 1 1.000 ? ? 
4.780 5.860  ? 53.650 ? 38736 826  ? 826  100.000 ? ? ? ? 0.083 ? ? ? ? ? ? ? ? 46.896 ? ? ? ? 0.084 ? ? 18 1 1.000 ? ? 
5.860 8.280  ? 71.840 ? 30199 648  ? 648  100.000 ? ? ? ? 0.062 ? ? ? ? ? ? ? ? 46.603 ? ? ? ? 0.063 ? ? 19 1 1.000 ? ? 
8.280 39.455 ? 81.550 ? 15589 363  ? 357  98.300  ? ? ? ? 0.054 ? ? ? ? ? ? ? ? 43.667 ? ? ? ? 0.054 ? ? 20 1 1.000 ? ? 
# 
_refine.aniso_B[1][1]                            ? 
_refine.aniso_B[1][2]                            ? 
_refine.aniso_B[1][3]                            ? 
_refine.aniso_B[2][2]                            ? 
_refine.aniso_B[2][3]                            ? 
_refine.aniso_B[3][3]                            ? 
_refine.B_iso_max                                280.900 
_refine.B_iso_mean                               95.3912 
_refine.B_iso_min                                52.700 
_refine.correlation_coeff_Fo_to_Fc               ? 
_refine.correlation_coeff_Fo_to_Fc_free          ? 
_refine.details                                  ? 
_refine.diff_density_max                         ? 
_refine.diff_density_max_esd                     ? 
_refine.diff_density_min                         ? 
_refine.diff_density_min_esd                     ? 
_refine.diff_density_rms                         ? 
_refine.diff_density_rms_esd                     ? 
_refine.entry_id                                 6D3P 
_refine.pdbx_refine_id                           'X-RAY DIFFRACTION' 
_refine.ls_abs_structure_details                 ? 
_refine.ls_abs_structure_Flack                   ? 
_refine.ls_abs_structure_Flack_esd               ? 
_refine.ls_abs_structure_Rogers                  ? 
_refine.ls_abs_structure_Rogers_esd              ? 
_refine.ls_d_res_high                            2.9000 
_refine.ls_d_res_low                             39.4550 
_refine.ls_extinction_coef                       ? 
_refine.ls_extinction_coef_esd                   ? 
_refine.ls_extinction_expression                 ? 
_refine.ls_extinction_method                     ? 
_refine.ls_goodness_of_fit_all                   ? 
_refine.ls_goodness_of_fit_all_esd               ? 
_refine.ls_goodness_of_fit_obs                   ? 
_refine.ls_goodness_of_fit_obs_esd               ? 
_refine.ls_hydrogen_treatment                    ? 
_refine.ls_matrix_type                           ? 
_refine.ls_number_constraints                    ? 
_refine.ls_number_parameters                     ? 
_refine.ls_number_reflns_all                     ? 
_refine.ls_number_reflns_obs                     8106 
_refine.ls_number_reflns_R_free                  816 
_refine.ls_number_reflns_R_work                  ? 
_refine.ls_number_restraints                     ? 
_refine.ls_percent_reflns_obs                    99.5800 
_refine.ls_percent_reflns_R_free                 10.0700 
_refine.ls_R_factor_all                          ? 
_refine.ls_R_factor_obs                          0.2434 
_refine.ls_R_factor_R_free                       0.2587 
_refine.ls_R_factor_R_free_error                 ? 
_refine.ls_R_factor_R_free_error_details         ? 
_refine.ls_R_factor_R_work                       0.2415 
_refine.ls_R_Fsqd_factor_obs                     ? 
_refine.ls_R_I_factor_obs                        ? 
_refine.ls_redundancy_reflns_all                 ? 
_refine.ls_redundancy_reflns_obs                 ? 
_refine.ls_restrained_S_all                      ? 
_refine.ls_restrained_S_obs                      ? 
_refine.ls_shift_over_esd_max                    ? 
_refine.ls_shift_over_esd_mean                   ? 
_refine.ls_structure_factor_coef                 ? 
_refine.ls_weighting_details                     ? 
_refine.ls_weighting_scheme                      ? 
_refine.ls_wR_factor_all                         ? 
_refine.ls_wR_factor_obs                         ? 
_refine.ls_wR_factor_R_free                      ? 
_refine.ls_wR_factor_R_work                      ? 
_refine.occupancy_max                            ? 
_refine.occupancy_min                            ? 
_refine.solvent_model_details                    ? 
_refine.solvent_model_param_bsol                 ? 
_refine.solvent_model_param_ksol                 ? 
_refine.ls_R_factor_gt                           ? 
_refine.ls_goodness_of_fit_gt                    ? 
_refine.ls_goodness_of_fit_ref                   ? 
_refine.ls_shift_over_su_max                     ? 
_refine.ls_shift_over_su_max_lt                  ? 
_refine.ls_shift_over_su_mean                    ? 
_refine.ls_shift_over_su_mean_lt                 ? 
_refine.pdbx_ls_sigma_I                          ? 
_refine.pdbx_ls_sigma_F                          1.340 
_refine.pdbx_ls_sigma_Fsqd                       ? 
_refine.pdbx_data_cutoff_high_absF               ? 
_refine.pdbx_data_cutoff_high_rms_absF           ? 
_refine.pdbx_data_cutoff_low_absF                ? 
_refine.pdbx_isotropic_thermal_model             ? 
_refine.pdbx_ls_cross_valid_method               THROUGHOUT 
_refine.pdbx_method_to_determine_struct          ? 
_refine.pdbx_starting_model                      ? 
_refine.pdbx_stereochemistry_target_values       ? 
_refine.pdbx_R_Free_selection_details            ? 
_refine.pdbx_stereochem_target_val_spec_case     ? 
_refine.pdbx_overall_ESU_R                       ? 
_refine.pdbx_overall_ESU_R_Free                  ? 
_refine.pdbx_solvent_vdw_probe_radii             1.1100 
_refine.pdbx_solvent_ion_probe_radii             ? 
_refine.pdbx_solvent_shrinkage_radii             0.9000 
_refine.pdbx_real_space_R                        ? 
_refine.pdbx_density_correlation                 ? 
_refine.pdbx_pd_number_of_powder_patterns        ? 
_refine.pdbx_pd_number_of_points                 ? 
_refine.pdbx_pd_meas_number_of_points            ? 
_refine.pdbx_pd_proc_ls_prof_R_factor            ? 
_refine.pdbx_pd_proc_ls_prof_wR_factor           ? 
_refine.pdbx_pd_Marquardt_correlation_coeff      ? 
_refine.pdbx_pd_Fsqrd_R_factor                   ? 
_refine.pdbx_pd_ls_matrix_band_width             ? 
_refine.pdbx_overall_phase_error                 33.0900 
_refine.pdbx_overall_SU_R_free_Cruickshank_DPI   ? 
_refine.pdbx_overall_SU_R_free_Blow_DPI          ? 
_refine.pdbx_overall_SU_R_Blow_DPI               ? 
_refine.pdbx_TLS_residual_ADP_flag               ? 
_refine.pdbx_diffrn_id                           1 
_refine.overall_SU_B                             ? 
_refine.overall_SU_ML                            0.4800 
_refine.overall_SU_R_Cruickshank_DPI             ? 
_refine.overall_SU_R_free                        ? 
_refine.overall_FOM_free_R_set                   ? 
_refine.overall_FOM_work_R_set                   ? 
_refine.pdbx_average_fsc_overall                 ? 
_refine.pdbx_average_fsc_work                    ? 
_refine.pdbx_average_fsc_free                    ? 
# 
_refine_hist.cycle_id                         final 
_refine_hist.pdbx_refine_id                   'X-RAY DIFFRACTION' 
_refine_hist.d_res_high                       2.9000 
_refine_hist.d_res_low                        39.4550 
_refine_hist.pdbx_number_atoms_ligand         70 
_refine_hist.number_atoms_solvent             0 
_refine_hist.number_atoms_total               1036 
_refine_hist.pdbx_number_residues_total       45 
_refine_hist.pdbx_B_iso_mean_ligand           130.39 
_refine_hist.pdbx_number_atoms_protein        0 
_refine_hist.pdbx_number_atoms_nucleic_acid   966 
# 
loop_
_refine_ls_shell.pdbx_refine_id 
_refine_ls_shell.d_res_high 
_refine_ls_shell.d_res_low 
_refine_ls_shell.number_reflns_all 
_refine_ls_shell.number_reflns_obs 
_refine_ls_shell.number_reflns_R_free 
_refine_ls_shell.number_reflns_R_work 
_refine_ls_shell.percent_reflns_obs 
_refine_ls_shell.percent_reflns_R_free 
_refine_ls_shell.R_factor_all 
_refine_ls_shell.R_factor_obs 
_refine_ls_shell.R_factor_R_free 
_refine_ls_shell.R_factor_R_free_error 
_refine_ls_shell.R_factor_R_work 
_refine_ls_shell.redundancy_reflns_all 
_refine_ls_shell.redundancy_reflns_obs 
_refine_ls_shell.wR_factor_all 
_refine_ls_shell.wR_factor_obs 
_refine_ls_shell.wR_factor_R_free 
_refine_ls_shell.wR_factor_R_work 
_refine_ls_shell.pdbx_total_number_of_bins_used 
_refine_ls_shell.pdbx_phase_error 
_refine_ls_shell.pdbx_fsc_work 
_refine_ls_shell.pdbx_fsc_free 
'X-RAY DIFFRACTION' 2.9002 3.0819  1360 . 132 1228 100.0000 . . . 0.4181 0.0000 0.3768 . . . . . . 6 . . . 
'X-RAY DIFFRACTION' 3.0819 3.3197  1339 . 140 1199 99.0000  . . . 0.3116 0.0000 0.3098 . . . . . . 6 . . . 
'X-RAY DIFFRACTION' 3.3197 3.6536  1347 . 138 1209 100.0000 . . . 0.3550 0.0000 0.2801 . . . . . . 6 . . . 
'X-RAY DIFFRACTION' 3.6536 4.1817  1351 . 134 1217 99.0000  . . . 0.2777 0.0000 0.2424 . . . . . . 6 . . . 
'X-RAY DIFFRACTION' 4.1817 5.2666  1354 . 138 1216 100.0000 . . . 0.2526 0.0000 0.2349 . . . . . . 6 . . . 
'X-RAY DIFFRACTION' 5.2666 39.4591 1355 . 134 1221 100.0000 . . . 0.2036 0.0000 0.2065 . . . . . . 6 . . . 
# 
_struct.entry_id                     6D3P 
_struct.title                        
'Crystal structure of an exoribonuclease-resistant RNA from Sweet clover necrotic mosaic virus (SCNMV)' 
_struct.pdbx_model_details           ? 
_struct.pdbx_formula_weight          ? 
_struct.pdbx_formula_weight_method   ? 
_struct.pdbx_model_type_details      ? 
_struct.pdbx_CASP_flag               N 
# 
_struct_keywords.entry_id        6D3P 
_struct_keywords.text            'RNA maturation, exoribonuclease resistance, viral non-coding RNA, RNA' 
_struct_keywords.pdbx_keywords   RNA 
# 
loop_
_struct_asym.id 
_struct_asym.pdbx_blank_PDB_chainid_flag 
_struct_asym.pdbx_modified 
_struct_asym.entity_id 
_struct_asym.details 
A N N 1 ? 
B N N 2 ? 
C N N 2 ? 
D N N 2 ? 
E N N 2 ? 
F N N 2 ? 
G N N 2 ? 
H N N 2 ? 
I N N 2 ? 
J N N 2 ? 
K N N 2 ? 
# 
_struct_ref.id                         1 
_struct_ref.db_name                    PDB 
_struct_ref.db_code                    6D3P 
_struct_ref.pdbx_db_accession          6D3P 
_struct_ref.pdbx_db_isoform            ? 
_struct_ref.entity_id                  1 
_struct_ref.pdbx_seq_one_letter_code   ? 
_struct_ref.pdbx_align_begin           1 
# 
_struct_ref_seq.align_id                      1 
_struct_ref_seq.ref_id                        1 
_struct_ref_seq.pdbx_PDB_id_code              6D3P 
_struct_ref_seq.pdbx_strand_id                A 
_struct_ref_seq.seq_align_beg                 1 
_struct_ref_seq.pdbx_seq_align_beg_ins_code   ? 
_struct_ref_seq.seq_align_end                 45 
_struct_ref_seq.pdbx_seq_align_end_ins_code   ? 
_struct_ref_seq.pdbx_db_accession             6D3P 
_struct_ref_seq.db_align_beg                  1 
_struct_ref_seq.pdbx_db_align_beg_ins_code    ? 
_struct_ref_seq.db_align_end                  45 
_struct_ref_seq.pdbx_db_align_end_ins_code    ? 
_struct_ref_seq.pdbx_auth_seq_align_beg       1 
_struct_ref_seq.pdbx_auth_seq_align_end       45 
# 
loop_
_pdbx_struct_assembly.id 
_pdbx_struct_assembly.details 
_pdbx_struct_assembly.method_details 
_pdbx_struct_assembly.oligomeric_details 
_pdbx_struct_assembly.oligomeric_count 
1 author_and_software_defined_assembly PISA monomeric 1 
2 software_defined_assembly            PISA dimeric   2 
# 
loop_
_pdbx_struct_assembly_prop.biol_id 
_pdbx_struct_assembly_prop.type 
_pdbx_struct_assembly_prop.value 
_pdbx_struct_assembly_prop.details 
2 'ABSA (A^2)' 8490  ? 
2 MORE         -55   ? 
2 'SSA (A^2)'  15520 ? 
# 
loop_
_pdbx_struct_assembly_gen.assembly_id 
_pdbx_struct_assembly_gen.oper_expression 
_pdbx_struct_assembly_gen.asym_id_list 
1 1   A,B,C,D,E,F,G,H,I,J,K 
2 1,2 A,B,C,D,E,F,G,H,I,J,K 
# 
_pdbx_struct_assembly_auth_evidence.id                     1 
_pdbx_struct_assembly_auth_evidence.assembly_id            1 
_pdbx_struct_assembly_auth_evidence.experimental_support   none 
_pdbx_struct_assembly_auth_evidence.details                ? 
# 
loop_
_pdbx_struct_oper_list.id 
_pdbx_struct_oper_list.type 
_pdbx_struct_oper_list.name 
_pdbx_struct_oper_list.symmetry_operation 
_pdbx_struct_oper_list.matrix[1][1] 
_pdbx_struct_oper_list.matrix[1][2] 
_pdbx_struct_oper_list.matrix[1][3] 
_pdbx_struct_oper_list.vector[1] 
_pdbx_struct_oper_list.matrix[2][1] 
_pdbx_struct_oper_list.matrix[2][2] 
_pdbx_struct_oper_list.matrix[2][3] 
_pdbx_struct_oper_list.vector[2] 
_pdbx_struct_oper_list.matrix[3][1] 
_pdbx_struct_oper_list.matrix[3][2] 
_pdbx_struct_oper_list.matrix[3][3] 
_pdbx_struct_oper_list.vector[3] 
1 'identity operation'         1_555  x,y,z          1.0000000000 0.0000000000 0.0000000000 0.0000000000   0.0000000000 1.0000000000  0.0000000000 0.0000000000   0.0000000000 0.0000000000 1.0000000000  0.0000000000  
2 'crystal symmetry operation' 12_566 x,x-y+1,-z+7/6 0.0459434720 0.2237528185 0.9735624652 -10.3166012572 0.2237528185 -0.9521338149 0.2082687559 -18.6935261652 0.9735624652 0.2082687559 -0.0938096570 15.3799180251 
# 
loop_
_struct_conn.id 
_struct_conn.conn_type_id 
_struct_conn.pdbx_leaving_atom_flag 
_struct_conn.pdbx_PDB_id 
_struct_conn.ptnr1_label_asym_id 
_struct_conn.ptnr1_label_comp_id 
_struct_conn.ptnr1_label_seq_id 
_struct_conn.ptnr1_label_atom_id 
_struct_conn.pdbx_ptnr1_label_alt_id 
_struct_conn.pdbx_ptnr1_PDB_ins_code 
_struct_conn.pdbx_ptnr1_standard_comp_id 
_struct_conn.ptnr1_symmetry 
_struct_conn.ptnr2_label_asym_id 
_struct_conn.ptnr2_label_comp_id 
_struct_conn.ptnr2_label_seq_id 
_struct_conn.ptnr2_label_atom_id 
_struct_conn.pdbx_ptnr2_label_alt_id 
_struct_conn.pdbx_ptnr2_PDB_ins_code 
_struct_conn.ptnr1_auth_asym_id 
_struct_conn.ptnr1_auth_comp_id 
_struct_conn.ptnr1_auth_seq_id 
_struct_conn.ptnr2_auth_asym_id 
_struct_conn.ptnr2_auth_comp_id 
_struct_conn.ptnr2_auth_seq_id 
_struct_conn.ptnr2_symmetry 
_struct_conn.pdbx_ptnr3_label_atom_id 
_struct_conn.pdbx_ptnr3_label_seq_id 
_struct_conn.pdbx_ptnr3_label_comp_id 
_struct_conn.pdbx_ptnr3_label_asym_id 
_struct_conn.pdbx_ptnr3_label_alt_id 
_struct_conn.pdbx_ptnr3_PDB_ins_code 
_struct_conn.details 
_struct_conn.pdbx_dist_value 
_struct_conn.pdbx_value_order 
_struct_conn.pdbx_role 
hydrog1  hydrog ? ? A G 3  N1 ? ? ? 1_555 A C 39 N3 ? ? A G 3  A C 39 1_555 ? ? ? ? ? ? WATSON-CRICK            ? ? ? 
hydrog2  hydrog ? ? A G 3  N2 ? ? ? 1_555 A C 39 O2 ? ? A G 3  A C 39 1_555 ? ? ? ? ? ? WATSON-CRICK            ? ? ? 
hydrog3  hydrog ? ? A G 3  O6 ? ? ? 1_555 A C 39 N4 ? ? A G 3  A C 39 1_555 ? ? ? ? ? ? WATSON-CRICK            ? ? ? 
hydrog4  hydrog ? ? A C 4  N3 ? ? ? 1_555 A G 38 N1 ? ? A C 4  A G 38 1_555 ? ? ? ? ? ? WATSON-CRICK            ? ? ? 
hydrog5  hydrog ? ? A C 4  N4 ? ? ? 1_555 A G 38 O6 ? ? A C 4  A G 38 1_555 ? ? ? ? ? ? WATSON-CRICK            ? ? ? 
hydrog6  hydrog ? ? A C 4  O2 ? ? ? 1_555 A G 38 N2 ? ? A C 4  A G 38 1_555 ? ? ? ? ? ? WATSON-CRICK            ? ? ? 
hydrog7  hydrog ? ? A G 5  N1 ? ? ? 1_555 A C 37 N3 ? ? A G 5  A C 37 1_555 ? ? ? ? ? ? WATSON-CRICK            ? ? ? 
hydrog8  hydrog ? ? A G 5  N2 ? ? ? 1_555 A C 37 O2 ? ? A G 5  A C 37 1_555 ? ? ? ? ? ? WATSON-CRICK            ? ? ? 
hydrog9  hydrog ? ? A G 5  O6 ? ? ? 1_555 A C 37 N4 ? ? A G 5  A C 37 1_555 ? ? ? ? ? ? WATSON-CRICK            ? ? ? 
hydrog10 hydrog ? ? A U 6  N3 ? ? ? 1_555 A A 36 N1 ? ? A U 6  A A 36 1_555 ? ? ? ? ? ? WATSON-CRICK            ? ? ? 
hydrog11 hydrog ? ? A U 6  O4 ? ? ? 1_555 A A 36 N6 ? ? A U 6  A A 36 1_555 ? ? ? ? ? ? WATSON-CRICK            ? ? ? 
hydrog12 hydrog ? ? A A 7  N1 ? ? ? 1_555 A G 23 N2 ? ? A A 7  A G 23 1_555 ? ? ? ? ? ? TYPE_10_PAIR            ? ? ? 
hydrog13 hydrog ? ? A A 7  N6 ? ? ? 1_555 A G 23 N3 ? ? A A 7  A G 23 1_555 ? ? ? ? ? ? TYPE_10_PAIR            ? ? ? 
hydrog14 hydrog ? ? A A 8  N6 ? ? ? 1_555 A G 33 N3 ? ? A A 8  A G 33 1_555 ? ? ? ? ? ? TYPE_11_PAIR            ? ? ? 
hydrog15 hydrog ? ? A A 8  N7 ? ? ? 1_555 A G 33 N2 ? ? A A 8  A G 33 1_555 ? ? ? ? ? ? TYPE_11_PAIR            ? ? ? 
hydrog16 hydrog ? ? A C 9  N3 ? ? ? 1_555 A G 32 N1 ? ? A C 9  A G 32 1_555 ? ? ? ? ? ? WATSON-CRICK            ? ? ? 
hydrog17 hydrog ? ? A C 9  N4 ? ? ? 1_555 A G 32 O6 ? ? A C 9  A G 32 1_555 ? ? ? ? ? ? WATSON-CRICK            ? ? ? 
hydrog18 hydrog ? ? A C 9  O2 ? ? ? 1_555 A G 32 N2 ? ? A C 9  A G 32 1_555 ? ? ? ? ? ? WATSON-CRICK            ? ? ? 
hydrog19 hydrog ? ? A C 10 N3 ? ? ? 1_555 A G 31 N1 ? ? A C 10 A G 31 1_555 ? ? ? ? ? ? WATSON-CRICK            ? ? ? 
hydrog20 hydrog ? ? A C 10 N4 ? ? ? 1_555 A G 31 O6 ? ? A C 10 A G 31 1_555 ? ? ? ? ? ? WATSON-CRICK            ? ? ? 
hydrog21 hydrog ? ? A C 10 O2 ? ? ? 1_555 A G 31 N2 ? ? A C 10 A G 31 1_555 ? ? ? ? ? ? WATSON-CRICK            ? ? ? 
hydrog22 hydrog ? ? A U 11 N3 ? ? ? 1_555 A A 30 N1 ? ? A U 11 A A 30 1_555 ? ? ? ? ? ? WATSON-CRICK            ? ? ? 
hydrog23 hydrog ? ? A U 11 O4 ? ? ? 1_555 A A 30 N6 ? ? A U 11 A A 30 1_555 ? ? ? ? ? ? WATSON-CRICK            ? ? ? 
hydrog24 hydrog ? ? A C 12 N3 ? ? ? 1_555 A G 29 N1 ? ? A C 12 A G 29 1_555 ? ? ? ? ? ? WATSON-CRICK            ? ? ? 
hydrog25 hydrog ? ? A C 12 N4 ? ? ? 1_555 A G 29 O6 ? ? A C 12 A G 29 1_555 ? ? ? ? ? ? WATSON-CRICK            ? ? ? 
hydrog26 hydrog ? ? A C 12 O2 ? ? ? 1_555 A G 29 N2 ? ? A C 12 A G 29 1_555 ? ? ? ? ? ? WATSON-CRICK            ? ? ? 
hydrog27 hydrog ? ? A C 13 N3 ? ? ? 1_555 A G 27 N1 ? ? A C 13 A G 27 1_555 ? ? ? ? ? ? WATSON-CRICK            ? ? ? 
hydrog28 hydrog ? ? A C 13 N4 ? ? ? 1_555 A G 27 O6 ? ? A C 13 A G 27 1_555 ? ? ? ? ? ? WATSON-CRICK            ? ? ? 
hydrog29 hydrog ? ? A C 13 O2 ? ? ? 1_555 A G 27 N2 ? ? A C 13 A G 27 1_555 ? ? ? ? ? ? WATSON-CRICK            ? ? ? 
hydrog30 hydrog ? ? A U 21 N3 ? ? ? 1_555 A A 28 N1 ? ? A U 21 A A 28 1_555 ? ? ? ? ? ? 'REVERSED WATSON-CRICK' ? ? ? 
hydrog31 hydrog ? ? A U 21 O2 ? ? ? 1_555 A A 28 N6 ? ? A U 21 A A 28 1_555 ? ? ? ? ? ? 'REVERSED WATSON-CRICK' ? ? ? 
hydrog32 hydrog ? ? A U 22 N3 ? ? ? 1_555 A A 26 N7 ? ? A U 22 A A 26 1_555 ? ? ? ? ? ? 'REVERSED HOOGSTEEN'    ? ? ? 
hydrog33 hydrog ? ? A U 22 O2 ? ? ? 1_555 A A 26 N6 ? ? A U 22 A A 26 1_555 ? ? ? ? ? ? 'REVERSED HOOGSTEEN'    ? ? ? 
# 
_struct_conn_type.id          hydrog 
_struct_conn_type.criteria    ? 
_struct_conn_type.reference   ? 
# 
loop_
_struct_site.id 
_struct_site.pdbx_evidence_code 
_struct_site.pdbx_auth_asym_id 
_struct_site.pdbx_auth_comp_id 
_struct_site.pdbx_auth_seq_id 
_struct_site.pdbx_auth_ins_code 
_struct_site.pdbx_num_residues 
_struct_site.details 
AC1 Software A IRI 101 ? 3 'binding site for residue IRI A 101' 
AC2 Software A IRI 102 ? 3 'binding site for residue IRI A 102' 
AC3 Software A IRI 103 ? 4 'binding site for residue IRI A 103' 
AC4 Software A IRI 104 ? 7 'binding site for residue IRI A 104' 
AC5 Software A IRI 105 ? 4 'binding site for residue IRI A 105' 
AC6 Software A IRI 106 ? 3 'binding site for residue IRI A 106' 
AC7 Software A IRI 107 ? 4 'binding site for residue IRI A 107' 
AC8 Software A IRI 108 ? 3 'binding site for residue IRI A 108' 
AC9 Software A IRI 109 ? 4 'binding site for residue IRI A 109' 
AD1 Software A IRI 110 ? 3 'binding site for residue IRI A 110' 
# 
loop_
_struct_site_gen.id 
_struct_site_gen.site_id 
_struct_site_gen.pdbx_num_res 
_struct_site_gen.label_comp_id 
_struct_site_gen.label_asym_id 
_struct_site_gen.label_seq_id 
_struct_site_gen.pdbx_auth_ins_code 
_struct_site_gen.auth_comp_id 
_struct_site_gen.auth_asym_id 
_struct_site_gen.auth_seq_id 
_struct_site_gen.label_atom_id 
_struct_site_gen.label_alt_id 
_struct_site_gen.symmetry 
_struct_site_gen.details 
1  AC1 3 U   A 22 ? U   A 22  . ? 1_555  ? 
2  AC1 3 G   A 23 ? G   A 23  . ? 1_555  ? 
3  AC1 3 A   A 25 ? A   A 25  . ? 1_555  ? 
4  AC2 3 G   A 1  ? G   A 1   . ? 1_555  ? 
5  AC2 3 G   A 2  ? G   A 2   . ? 1_555  ? 
6  AC2 3 G   A 3  ? G   A 3   . ? 1_555  ? 
7  AC3 4 C   A 4  ? C   A 4   . ? 1_555  ? 
8  AC3 4 G   A 5  ? G   A 5   . ? 1_555  ? 
9  AC3 4 G   A 32 ? G   A 32  . ? 1_555  ? 
10 AC3 4 G   A 33 ? G   A 33  . ? 1_555  ? 
11 AC4 7 U   A 6  ? U   A 6   . ? 1_555  ? 
12 AC4 7 A   A 28 ? A   A 28  . ? 1_555  ? 
13 AC4 7 G   A 29 ? G   A 29  . ? 1_555  ? 
14 AC4 7 A   A 30 ? A   A 30  . ? 1_555  ? 
15 AC4 7 U   A 42 ? U   A 42  . ? 12_566 ? 
16 AC4 7 C   A 43 ? C   A 43  . ? 12_566 ? 
17 AC4 7 IRI H .  ? IRI A 107 . ? 1_555  ? 
18 AC5 4 C   A 17 ? C   A 17  . ? 6_555  ? 
19 AC5 4 G   A 23 ? G   A 23  . ? 1_555  ? 
20 AC5 4 C   A 24 ? C   A 24  . ? 1_555  ? 
21 AC5 4 IRI J .  ? IRI A 109 . ? 6_555  ? 
22 AC6 3 G   A 20 ? G   A 20  . ? 1_555  ? 
23 AC6 3 U   A 21 ? U   A 21  . ? 1_555  ? 
24 AC6 3 A   A 26 ? A   A 26  . ? 1_555  ? 
25 AC7 4 G   A 31 ? G   A 31  . ? 1_555  ? 
26 AC7 4 G   A 32 ? G   A 32  . ? 1_555  ? 
27 AC7 4 G   A 33 ? G   A 33  . ? 1_555  ? 
28 AC7 4 IRI E .  ? IRI A 104 . ? 1_555  ? 
29 AC8 3 G   A 1  ? G   A 1   . ? 8_666  ? 
30 AC8 3 C   A 17 ? C   A 17  . ? 1_555  ? 
31 AC8 3 G   A 18 ? G   A 18  . ? 1_555  ? 
32 AC9 4 U   A 15 ? U   A 15  . ? 1_555  ? 
33 AC9 4 C   A 17 ? C   A 17  . ? 1_555  ? 
34 AC9 4 C   A 24 ? C   A 24  . ? 5_554  ? 
35 AC9 4 IRI F .  ? IRI A 105 . ? 5_554  ? 
36 AD1 3 U   A 15 ? U   A 15  . ? 6_555  ? 
37 AD1 3 A   A 40 ? A   A 40  . ? 12_566 ? 
38 AD1 3 G   A 41 ? G   A 41  . ? 12_566 ? 
# 
loop_
_chem_comp_atom.comp_id 
_chem_comp_atom.atom_id 
_chem_comp_atom.type_symbol 
_chem_comp_atom.pdbx_aromatic_flag 
_chem_comp_atom.pdbx_stereo_config 
_chem_comp_atom.pdbx_ordinal 
A   OP3    O  N N 1   
A   P      P  N N 2   
A   OP1    O  N N 3   
A   OP2    O  N N 4   
A   "O5'"  O  N N 5   
A   "C5'"  C  N N 6   
A   "C4'"  C  N R 7   
A   "O4'"  O  N N 8   
A   "C3'"  C  N S 9   
A   "O3'"  O  N N 10  
A   "C2'"  C  N R 11  
A   "O2'"  O  N N 12  
A   "C1'"  C  N R 13  
A   N9     N  Y N 14  
A   C8     C  Y N 15  
A   N7     N  Y N 16  
A   C5     C  Y N 17  
A   C6     C  Y N 18  
A   N6     N  N N 19  
A   N1     N  Y N 20  
A   C2     C  Y N 21  
A   N3     N  Y N 22  
A   C4     C  Y N 23  
A   HOP3   H  N N 24  
A   HOP2   H  N N 25  
A   "H5'"  H  N N 26  
A   "H5''" H  N N 27  
A   "H4'"  H  N N 28  
A   "H3'"  H  N N 29  
A   "HO3'" H  N N 30  
A   "H2'"  H  N N 31  
A   "HO2'" H  N N 32  
A   "H1'"  H  N N 33  
A   H8     H  N N 34  
A   H61    H  N N 35  
A   H62    H  N N 36  
A   H2     H  N N 37  
C   OP3    O  N N 38  
C   P      P  N N 39  
C   OP1    O  N N 40  
C   OP2    O  N N 41  
C   "O5'"  O  N N 42  
C   "C5'"  C  N N 43  
C   "C4'"  C  N R 44  
C   "O4'"  O  N N 45  
C   "C3'"  C  N S 46  
C   "O3'"  O  N N 47  
C   "C2'"  C  N R 48  
C   "O2'"  O  N N 49  
C   "C1'"  C  N R 50  
C   N1     N  N N 51  
C   C2     C  N N 52  
C   O2     O  N N 53  
C   N3     N  N N 54  
C   C4     C  N N 55  
C   N4     N  N N 56  
C   C5     C  N N 57  
C   C6     C  N N 58  
C   HOP3   H  N N 59  
C   HOP2   H  N N 60  
C   "H5'"  H  N N 61  
C   "H5''" H  N N 62  
C   "H4'"  H  N N 63  
C   "H3'"  H  N N 64  
C   "HO3'" H  N N 65  
C   "H2'"  H  N N 66  
C   "HO2'" H  N N 67  
C   "H1'"  H  N N 68  
C   H41    H  N N 69  
C   H42    H  N N 70  
C   H5     H  N N 71  
C   H6     H  N N 72  
G   OP3    O  N N 73  
G   P      P  N N 74  
G   OP1    O  N N 75  
G   OP2    O  N N 76  
G   "O5'"  O  N N 77  
G   "C5'"  C  N N 78  
G   "C4'"  C  N R 79  
G   "O4'"  O  N N 80  
G   "C3'"  C  N S 81  
G   "O3'"  O  N N 82  
G   "C2'"  C  N R 83  
G   "O2'"  O  N N 84  
G   "C1'"  C  N R 85  
G   N9     N  Y N 86  
G   C8     C  Y N 87  
G   N7     N  Y N 88  
G   C5     C  Y N 89  
G   C6     C  N N 90  
G   O6     O  N N 91  
G   N1     N  N N 92  
G   C2     C  N N 93  
G   N2     N  N N 94  
G   N3     N  N N 95  
G   C4     C  Y N 96  
G   HOP3   H  N N 97  
G   HOP2   H  N N 98  
G   "H5'"  H  N N 99  
G   "H5''" H  N N 100 
G   "H4'"  H  N N 101 
G   "H3'"  H  N N 102 
G   "HO3'" H  N N 103 
G   "H2'"  H  N N 104 
G   "HO2'" H  N N 105 
G   "H1'"  H  N N 106 
G   H8     H  N N 107 
G   H1     H  N N 108 
G   H21    H  N N 109 
G   H22    H  N N 110 
IRI IR     IR N N 111 
IRI N1     N  N N 112 
IRI N2     N  N N 113 
IRI N3     N  N N 114 
IRI N4     N  N N 115 
IRI N5     N  N N 116 
IRI N6     N  N N 117 
IRI HN11   H  N N 118 
IRI HN12   H  N N 119 
IRI HN13   H  N N 120 
IRI HN21   H  N N 121 
IRI HN22   H  N N 122 
IRI HN23   H  N N 123 
IRI HN31   H  N N 124 
IRI HN32   H  N N 125 
IRI HN33   H  N N 126 
IRI HN41   H  N N 127 
IRI HN42   H  N N 128 
IRI HN43   H  N N 129 
IRI HN51   H  N N 130 
IRI HN52   H  N N 131 
IRI HN53   H  N N 132 
IRI HN61   H  N N 133 
IRI HN62   H  N N 134 
IRI HN63   H  N N 135 
U   OP3    O  N N 136 
U   P      P  N N 137 
U   OP1    O  N N 138 
U   OP2    O  N N 139 
U   "O5'"  O  N N 140 
U   "C5'"  C  N N 141 
U   "C4'"  C  N R 142 
U   "O4'"  O  N N 143 
U   "C3'"  C  N S 144 
U   "O3'"  O  N N 145 
U   "C2'"  C  N R 146 
U   "O2'"  O  N N 147 
U   "C1'"  C  N R 148 
U   N1     N  N N 149 
U   C2     C  N N 150 
U   O2     O  N N 151 
U   N3     N  N N 152 
U   C4     C  N N 153 
U   O4     O  N N 154 
U   C5     C  N N 155 
U   C6     C  N N 156 
U   HOP3   H  N N 157 
U   HOP2   H  N N 158 
U   "H5'"  H  N N 159 
U   "H5''" H  N N 160 
U   "H4'"  H  N N 161 
U   "H3'"  H  N N 162 
U   "HO3'" H  N N 163 
U   "H2'"  H  N N 164 
U   "HO2'" H  N N 165 
U   "H1'"  H  N N 166 
U   H3     H  N N 167 
U   H5     H  N N 168 
U   H6     H  N N 169 
# 
loop_
_chem_comp_bond.comp_id 
_chem_comp_bond.atom_id_1 
_chem_comp_bond.atom_id_2 
_chem_comp_bond.value_order 
_chem_comp_bond.pdbx_aromatic_flag 
_chem_comp_bond.pdbx_stereo_config 
_chem_comp_bond.pdbx_ordinal 
A   OP3   P      sing N N 1   
A   OP3   HOP3   sing N N 2   
A   P     OP1    doub N N 3   
A   P     OP2    sing N N 4   
A   P     "O5'"  sing N N 5   
A   OP2   HOP2   sing N N 6   
A   "O5'" "C5'"  sing N N 7   
A   "C5'" "C4'"  sing N N 8   
A   "C5'" "H5'"  sing N N 9   
A   "C5'" "H5''" sing N N 10  
A   "C4'" "O4'"  sing N N 11  
A   "C4'" "C3'"  sing N N 12  
A   "C4'" "H4'"  sing N N 13  
A   "O4'" "C1'"  sing N N 14  
A   "C3'" "O3'"  sing N N 15  
A   "C3'" "C2'"  sing N N 16  
A   "C3'" "H3'"  sing N N 17  
A   "O3'" "HO3'" sing N N 18  
A   "C2'" "O2'"  sing N N 19  
A   "C2'" "C1'"  sing N N 20  
A   "C2'" "H2'"  sing N N 21  
A   "O2'" "HO2'" sing N N 22  
A   "C1'" N9     sing N N 23  
A   "C1'" "H1'"  sing N N 24  
A   N9    C8     sing Y N 25  
A   N9    C4     sing Y N 26  
A   C8    N7     doub Y N 27  
A   C8    H8     sing N N 28  
A   N7    C5     sing Y N 29  
A   C5    C6     sing Y N 30  
A   C5    C4     doub Y N 31  
A   C6    N6     sing N N 32  
A   C6    N1     doub Y N 33  
A   N6    H61    sing N N 34  
A   N6    H62    sing N N 35  
A   N1    C2     sing Y N 36  
A   C2    N3     doub Y N 37  
A   C2    H2     sing N N 38  
A   N3    C4     sing Y N 39  
C   OP3   P      sing N N 40  
C   OP3   HOP3   sing N N 41  
C   P     OP1    doub N N 42  
C   P     OP2    sing N N 43  
C   P     "O5'"  sing N N 44  
C   OP2   HOP2   sing N N 45  
C   "O5'" "C5'"  sing N N 46  
C   "C5'" "C4'"  sing N N 47  
C   "C5'" "H5'"  sing N N 48  
C   "C5'" "H5''" sing N N 49  
C   "C4'" "O4'"  sing N N 50  
C   "C4'" "C3'"  sing N N 51  
C   "C4'" "H4'"  sing N N 52  
C   "O4'" "C1'"  sing N N 53  
C   "C3'" "O3'"  sing N N 54  
C   "C3'" "C2'"  sing N N 55  
C   "C3'" "H3'"  sing N N 56  
C   "O3'" "HO3'" sing N N 57  
C   "C2'" "O2'"  sing N N 58  
C   "C2'" "C1'"  sing N N 59  
C   "C2'" "H2'"  sing N N 60  
C   "O2'" "HO2'" sing N N 61  
C   "C1'" N1     sing N N 62  
C   "C1'" "H1'"  sing N N 63  
C   N1    C2     sing N N 64  
C   N1    C6     sing N N 65  
C   C2    O2     doub N N 66  
C   C2    N3     sing N N 67  
C   N3    C4     doub N N 68  
C   C4    N4     sing N N 69  
C   C4    C5     sing N N 70  
C   N4    H41    sing N N 71  
C   N4    H42    sing N N 72  
C   C5    C6     doub N N 73  
C   C5    H5     sing N N 74  
C   C6    H6     sing N N 75  
G   OP3   P      sing N N 76  
G   OP3   HOP3   sing N N 77  
G   P     OP1    doub N N 78  
G   P     OP2    sing N N 79  
G   P     "O5'"  sing N N 80  
G   OP2   HOP2   sing N N 81  
G   "O5'" "C5'"  sing N N 82  
G   "C5'" "C4'"  sing N N 83  
G   "C5'" "H5'"  sing N N 84  
G   "C5'" "H5''" sing N N 85  
G   "C4'" "O4'"  sing N N 86  
G   "C4'" "C3'"  sing N N 87  
G   "C4'" "H4'"  sing N N 88  
G   "O4'" "C1'"  sing N N 89  
G   "C3'" "O3'"  sing N N 90  
G   "C3'" "C2'"  sing N N 91  
G   "C3'" "H3'"  sing N N 92  
G   "O3'" "HO3'" sing N N 93  
G   "C2'" "O2'"  sing N N 94  
G   "C2'" "C1'"  sing N N 95  
G   "C2'" "H2'"  sing N N 96  
G   "O2'" "HO2'" sing N N 97  
G   "C1'" N9     sing N N 98  
G   "C1'" "H1'"  sing N N 99  
G   N9    C8     sing Y N 100 
G   N9    C4     sing Y N 101 
G   C8    N7     doub Y N 102 
G   C8    H8     sing N N 103 
G   N7    C5     sing Y N 104 
G   C5    C6     sing N N 105 
G   C5    C4     doub Y N 106 
G   C6    O6     doub N N 107 
G   C6    N1     sing N N 108 
G   N1    C2     sing N N 109 
G   N1    H1     sing N N 110 
G   C2    N2     sing N N 111 
G   C2    N3     doub N N 112 
G   N2    H21    sing N N 113 
G   N2    H22    sing N N 114 
G   N3    C4     sing N N 115 
IRI IR    N1     sing N N 116 
IRI IR    N2     sing N N 117 
IRI IR    N3     sing N N 118 
IRI IR    N4     sing N N 119 
IRI IR    N5     sing N N 120 
IRI IR    N6     sing N N 121 
IRI N1    HN11   sing N N 122 
IRI N1    HN12   sing N N 123 
IRI N1    HN13   sing N N 124 
IRI N2    HN21   sing N N 125 
IRI N2    HN22   sing N N 126 
IRI N2    HN23   sing N N 127 
IRI N3    HN31   sing N N 128 
IRI N3    HN32   sing N N 129 
IRI N3    HN33   sing N N 130 
IRI N4    HN41   sing N N 131 
IRI N4    HN42   sing N N 132 
IRI N4    HN43   sing N N 133 
IRI N5    HN51   sing N N 134 
IRI N5    HN52   sing N N 135 
IRI N5    HN53   sing N N 136 
IRI N6    HN61   sing N N 137 
IRI N6    HN62   sing N N 138 
IRI N6    HN63   sing N N 139 
U   OP3   P      sing N N 140 
U   OP3   HOP3   sing N N 141 
U   P     OP1    doub N N 142 
U   P     OP2    sing N N 143 
U   P     "O5'"  sing N N 144 
U   OP2   HOP2   sing N N 145 
U   "O5'" "C5'"  sing N N 146 
U   "C5'" "C4'"  sing N N 147 
U   "C5'" "H5'"  sing N N 148 
U   "C5'" "H5''" sing N N 149 
U   "C4'" "O4'"  sing N N 150 
U   "C4'" "C3'"  sing N N 151 
U   "C4'" "H4'"  sing N N 152 
U   "O4'" "C1'"  sing N N 153 
U   "C3'" "O3'"  sing N N 154 
U   "C3'" "C2'"  sing N N 155 
U   "C3'" "H3'"  sing N N 156 
U   "O3'" "HO3'" sing N N 157 
U   "C2'" "O2'"  sing N N 158 
U   "C2'" "C1'"  sing N N 159 
U   "C2'" "H2'"  sing N N 160 
U   "O2'" "HO2'" sing N N 161 
U   "C1'" N1     sing N N 162 
U   "C1'" "H1'"  sing N N 163 
U   N1    C2     sing N N 164 
U   N1    C6     sing N N 165 
U   C2    O2     doub N N 166 
U   C2    N3     sing N N 167 
U   N3    C4     sing N N 168 
U   N3    H3     sing N N 169 
U   C4    O4     doub N N 170 
U   C4    C5     sing N N 171 
U   C5    C6     doub N N 172 
U   C5    H5     sing N N 173 
U   C6    H6     sing N N 174 
# 
loop_
_ndb_struct_conf_na.entry_id 
_ndb_struct_conf_na.feature 
6D3P 'double helix'         
6D3P 'a-form double helix'  
6D3P 'hairpin loop'         
6D3P 'mismatched base pair' 
6D3P 'internal loop'        
# 
loop_
_ndb_struct_na_base_pair.model_number 
_ndb_struct_na_base_pair.i_label_asym_id 
_ndb_struct_na_base_pair.i_label_comp_id 
_ndb_struct_na_base_pair.i_label_seq_id 
_ndb_struct_na_base_pair.i_symmetry 
_ndb_struct_na_base_pair.j_label_asym_id 
_ndb_struct_na_base_pair.j_label_comp_id 
_ndb_struct_na_base_pair.j_label_seq_id 
_ndb_struct_na_base_pair.j_symmetry 
_ndb_struct_na_base_pair.shear 
_ndb_struct_na_base_pair.stretch 
_ndb_struct_na_base_pair.stagger 
_ndb_struct_na_base_pair.buckle 
_ndb_struct_na_base_pair.propeller 
_ndb_struct_na_base_pair.opening 
_ndb_struct_na_base_pair.pair_number 
_ndb_struct_na_base_pair.pair_name 
_ndb_struct_na_base_pair.i_auth_asym_id 
_ndb_struct_na_base_pair.i_auth_seq_id 
_ndb_struct_na_base_pair.i_PDB_ins_code 
_ndb_struct_na_base_pair.j_auth_asym_id 
_ndb_struct_na_base_pair.j_auth_seq_id 
_ndb_struct_na_base_pair.j_PDB_ins_code 
_ndb_struct_na_base_pair.hbond_type_28 
_ndb_struct_na_base_pair.hbond_type_12 
1 A G 3  1_555 A C 39 1_555 -0.095 -0.046 0.206  -1.767  -2.884  0.398    1  A_G3:C39_A  A 3  ? A 39 ? 19 1  
1 A C 4  1_555 A G 38 1_555 0.253  -0.066 -0.032 2.477   -16.574 -2.166   2  A_C4:G38_A  A 4  ? A 38 ? 19 1  
1 A G 5  1_555 A C 37 1_555 -0.275 0.086  -0.119 -4.935  -9.351  1.506    3  A_G5:C37_A  A 5  ? A 37 ? 19 1  
1 A U 6  1_555 A A 36 1_555 0.278  -0.079 -0.016 19.062  12.263  -5.236   4  A_U6:A36_A  A 6  ? A 36 ? 20 1  
1 A U 21 1_555 A A 28 1_555 0.135  -0.839 -0.866 -18.672 0.839   -157.461 5  A_U21:A28_A A 21 ? A 28 ? 21 2  
1 A U 22 1_555 A A 26 1_555 4.141  -2.361 0.281  -2.008  14.018  -91.458  6  A_U22:A26_A A 22 ? A 26 ? 24 4  
1 A G 23 1_555 A A 7  1_555 3.382  -3.772 0.981  9.563   2.059   -65.972  7  A_G23:A7_A  A 23 ? A 7  ? 10 6  
1 A A 8  1_555 A G 33 1_555 -7.071 -4.019 0.429  8.215   2.381   -9.291   8  A_A8:G33_A  A 8  ? A 33 ? 11 10 
1 A C 9  1_555 A G 32 1_555 -0.114 0.147  -0.467 14.408  -10.299 3.881    9  A_C9:G32_A  A 9  ? A 32 ? 19 1  
1 A C 10 1_555 A G 31 1_555 -0.013 0.003  -0.182 0.528   -1.842  0.156    10 A_C10:G31_A A 10 ? A 31 ? 19 1  
1 A U 11 1_555 A A 30 1_555 -0.168 -0.037 -0.177 4.279   -1.198  -1.249   11 A_U11:A30_A A 11 ? A 30 ? 20 1  
1 A C 12 1_555 A G 29 1_555 0.370  0.016  -0.359 8.901   -6.298  1.870    12 A_C12:G29_A A 12 ? A 29 ? 19 1  
1 A C 13 1_555 A G 27 1_555 0.083  0.169  -0.050 6.285   -7.882  -2.749   13 A_C13:G27_A A 13 ? A 27 ? 19 1  
# 
loop_
_ndb_struct_na_base_pair_step.model_number 
_ndb_struct_na_base_pair_step.i_label_asym_id_1 
_ndb_struct_na_base_pair_step.i_label_comp_id_1 
_ndb_struct_na_base_pair_step.i_label_seq_id_1 
_ndb_struct_na_base_pair_step.i_symmetry_1 
_ndb_struct_na_base_pair_step.j_label_asym_id_1 
_ndb_struct_na_base_pair_step.j_label_comp_id_1 
_ndb_struct_na_base_pair_step.j_label_seq_id_1 
_ndb_struct_na_base_pair_step.j_symmetry_1 
_ndb_struct_na_base_pair_step.i_label_asym_id_2 
_ndb_struct_na_base_pair_step.i_label_comp_id_2 
_ndb_struct_na_base_pair_step.i_label_seq_id_2 
_ndb_struct_na_base_pair_step.i_symmetry_2 
_ndb_struct_na_base_pair_step.j_label_asym_id_2 
_ndb_struct_na_base_pair_step.j_label_comp_id_2 
_ndb_struct_na_base_pair_step.j_label_seq_id_2 
_ndb_struct_na_base_pair_step.j_symmetry_2 
_ndb_struct_na_base_pair_step.shift 
_ndb_struct_na_base_pair_step.slide 
_ndb_struct_na_base_pair_step.rise 
_ndb_struct_na_base_pair_step.tilt 
_ndb_struct_na_base_pair_step.roll 
_ndb_struct_na_base_pair_step.twist 
_ndb_struct_na_base_pair_step.x_displacement 
_ndb_struct_na_base_pair_step.y_displacement 
_ndb_struct_na_base_pair_step.helical_rise 
_ndb_struct_na_base_pair_step.inclination 
_ndb_struct_na_base_pair_step.tip 
_ndb_struct_na_base_pair_step.helical_twist 
_ndb_struct_na_base_pair_step.step_number 
_ndb_struct_na_base_pair_step.step_name 
_ndb_struct_na_base_pair_step.i_auth_asym_id_1 
_ndb_struct_na_base_pair_step.i_auth_seq_id_1 
_ndb_struct_na_base_pair_step.i_PDB_ins_code_1 
_ndb_struct_na_base_pair_step.j_auth_asym_id_1 
_ndb_struct_na_base_pair_step.j_auth_seq_id_1 
_ndb_struct_na_base_pair_step.j_PDB_ins_code_1 
_ndb_struct_na_base_pair_step.i_auth_asym_id_2 
_ndb_struct_na_base_pair_step.i_auth_seq_id_2 
_ndb_struct_na_base_pair_step.i_PDB_ins_code_2 
_ndb_struct_na_base_pair_step.j_auth_asym_id_2 
_ndb_struct_na_base_pair_step.j_auth_seq_id_2 
_ndb_struct_na_base_pair_step.j_PDB_ins_code_2 
1 A G 3  1_555 A C 39 1_555 A C 4  1_555 A G 38 1_555 -0.037 -1.468 3.121 1.130  9.442  36.487 -3.376  0.190  2.670 14.773  -1.768 
37.665  1  AA_G3C4:G38C39_AA   A 3  ? A 39 ? A 4  ? A 38 ? 
1 A C 4  1_555 A G 38 1_555 A G 5  1_555 A C 37 1_555 -0.363 -1.896 3.201 0.244  13.273 26.500 -6.094  0.756  2.036 26.912  -0.495 
29.586  2  AA_C4G5:C37G38_AA   A 4  ? A 38 ? A 5  ? A 37 ? 
1 A G 5  1_555 A C 37 1_555 A U 6  1_555 A A 36 1_555 -0.382 -1.032 2.997 0.161  14.787 26.490 -4.485  0.759  2.133 29.526  -0.322 
30.273  3  AA_G5U6:A36C37_AA   A 5  ? A 37 ? A 6  ? A 36 ? 
1 A U 21 1_555 A A 28 1_555 A U 22 1_555 A A 26 1_555 -2.964 0.296  3.524 11.674 10.712 -2.633 -13.484 2.929  2.537 -54.507 59.406 
-16.060 4  AA_U21U22:A26A28_AA A 21 ? A 28 ? A 22 ? A 26 ? 
1 A U 22 1_555 A A 26 1_555 A G 23 1_555 A A 7  1_555 0.625  -1.792 3.102 11.931 10.986 25.322 -5.470  0.973  2.226 22.371  
-24.297 29.999  5  AA_U22G23:A7A26_AA  A 22 ? A 26 ? A 23 ? A 7  ? 
1 A A 8  1_555 A G 33 1_555 A C 9  1_555 A G 32 1_555 0.871  -0.700 3.114 4.150  4.549  63.515 -0.851  -0.653 3.108 4.310   -3.933 
63.781  6  AA_A8C9:G32G33_AA   A 8  ? A 33 ? A 9  ? A 32 ? 
1 A C 9  1_555 A G 32 1_555 A C 10 1_555 A G 31 1_555 -0.728 -1.875 3.557 -3.717 10.076 32.640 -4.786  0.641  2.929 17.352  6.402 
34.316  7  AA_C9C10:G31G32_AA  A 9  ? A 32 ? A 10 ? A 31 ? 
1 A C 10 1_555 A G 31 1_555 A U 11 1_555 A A 30 1_555 -0.180 -1.546 3.122 0.306  6.955  29.246 -4.267  0.405  2.689 13.533  -0.596 
30.045  8  AA_C10U11:A30G31_AA A 10 ? A 31 ? A 11 ? A 30 ? 
1 A U 11 1_555 A A 30 1_555 A C 12 1_555 A G 29 1_555 0.720  -1.461 3.137 1.891  6.676  35.271 -3.250  -0.918 2.855 10.888  -3.084 
35.926  9  AA_U11C12:G29A30_AA A 11 ? A 30 ? A 12 ? A 29 ? 
1 A C 12 1_555 A G 29 1_555 A C 13 1_555 A G 27 1_555 -0.341 -1.988 3.460 -2.571 0.066  29.975 -3.845  0.099  3.472 0.128   4.960 
30.082  10 AA_C12C13:G27G29_AA A 12 ? A 29 ? A 13 ? A 27 ? 
# 
loop_
_pdbx_audit_support.funding_organization 
_pdbx_audit_support.country 
_pdbx_audit_support.grant_number 
_pdbx_audit_support.ordinal 
'National Institutes of Health/National Institute of General Medical Sciences (NIH/NIGMS)'        'United States'  R35GM118070     
1 
'National Institutes of Health/National Institute Of Allergy and Infectious Diseases (NIH/NIAID)' 'United States'  R01AI133348     
2 
'European Molecular Biology Organization (EMBO)'                                                  'European Union' 'ALTF 611-2015' 
3 
'National Institutes of Health/National Institute of General Medical Sciences (NIH/NIGMS)'        'United States'  F32GM117730     
4 
'National Institutes of Health/National Cancer Institute (NIH/NCI)'                               'United States'  P30CA046934     
5 
# 
_atom_sites.entry_id                    6D3P 
_atom_sites.fract_transf_matrix[1][1]   0.01001205 
_atom_sites.fract_transf_matrix[1][2]   0.00214177 
_atom_sites.fract_transf_matrix[1][3]   0.00931985 
_atom_sites.fract_transf_matrix[2][1]   -0.00261244 
_atom_sites.fract_transf_matrix[2][2]   -0.00172263 
_atom_sites.fract_transf_matrix[2][3]   0.01348672 
_atom_sites.fract_transf_matrix[3][1]   0.00287371 
_atom_sites.fract_transf_matrix[3][2]   -0.01019141 
_atom_sites.fract_transf_matrix[3][3]   -0.00074508 
_atom_sites.fract_transf_vector[1]      0.126889 
_atom_sites.fract_transf_vector[2]      0.430135 
_atom_sites.fract_transf_vector[3]      0.508653 
# 
loop_
_atom_type.symbol 
C  
IR 
N  
O  
P  
# 
loop_
_atom_site.group_PDB 
_atom_site.id 
_atom_site.type_symbol 
_atom_site.label_atom_id 
_atom_site.label_alt_id 
_atom_site.label_comp_id 
_atom_site.label_asym_id 
_atom_site.label_entity_id 
_atom_site.label_seq_id 
_atom_site.pdbx_PDB_ins_code 
_atom_site.Cartn_x 
_atom_site.Cartn_y 
_atom_site.Cartn_z 
_atom_site.occupancy 
_atom_site.B_iso_or_equiv 
_atom_site.pdbx_formal_charge 
_atom_site.auth_seq_id 
_atom_site.auth_comp_id 
_atom_site.auth_asym_id 
_atom_site.auth_atom_id 
_atom_site.pdbx_PDB_model_num 
ATOM   1    P  P     . G   A 1 1  ? -23.878 6.244   -3.961  1.00 102.15 ? 1   G   A P     1 
ATOM   2    O  OP1   . G   A 1 1  ? -22.573 5.546   -3.828  1.00 79.54  ? 1   G   A OP1   1 
ATOM   3    O  OP2   . G   A 1 1  ? -25.112 5.474   -4.258  1.00 95.42  ? 1   G   A OP2   1 
ATOM   4    O  "O5'" . G   A 1 1  ? -24.143 7.072   -2.627  1.00 96.08  ? 1   G   A "O5'" 1 
ATOM   5    C  "C5'" . G   A 1 1  ? -24.517 8.440   -2.683  1.00 86.42  ? 1   G   A "C5'" 1 
ATOM   6    C  "C4'" . G   A 1 1  ? -24.565 9.058   -1.310  1.00 76.29  ? 1   G   A "C4'" 1 
ATOM   7    O  "O4'" . G   A 1 1  ? -25.578 8.393   -0.508  1.00 80.54  ? 1   G   A "O4'" 1 
ATOM   8    C  "C3'" . G   A 1 1  ? -23.297 8.927   -0.481  1.00 78.85  ? 1   G   A "C3'" 1 
ATOM   9    O  "O3'" . G   A 1 1  ? -22.307 9.883   -0.819  1.00 77.64  ? 1   G   A "O3'" 1 
ATOM   10   C  "C2'" . G   A 1 1  ? -23.820 9.056   0.944   1.00 77.20  ? 1   G   A "C2'" 1 
ATOM   11   O  "O2'" . G   A 1 1  ? -24.086 10.415  1.260   1.00 74.22  ? 1   G   A "O2'" 1 
ATOM   12   C  "C1'" . G   A 1 1  ? -25.154 8.316   0.838   1.00 72.11  ? 1   G   A "C1'" 1 
ATOM   13   N  N9    . G   A 1 1  ? -25.028 6.892   1.205   1.00 76.92  ? 1   G   A N9    1 
ATOM   14   C  C8    . G   A 1 1  ? -25.276 5.814   0.390   1.00 82.74  ? 1   G   A C8    1 
ATOM   15   N  N7    . G   A 1 1  ? -25.084 4.667   0.980   1.00 88.43  ? 1   G   A N7    1 
ATOM   16   C  C5    . G   A 1 1  ? -24.684 5.004   2.266   1.00 82.14  ? 1   G   A C5    1 
ATOM   17   C  C6    . G   A 1 1  ? -24.334 4.176   3.365   1.00 80.07  ? 1   G   A C6    1 
ATOM   18   O  O6    . G   A 1 1  ? -24.305 2.941   3.428   1.00 76.39  ? 1   G   A O6    1 
ATOM   19   N  N1    . G   A 1 1  ? -23.990 4.928   4.482   1.00 81.53  ? 1   G   A N1    1 
ATOM   20   C  C2    . G   A 1 1  ? -23.983 6.297   4.539   1.00 75.06  ? 1   G   A C2    1 
ATOM   21   N  N2    . G   A 1 1  ? -23.620 6.833   5.713   1.00 77.50  ? 1   G   A N2    1 
ATOM   22   N  N3    . G   A 1 1  ? -24.307 7.080   3.524   1.00 78.62  ? 1   G   A N3    1 
ATOM   23   C  C4    . G   A 1 1  ? -24.647 6.374   2.423   1.00 80.80  ? 1   G   A C4    1 
ATOM   24   P  P     . G   A 1 2  ? -20.751 9.483   -0.764  1.00 77.17  ? 2   G   A P     1 
ATOM   25   O  OP1   . G   A 1 2  ? -19.956 10.635  -1.261  1.00 80.25  ? 2   G   A OP1   1 
ATOM   26   O  OP2   . G   A 1 2  ? -20.587 8.149   -1.397  1.00 87.79  ? 2   G   A OP2   1 
ATOM   27   O  "O5'" . G   A 1 2  ? -20.453 9.316   0.789   1.00 78.22  ? 2   G   A "O5'" 1 
ATOM   28   C  "C5'" . G   A 1 2  ? -20.448 10.438  1.658   1.00 71.67  ? 2   G   A "C5'" 1 
ATOM   29   C  "C4'" . G   A 1 2  ? -20.102 10.031  3.067   1.00 68.23  ? 2   G   A "C4'" 1 
ATOM   30   O  "O4'" . G   A 1 2  ? -21.111 9.118   3.575   1.00 72.60  ? 2   G   A "O4'" 1 
ATOM   31   C  "C3'" . G   A 1 2  ? -18.798 9.267   3.232   1.00 65.81  ? 2   G   A "C3'" 1 
ATOM   32   O  "O3'" . G   A 1 2  ? -17.662 10.116  3.268   1.00 66.91  ? 2   G   A "O3'" 1 
ATOM   33   C  "C2'" . G   A 1 2  ? -19.026 8.493   4.522   1.00 67.70  ? 2   G   A "C2'" 1 
ATOM   34   O  "O2'" . G   A 1 2  ? -18.852 9.337   5.650   1.00 69.26  ? 2   G   A "O2'" 1 
ATOM   35   C  "C1'" . G   A 1 2  ? -20.508 8.145   4.404   1.00 73.49  ? 2   G   A "C1'" 1 
ATOM   36   N  N9    . G   A 1 2  ? -20.719 6.817   3.794   1.00 75.01  ? 2   G   A N9    1 
ATOM   37   C  C8    . G   A 1 2  ? -21.306 6.560   2.580   1.00 74.15  ? 2   G   A C8    1 
ATOM   38   N  N7    . G   A 1 2  ? -21.360 5.286   2.296   1.00 77.14  ? 2   G   A N7    1 
ATOM   39   C  C5    . G   A 1 2  ? -20.777 4.660   3.388   1.00 80.84  ? 2   G   A C5    1 
ATOM   40   C  C6    . G   A 1 2  ? -20.555 3.278   3.651   1.00 82.38  ? 2   G   A C6    1 
ATOM   41   O  O6    . G   A 1 2  ? -20.834 2.293   2.953   1.00 80.85  ? 2   G   A O6    1 
ATOM   42   N  N1    . G   A 1 2  ? -19.935 3.087   4.880   1.00 79.24  ? 2   G   A N1    1 
ATOM   43   C  C2    . G   A 1 2  ? -19.572 4.091   5.745   1.00 74.31  ? 2   G   A C2    1 
ATOM   44   N  N2    . G   A 1 2  ? -18.984 3.704   6.885   1.00 68.96  ? 2   G   A N2    1 
ATOM   45   N  N3    . G   A 1 2  ? -19.775 5.377   5.512   1.00 79.34  ? 2   G   A N3    1 
ATOM   46   C  C4    . G   A 1 2  ? -20.378 5.591   4.324   1.00 77.90  ? 2   G   A C4    1 
ATOM   47   P  P     . G   A 1 3  ? -16.246 9.592   2.718   1.00 68.82  ? 3   G   A P     1 
ATOM   48   O  OP1   . G   A 1 3  ? -15.296 10.735  2.711   1.00 66.80  ? 3   G   A OP1   1 
ATOM   49   O  OP2   . G   A 1 3  ? -16.492 8.834   1.465   1.00 62.83  ? 3   G   A OP2   1 
ATOM   50   O  "O5'" . G   A 1 3  ? -15.762 8.566   3.835   1.00 65.51  ? 3   G   A "O5'" 1 
ATOM   51   C  "C5'" . G   A 1 3  ? -15.536 8.995   5.170   1.00 71.13  ? 3   G   A "C5'" 1 
ATOM   52   C  "C4'" . G   A 1 3  ? -15.240 7.830   6.079   1.00 63.01  ? 3   G   A "C4'" 1 
ATOM   53   O  "O4'" . G   A 1 3  ? -16.390 6.947   6.134   1.00 59.79  ? 3   G   A "O4'" 1 
ATOM   54   C  "C3'" . G   A 1 3  ? -14.098 6.926   5.645   1.00 62.17  ? 3   G   A "C3'" 1 
ATOM   55   O  "O3'" . G   A 1 3  ? -12.827 7.438   6.001   1.00 55.04  ? 3   G   A "O3'" 1 
ATOM   56   C  "C2'" . G   A 1 3  ? -14.437 5.611   6.329   1.00 73.13  ? 3   G   A "C2'" 1 
ATOM   57   O  "O2'" . G   A 1 3  ? -14.073 5.654   7.700   1.00 72.80  ? 3   G   A "O2'" 1 
ATOM   58   C  "C1'" . G   A 1 3  ? -15.963 5.605   6.231   1.00 73.13  ? 3   G   A "C1'" 1 
ATOM   59   N  N9    . G   A 1 3  ? -16.441 4.875   5.040   1.00 69.28  ? 3   G   A N9    1 
ATOM   60   C  C8    . G   A 1 3  ? -17.029 5.413   3.920   1.00 72.26  ? 3   G   A C8    1 
ATOM   61   N  N7    . G   A 1 3  ? -17.351 4.518   3.026   1.00 74.94  ? 3   G   A N7    1 
ATOM   62   C  C5    . G   A 1 3  ? -16.952 3.312   3.586   1.00 79.41  ? 3   G   A C5    1 
ATOM   63   C  C6    . G   A 1 3  ? -17.044 1.988   3.082   1.00 70.42  ? 3   G   A C6    1 
ATOM   64   O  O6    . G   A 1 3  ? -17.508 1.600   2.003   1.00 66.79  ? 3   G   A O6    1 
ATOM   65   N  N1    . G   A 1 3  ? -16.518 1.065   3.978   1.00 68.45  ? 3   G   A N1    1 
ATOM   66   C  C2    . G   A 1 3  ? -15.974 1.369   5.201   1.00 71.15  ? 3   G   A C2    1 
ATOM   67   N  N2    . G   A 1 3  ? -15.522 0.333   5.921   1.00 72.82  ? 3   G   A N2    1 
ATOM   68   N  N3    . G   A 1 3  ? -15.886 2.598   5.683   1.00 79.05  ? 3   G   A N3    1 
ATOM   69   C  C4    . G   A 1 3  ? -16.390 3.516   4.830   1.00 77.46  ? 3   G   A C4    1 
ATOM   70   P  P     . C   A 1 4  ? -11.595 7.324   4.978   1.00 74.13  ? 4   C   A P     1 
ATOM   71   O  OP1   . C   A 1 4  ? -10.545 8.278   5.420   1.00 77.88  ? 4   C   A OP1   1 
ATOM   72   O  OP2   . C   A 1 4  ? -12.139 7.409   3.599   1.00 66.22  ? 4   C   A OP2   1 
ATOM   73   O  "O5'" . C   A 1 4  ? -11.041 5.849   5.211   1.00 74.03  ? 4   C   A "O5'" 1 
ATOM   74   C  "C5'" . C   A 1 4  ? -10.685 5.406   6.512   1.00 74.52  ? 4   C   A "C5'" 1 
ATOM   75   C  "C4'" . C   A 1 4  ? -10.596 3.904   6.580   1.00 77.01  ? 4   C   A "C4'" 1 
ATOM   76   O  "O4'" . C   A 1 4  ? -11.914 3.320   6.403   1.00 73.46  ? 4   C   A "O4'" 1 
ATOM   77   C  "C3'" . C   A 1 4  ? -9.754  3.237   5.504   1.00 68.83  ? 4   C   A "C3'" 1 
ATOM   78   O  "O3'" . C   A 1 4  ? -8.365  3.285   5.774   1.00 63.25  ? 4   C   A "O3'" 1 
ATOM   79   C  "C2'" . C   A 1 4  ? -10.321 1.825   5.470   1.00 74.28  ? 4   C   A "C2'" 1 
ATOM   80   O  "O2'" . C   A 1 4  ? -9.817  1.058   6.554   1.00 75.26  ? 4   C   A "O2'" 1 
ATOM   81   C  "C1'" . C   A 1 4  ? -11.807 2.091   5.713   1.00 64.64  ? 4   C   A "C1'" 1 
ATOM   82   N  N1    . C   A 1 4  ? -12.561 2.191   4.443   1.00 73.82  ? 4   C   A N1    1 
ATOM   83   C  C2    . C   A 1 4  ? -12.922 1.017   3.775   1.00 68.93  ? 4   C   A C2    1 
ATOM   84   O  O2    . C   A 1 4  ? -12.606 -0.081  4.261   1.00 75.31  ? 4   C   A O2    1 
ATOM   85   N  N3    . C   A 1 4  ? -13.608 1.102   2.615   1.00 71.03  ? 4   C   A N3    1 
ATOM   86   C  C4    . C   A 1 4  ? -13.934 2.293   2.116   1.00 68.88  ? 4   C   A C4    1 
ATOM   87   N  N4    . C   A 1 4  ? -14.612 2.316   0.968   1.00 66.16  ? 4   C   A N4    1 
ATOM   88   C  C5    . C   A 1 4  ? -13.581 3.508   2.771   1.00 71.83  ? 4   C   A C5    1 
ATOM   89   C  C6    . C   A 1 4  ? -12.900 3.410   3.920   1.00 72.99  ? 4   C   A C6    1 
ATOM   90   P  P     . G   A 1 5  ? -7.310  3.336   4.563   1.00 82.64  ? 5   G   A P     1 
ATOM   91   O  OP1   . G   A 1 5  ? -5.958  3.548   5.141   1.00 97.67  ? 5   G   A OP1   1 
ATOM   92   O  OP2   . G   A 1 5  ? -7.829  4.278   3.539   1.00 71.04  ? 5   G   A OP2   1 
ATOM   93   O  "O5'" . G   A 1 5  ? -7.358  1.868   3.948   1.00 79.84  ? 5   G   A "O5'" 1 
ATOM   94   C  "C5'" . G   A 1 5  ? -7.036  0.736   4.744   1.00 71.30  ? 5   G   A "C5'" 1 
ATOM   95   C  "C4'" . G   A 1 5  ? -7.162  -0.544  3.958   1.00 72.85  ? 5   G   A "C4'" 1 
ATOM   96   O  "O4'" . G   A 1 5  ? -8.558  -0.864  3.740   1.00 81.80  ? 5   G   A "O4'" 1 
ATOM   97   C  "C3'" . G   A 1 5  ? -6.563  -0.524  2.564   1.00 73.72  ? 5   G   A "C3'" 1 
ATOM   98   O  "O3'" . G   A 1 5  ? -5.161  -0.717  2.576   1.00 65.01  ? 5   G   A "O3'" 1 
ATOM   99   C  "C2'" . G   A 1 5  ? -7.328  -1.635  1.853   1.00 81.17  ? 5   G   A "C2'" 1 
ATOM   100  O  "O2'" . G   A 1 5  ? -6.782  -2.906  2.173   1.00 75.61  ? 5   G   A "O2'" 1 
ATOM   101  C  "C1'" . G   A 1 5  ? -8.711  -1.520  2.498   1.00 86.36  ? 5   G   A "C1'" 1 
ATOM   102  N  N9    . G   A 1 5  ? -9.661  -0.751  1.671   1.00 79.61  ? 5   G   A N9    1 
ATOM   103  C  C8    . G   A 1 5  ? -10.008 0.570   1.810   1.00 75.73  ? 5   G   A C8    1 
ATOM   104  N  N7    . G   A 1 5  ? -10.883 0.966   0.928   1.00 80.89  ? 5   G   A N7    1 
ATOM   105  C  C5    . G   A 1 5  ? -11.132 -0.164  0.159   1.00 81.89  ? 5   G   A C5    1 
ATOM   106  C  C6    . G   A 1 5  ? -11.996 -0.354  -0.950  1.00 86.79  ? 5   G   A C6    1 
ATOM   107  O  O6    . G   A 1 5  ? -12.740 0.470   -1.497  1.00 86.34  ? 5   G   A O6    1 
ATOM   108  N  N1    . G   A 1 5  ? -11.939 -1.660  -1.427  1.00 83.92  ? 5   G   A N1    1 
ATOM   109  C  C2    . G   A 1 5  ? -11.153 -2.657  -0.904  1.00 84.69  ? 5   G   A C2    1 
ATOM   110  N  N2    . G   A 1 5  ? -11.237 -3.854  -1.501  1.00 82.83  ? 5   G   A N2    1 
ATOM   111  N  N3    . G   A 1 5  ? -10.347 -2.493  0.131   1.00 86.24  ? 5   G   A N3    1 
ATOM   112  C  C4    . G   A 1 5  ? -10.385 -1.232  0.607   1.00 82.96  ? 5   G   A C4    1 
ATOM   113  P  P     . U   A 1 6  ? -4.212  0.184   1.646   1.00 79.15  ? 6   U   A P     1 
ATOM   114  O  OP1   . U   A 1 6  ? -2.823  0.045   2.154   1.00 78.88  ? 6   U   A OP1   1 
ATOM   115  O  OP2   . U   A 1 6  ? -4.818  1.535   1.524   1.00 88.91  ? 6   U   A OP2   1 
ATOM   116  O  "O5'" . U   A 1 6  ? -4.294  -0.527  0.225   1.00 61.77  ? 6   U   A "O5'" 1 
ATOM   117  C  "C5'" . U   A 1 6  ? -4.189  -1.941  0.116   1.00 81.47  ? 6   U   A "C5'" 1 
ATOM   118  C  "C4'" . U   A 1 6  ? -4.393  -2.410  -1.302  1.00 90.13  ? 6   U   A "C4'" 1 
ATOM   119  O  "O4'" . U   A 1 6  ? -5.795  -2.266  -1.664  1.00 86.03  ? 6   U   A "O4'" 1 
ATOM   120  C  "C3'" . U   A 1 6  ? -3.594  -1.652  -2.361  1.00 85.27  ? 6   U   A "C3'" 1 
ATOM   121  O  "O3'" . U   A 1 6  ? -3.126  -2.561  -3.353  1.00 94.64  ? 6   U   A "O3'" 1 
ATOM   122  C  "C2'" . U   A 1 6  ? -4.627  -0.707  -2.969  1.00 91.22  ? 6   U   A "C2'" 1 
ATOM   123  O  "O2'" . U   A 1 6  ? -4.361  -0.323  -4.300  1.00 111.37 ? 6   U   A "O2'" 1 
ATOM   124  C  "C1'" . U   A 1 6  ? -5.904  -1.533  -2.866  1.00 83.12  ? 6   U   A "C1'" 1 
ATOM   125  N  N1    . U   A 1 6  ? -7.126  -0.717  -2.806  1.00 99.29  ? 6   U   A N1    1 
ATOM   126  C  C2    . U   A 1 6  ? -8.147  -1.016  -3.685  1.00 93.81  ? 6   U   A C2    1 
ATOM   127  O  O2    . U   A 1 6  ? -8.081  -1.933  -4.485  1.00 93.35  ? 6   U   A O2    1 
ATOM   128  N  N3    . U   A 1 6  ? -9.254  -0.211  -3.585  1.00 92.71  ? 6   U   A N3    1 
ATOM   129  C  C4    . U   A 1 6  ? -9.435  0.848   -2.720  1.00 94.29  ? 6   U   A C4    1 
ATOM   130  O  O4    . U   A 1 6  ? -10.490 1.482   -2.753  1.00 100.75 ? 6   U   A O4    1 
ATOM   131  C  C5    . U   A 1 6  ? -8.329  1.101   -1.847  1.00 88.02  ? 6   U   A C5    1 
ATOM   132  C  C6    . U   A 1 6  ? -7.239  0.331   -1.922  1.00 94.73  ? 6   U   A C6    1 
ATOM   133  P  P     . A   A 1 7  ? -1.545  -2.756  -3.556  1.00 93.03  ? 7   A   A P     1 
ATOM   134  O  OP1   . A   A 1 7  ? -1.329  -3.839  -4.549  1.00 82.28  ? 7   A   A OP1   1 
ATOM   135  O  OP2   . A   A 1 7  ? -0.928  -2.863  -2.209  1.00 78.55  ? 7   A   A OP2   1 
ATOM   136  O  "O5'" . A   A 1 7  ? -1.074  -1.375  -4.194  1.00 76.22  ? 7   A   A "O5'" 1 
ATOM   137  C  "C5'" . A   A 1 7  ? -1.515  -0.981  -5.489  1.00 68.96  ? 7   A   A "C5'" 1 
ATOM   138  C  "C4'" . A   A 1 7  ? -0.380  -0.433  -6.314  1.00 74.80  ? 7   A   A "C4'" 1 
ATOM   139  O  "O4'" . A   A 1 7  ? 0.810   -1.222  -6.047  1.00 70.87  ? 7   A   A "O4'" 1 
ATOM   140  C  "C3'" . A   A 1 7  ? -0.594  -0.485  -7.823  1.00 78.52  ? 7   A   A "C3'" 1 
ATOM   141  O  "O3'" . A   A 1 7  ? 0.109   0.591   -8.443  1.00 103.33 ? 7   A   A "O3'" 1 
ATOM   142  C  "C2'" . A   A 1 7  ? 0.072   -1.801  -8.204  1.00 79.24  ? 7   A   A "C2'" 1 
ATOM   143  O  "O2'" . A   A 1 7  ? 0.489   -1.877  -9.550  1.00 84.97  ? 7   A   A "O2'" 1 
ATOM   144  C  "C1'" . A   A 1 7  ? 1.258   -1.833  -7.242  1.00 83.31  ? 7   A   A "C1'" 1 
ATOM   145  N  N9    . A   A 1 7  ? 1.709   -3.185  -6.908  1.00 87.10  ? 7   A   A N9    1 
ATOM   146  C  C8    . A   A 1 7  ? 0.930   -4.282  -6.639  1.00 74.58  ? 7   A   A C8    1 
ATOM   147  N  N7    . A   A 1 7  ? 1.617   -5.364  -6.370  1.00 86.83  ? 7   A   A N7    1 
ATOM   148  C  C5    . A   A 1 7  ? 2.938   -4.950  -6.467  1.00 81.72  ? 7   A   A C5    1 
ATOM   149  C  C6    . A   A 1 7  ? 4.159   -5.627  -6.297  1.00 83.15  ? 7   A   A C6    1 
ATOM   150  N  N6    . A   A 1 7  ? 4.252   -6.921  -5.978  1.00 79.29  ? 7   A   A N6    1 
ATOM   151  N  N1    . A   A 1 7  ? 5.299   -4.922  -6.467  1.00 81.18  ? 7   A   A N1    1 
ATOM   152  C  C2    . A   A 1 7  ? 5.208   -3.625  -6.787  1.00 80.57  ? 7   A   A C2    1 
ATOM   153  N  N3    . A   A 1 7  ? 4.123   -2.879  -6.975  1.00 85.61  ? 7   A   A N3    1 
ATOM   154  C  C4    . A   A 1 7  ? 3.010   -3.610  -6.798  1.00 79.46  ? 7   A   A C4    1 
ATOM   155  P  P     . A   A 1 8  ? -0.593  2.024   -8.650  1.00 92.74  ? 8   A   A P     1 
ATOM   156  O  OP1   . A   A 1 8  ? 0.455   2.960   -9.127  1.00 97.16  ? 8   A   A OP1   1 
ATOM   157  O  OP2   . A   A 1 8  ? -1.371  2.356   -7.429  1.00 83.67  ? 8   A   A OP2   1 
ATOM   158  O  "O5'" . A   A 1 8  ? -1.631  1.788   -9.836  1.00 88.69  ? 8   A   A "O5'" 1 
ATOM   159  C  "C5'" . A   A 1 8  ? -1.195  1.375   -11.123 1.00 97.70  ? 8   A   A "C5'" 1 
ATOM   160  C  "C4'" . A   A 1 8  ? -2.071  1.938   -12.216 1.00 107.74 ? 8   A   A "C4'" 1 
ATOM   161  O  "O4'" . A   A 1 8  ? -3.448  2.001   -11.759 1.00 101.95 ? 8   A   A "O4'" 1 
ATOM   162  C  "C3'" . A   A 1 8  ? -1.767  3.363   -12.651 1.00 106.73 ? 8   A   A "C3'" 1 
ATOM   163  O  "O3'" . A   A 1 8  ? -0.680  3.448   -13.558 1.00 105.69 ? 8   A   A "O3'" 1 
ATOM   164  C  "C2'" . A   A 1 8  ? -3.092  3.817   -13.247 1.00 108.99 ? 8   A   A "C2'" 1 
ATOM   165  O  "O2'" . A   A 1 8  ? -3.264  3.286   -14.552 1.00 105.77 ? 8   A   A "O2'" 1 
ATOM   166  C  "C1'" . A   A 1 8  ? -4.088  3.134   -12.311 1.00 103.21 ? 8   A   A "C1'" 1 
ATOM   167  N  N9    . A   A 1 8  ? -4.506  4.024   -11.212 1.00 107.10 ? 8   A   A N9    1 
ATOM   168  C  C8    . A   A 1 8  ? -4.273  3.874   -9.868  1.00 106.91 ? 8   A   A C8    1 
ATOM   169  N  N7    . A   A 1 8  ? -4.772  4.840   -9.135  1.00 102.04 ? 8   A   A N7    1 
ATOM   170  C  C5    . A   A 1 8  ? -5.375  5.683   -10.058 1.00 113.55 ? 8   A   A C5    1 
ATOM   171  C  C6    . A   A 1 8  ? -6.084  6.892   -9.922  1.00 112.93 ? 8   A   A C6    1 
ATOM   172  N  N6    . A   A 1 8  ? -6.315  7.492   -8.752  1.00 106.34 ? 8   A   A N6    1 
ATOM   173  N  N1    . A   A 1 8  ? -6.552  7.476   -11.047 1.00 116.58 ? 8   A   A N1    1 
ATOM   174  C  C2    . A   A 1 8  ? -6.321  6.882   -12.224 1.00 112.40 ? 8   A   A C2    1 
ATOM   175  N  N3    . A   A 1 8  ? -5.671  5.749   -12.479 1.00 110.89 ? 8   A   A N3    1 
ATOM   176  C  C4    . A   A 1 8  ? -5.218  5.192   -11.342 1.00 114.97 ? 8   A   A C4    1 
ATOM   177  P  P     . C   A 1 9  ? 0.612   4.332   -13.192 1.00 122.30 ? 9   C   A P     1 
ATOM   178  O  OP1   . C   A 1 9  ? 1.534   4.301   -14.355 1.00 135.21 ? 9   C   A OP1   1 
ATOM   179  O  OP2   . C   A 1 9  ? 1.100   3.895   -11.859 1.00 112.65 ? 9   C   A OP2   1 
ATOM   180  O  "O5'" . C   A 1 9  ? 0.046   5.815   -13.051 1.00 130.57 ? 9   C   A "O5'" 1 
ATOM   181  C  "C5'" . C   A 1 9  ? -0.440  6.525   -14.182 1.00 140.04 ? 9   C   A "C5'" 1 
ATOM   182  C  "C4'" . C   A 1 9  ? -1.409  7.610   -13.780 1.00 136.71 ? 9   C   A "C4'" 1 
ATOM   183  O  "O4'" . C   A 1 9  ? -2.454  7.041   -12.946 1.00 130.89 ? 9   C   A "O4'" 1 
ATOM   184  C  "C3'" . C   A 1 9  ? -0.837  8.739   -12.934 1.00 140.29 ? 9   C   A "C3'" 1 
ATOM   185  O  "O3'" . C   A 1 9  ? -0.165  9.730   -13.695 1.00 138.16 ? 9   C   A "O3'" 1 
ATOM   186  C  "C2'" . C   A 1 9  ? -2.067  9.261   -12.204 1.00 134.78 ? 9   C   A "C2'" 1 
ATOM   187  O  "O2'" . C   A 1 9  ? -2.847  10.085  -13.059 1.00 133.89 ? 9   C   A "O2'" 1 
ATOM   188  C  "C1'" . C   A 1 9  ? -2.835  7.966   -11.949 1.00 123.23 ? 9   C   A "C1'" 1 
ATOM   189  N  N1    . C   A 1 9  ? -2.521  7.388   -10.621 1.00 120.26 ? 9   C   A N1    1 
ATOM   190  C  C2    . C   A 1 9  ? -3.047  7.988   -9.469  1.00 120.76 ? 9   C   A C2    1 
ATOM   191  O  O2    . C   A 1 9  ? -3.771  8.990   -9.577  1.00 115.98 ? 9   C   A O2    1 
ATOM   192  N  N3    . C   A 1 9  ? -2.757  7.460   -8.258  1.00 118.21 ? 9   C   A N3    1 
ATOM   193  C  C4    . C   A 1 9  ? -1.980  6.382   -8.165  1.00 107.60 ? 9   C   A C4    1 
ATOM   194  N  N4    . C   A 1 9  ? -1.723  5.900   -6.947  1.00 112.05 ? 9   C   A N4    1 
ATOM   195  C  C5    . C   A 1 9  ? -1.430  5.751   -9.317  1.00 105.96 ? 9   C   A C5    1 
ATOM   196  C  C6    . C   A 1 9  ? -1.724  6.282   -10.510 1.00 112.10 ? 9   C   A C6    1 
ATOM   197  P  P     . C   A 1 10 ? 1.198   10.383  -13.143 1.00 140.65 ? 10  C   A P     1 
ATOM   198  O  OP1   . C   A 1 10 ? 2.217   10.290  -14.219 1.00 138.54 ? 10  C   A OP1   1 
ATOM   199  O  OP2   . C   A 1 10 ? 1.484   9.797   -11.809 1.00 133.31 ? 10  C   A OP2   1 
ATOM   200  O  "O5'" . C   A 1 10 ? 0.848   11.925  -12.934 1.00 138.01 ? 10  C   A "O5'" 1 
ATOM   201  C  "C5'" . C   A 1 10 ? -0.494  12.388  -12.955 1.00 135.31 ? 10  C   A "C5'" 1 
ATOM   202  C  "C4'" . C   A 1 10 ? -0.772  13.327  -11.806 1.00 133.19 ? 10  C   A "C4'" 1 
ATOM   203  O  "O4'" . C   A 1 10 ? -1.640  12.679  -10.839 1.00 127.29 ? 10  C   A "O4'" 1 
ATOM   204  C  "C3'" . C   A 1 10 ? 0.435   13.755  -10.988 1.00 139.89 ? 10  C   A "C3'" 1 
ATOM   205  O  "O3'" . C   A 1 10 ? 1.176   14.803  -11.590 1.00 147.73 ? 10  C   A "O3'" 1 
ATOM   206  C  "C2'" . C   A 1 10 ? -0.188  14.138  -9.651  1.00 138.13 ? 10  C   A "C2'" 1 
ATOM   207  O  "O2'" . C   A 1 10 ? -0.771  15.432  -9.721  1.00 136.73 ? 10  C   A "O2'" 1 
ATOM   208  C  "C1'" . C   A 1 10 ? -1.309  13.105  -9.533  1.00 128.81 ? 10  C   A "C1'" 1 
ATOM   209  N  N1    . C   A 1 10 ? -0.897  11.924  -8.736  1.00 130.26 ? 10  C   A N1    1 
ATOM   210  C  C2    . C   A 1 10 ? -0.894  12.021  -7.340  1.00 125.29 ? 10  C   A C2    1 
ATOM   211  O  O2    . C   A 1 10 ? -1.235  13.088  -6.809  1.00 122.44 ? 10  C   A O2    1 
ATOM   212  N  N3    . C   A 1 10 ? -0.521  10.950  -6.602  1.00 116.88 ? 10  C   A N3    1 
ATOM   213  C  C4    . C   A 1 10 ? -0.160  9.815   -7.204  1.00 118.71 ? 10  C   A C4    1 
ATOM   214  N  N4    . C   A 1 10 ? 0.202   8.783   -6.438  1.00 116.34 ? 10  C   A N4    1 
ATOM   215  C  C5    . C   A 1 10 ? -0.154  9.689   -8.624  1.00 122.80 ? 10  C   A C5    1 
ATOM   216  C  C6    . C   A 1 10 ? -0.526  10.756  -9.342  1.00 126.07 ? 10  C   A C6    1 
ATOM   217  P  P     . U   A 1 11 ? 2.747   14.961  -11.285 1.00 140.68 ? 11  U   A P     1 
ATOM   218  O  OP1   . U   A 1 11 ? 3.290   16.002  -12.192 1.00 136.33 ? 11  U   A OP1   1 
ATOM   219  O  OP2   . U   A 1 11 ? 3.352   13.606  -11.277 1.00 145.75 ? 11  U   A OP2   1 
ATOM   220  O  "O5'" . U   A 1 11 ? 2.797   15.532  -9.798  1.00 127.97 ? 11  U   A "O5'" 1 
ATOM   221  C  "C5'" . U   A 1 11 ? 2.274   16.817  -9.496  1.00 134.57 ? 11  U   A "C5'" 1 
ATOM   222  C  "C4'" . U   A 1 11 ? 2.290   17.089  -8.013  1.00 140.43 ? 11  U   A "C4'" 1 
ATOM   223  O  "O4'" . U   A 1 11 ? 1.403   16.166  -7.329  1.00 136.20 ? 11  U   A "O4'" 1 
ATOM   224  C  "C3'" . U   A 1 11 ? 3.625   16.897  -7.312  1.00 142.43 ? 11  U   A "C3'" 1 
ATOM   225  O  "O3'" . U   A 1 11 ? 4.510   17.991  -7.480  1.00 144.27 ? 11  U   A "O3'" 1 
ATOM   226  C  "C2'" . U   A 1 11 ? 3.206   16.667  -5.866  1.00 142.96 ? 11  U   A "C2'" 1 
ATOM   227  O  "O2'" . U   A 1 11 ? 2.873   17.896  -5.238  1.00 131.81 ? 11  U   A "O2'" 1 
ATOM   228  C  "C1'" . U   A 1 11 ? 1.924   15.855  -6.053  1.00 144.40 ? 11  U   A "C1'" 1 
ATOM   229  N  N1    . U   A 1 11 ? 2.179   14.398  -5.980  1.00 144.80 ? 11  U   A N1    1 
ATOM   230  C  C2    . U   A 1 11 ? 2.314   13.832  -4.725  1.00 132.29 ? 11  U   A C2    1 
ATOM   231  O  O2    . U   A 1 11 ? 2.226   14.476  -3.692  1.00 126.48 ? 11  U   A O2    1 
ATOM   232  N  N3    . U   A 1 11 ? 2.553   12.480  -4.717  1.00 125.27 ? 11  U   A N3    1 
ATOM   233  C  C4    . U   A 1 11 ? 2.672   11.652  -5.813  1.00 121.65 ? 11  U   A C4    1 
ATOM   234  O  O4    . U   A 1 11 ? 2.888   10.450  -5.644  1.00 117.25 ? 11  U   A O4    1 
ATOM   235  C  C5    . U   A 1 11 ? 2.523   12.310  -7.075  1.00 129.30 ? 11  U   A C5    1 
ATOM   236  C  C6    . U   A 1 11 ? 2.288   13.626  -7.114  1.00 135.20 ? 11  U   A C6    1 
ATOM   237  P  P     . C   A 1 12 ? 6.096   17.737  -7.574  1.00 144.48 ? 12  C   A P     1 
ATOM   238  O  OP1   . C   A 1 12 ? 6.745   19.009  -7.983  1.00 163.17 ? 12  C   A OP1   1 
ATOM   239  O  OP2   . C   A 1 12 ? 6.311   16.515  -8.388  1.00 146.15 ? 12  C   A OP2   1 
ATOM   240  O  "O5'" . C   A 1 12 ? 6.527   17.419  -6.073  1.00 128.98 ? 12  C   A "O5'" 1 
ATOM   241  C  "C5'" . C   A 1 12 ? 6.345   18.379  -5.043  1.00 133.91 ? 12  C   A "C5'" 1 
ATOM   242  C  "C4'" . C   A 1 12 ? 6.434   17.754  -3.672  1.00 133.86 ? 12  C   A "C4'" 1 
ATOM   243  O  "O4'" . C   A 1 12 ? 5.424   16.722  -3.530  1.00 136.86 ? 12  C   A "O4'" 1 
ATOM   244  C  "C3'" . C   A 1 12 ? 7.734   17.039  -3.343  1.00 135.74 ? 12  C   A "C3'" 1 
ATOM   245  O  "O3'" . C   A 1 12 ? 8.777   17.921  -2.965  1.00 141.11 ? 12  C   A "O3'" 1 
ATOM   246  C  "C2'" . C   A 1 12 ? 7.312   16.079  -2.239  1.00 133.67 ? 12  C   A "C2'" 1 
ATOM   247  O  "O2'" . C   A 1 12 ? 7.191   16.762  -0.999  1.00 116.37 ? 12  C   A "O2'" 1 
ATOM   248  C  "C1'" . C   A 1 12 ? 5.912   15.681  -2.707  1.00 134.06 ? 12  C   A "C1'" 1 
ATOM   249  N  N1    . C   A 1 12 ? 5.919   14.419  -3.483  1.00 128.77 ? 12  C   A N1    1 
ATOM   250  C  C2    . C   A 1 12 ? 5.997   13.202  -2.796  1.00 119.53 ? 12  C   A C2    1 
ATOM   251  O  O2    . C   A 1 12 ? 6.058   13.213  -1.558  1.00 119.08 ? 12  C   A O2    1 
ATOM   252  N  N3    . C   A 1 12 ? 6.003   12.043  -3.495  1.00 119.31 ? 12  C   A N3    1 
ATOM   253  C  C4    . C   A 1 12 ? 5.936   12.066  -4.827  1.00 121.72 ? 12  C   A C4    1 
ATOM   254  N  N4    . C   A 1 12 ? 5.945   10.900  -5.480  1.00 115.28 ? 12  C   A N4    1 
ATOM   255  C  C5    . C   A 1 12 ? 5.856   13.289  -5.554  1.00 124.22 ? 12  C   A C5    1 
ATOM   256  C  C6    . C   A 1 12 ? 5.850   14.427  -4.849  1.00 129.69 ? 12  C   A C6    1 
ATOM   257  P  P     . C   A 1 13 ? 10.311  17.490  -3.176  1.00 152.32 ? 13  C   A P     1 
ATOM   258  O  OP1   . C   A 1 13 ? 11.159  18.694  -2.990  1.00 162.27 ? 13  C   A OP1   1 
ATOM   259  O  OP2   . C   A 1 13 ? 10.403  16.712  -4.438  1.00 140.36 ? 13  C   A OP2   1 
ATOM   260  O  "O5'" . C   A 1 13 ? 10.600  16.495  -1.967  1.00 144.94 ? 13  C   A "O5'" 1 
ATOM   261  C  "C5'" . C   A 1 13 ? 10.446  16.922  -0.622  1.00 145.09 ? 13  C   A "C5'" 1 
ATOM   262  C  "C4'" . C   A 1 13 ? 10.495  15.760  0.336   1.00 152.76 ? 13  C   A "C4'" 1 
ATOM   263  O  "O4'" . C   A 1 13 ? 9.421   14.828  0.038   1.00 153.93 ? 13  C   A "O4'" 1 
ATOM   264  C  "C3'" . C   A 1 13 ? 11.749  14.904  0.277   1.00 152.19 ? 13  C   A "C3'" 1 
ATOM   265  O  "O3'" . C   A 1 13 ? 12.842  15.470  0.977   1.00 145.95 ? 13  C   A "O3'" 1 
ATOM   266  C  "C2'" . C   A 1 13 ? 11.270  13.579  0.851   1.00 142.30 ? 13  C   A "C2'" 1 
ATOM   267  O  "O2'" . C   A 1 13 ? 11.185  13.650  2.268   1.00 133.80 ? 13  C   A "O2'" 1 
ATOM   268  C  "C1'" . C   A 1 13 ? 9.852   13.504  0.286   1.00 134.93 ? 13  C   A "C1'" 1 
ATOM   269  N  N1    . C   A 1 13 ? 9.803   12.743  -0.984  1.00 128.29 ? 13  C   A N1    1 
ATOM   270  C  C2    . C   A 1 13 ? 9.900   11.345  -0.945  1.00 119.88 ? 13  C   A C2    1 
ATOM   271  O  O2    . C   A 1 13 ? 10.022  10.775  0.151   1.00 110.19 ? 13  C   A O2    1 
ATOM   272  N  N3    . C   A 1 13 ? 9.858   10.646  -2.103  1.00 113.14 ? 13  C   A N3    1 
ATOM   273  C  C4    . C   A 1 13 ? 9.725   11.284  -3.267  1.00 114.91 ? 13  C   A C4    1 
ATOM   274  N  N4    . C   A 1 13 ? 9.689   10.553  -4.384  1.00 105.47 ? 13  C   A N4    1 
ATOM   275  C  C5    . C   A 1 13 ? 9.624   12.704  -3.337  1.00 126.30 ? 13  C   A C5    1 
ATOM   276  C  C6    . C   A 1 13 ? 9.666   13.384  -2.184  1.00 126.66 ? 13  C   A C6    1 
ATOM   277  P  P     . A   A 1 14 ? 14.348  15.183  0.493   1.00 152.98 ? 14  A   A P     1 
ATOM   278  O  OP1   . A   A 1 14 ? 15.250  16.097  1.240   1.00 156.76 ? 14  A   A OP1   1 
ATOM   279  O  OP2   . A   A 1 14 ? 14.366  15.185  -0.992  1.00 142.24 ? 14  A   A OP2   1 
ATOM   280  O  "O5'" . A   A 1 14 ? 14.633  13.699  0.998   1.00 144.58 ? 14  A   A "O5'" 1 
ATOM   281  C  "C5'" . A   A 1 14 ? 14.495  13.363  2.370   1.00 140.88 ? 14  A   A "C5'" 1 
ATOM   282  C  "C4'" . A   A 1 14 ? 14.460  11.871  2.576   1.00 145.80 ? 14  A   A "C4'" 1 
ATOM   283  O  "O4'" . A   A 1 14 ? 13.334  11.295  1.865   1.00 141.24 ? 14  A   A "O4'" 1 
ATOM   284  C  "C3'" . A   A 1 14 ? 15.658  11.098  2.055   1.00 138.52 ? 14  A   A "C3'" 1 
ATOM   285  O  "O3'" . A   A 1 14 ? 16.765  11.153  2.937   1.00 139.60 ? 14  A   A "O3'" 1 
ATOM   286  C  "C2'" . A   A 1 14 ? 15.093  9.695   1.868   1.00 129.95 ? 14  A   A "C2'" 1 
ATOM   287  O  "O2'" . A   A 1 14 ? 15.031  9.010   3.110   1.00 126.64 ? 14  A   A "O2'" 1 
ATOM   288  C  "C1'" . A   A 1 14 ? 13.665  9.999   1.411   1.00 126.80 ? 14  A   A "C1'" 1 
ATOM   289  N  N9    . A   A 1 14 ? 13.519  9.951   -0.057  1.00 120.20 ? 14  A   A N9    1 
ATOM   290  C  C8    . A   A 1 14 ? 13.228  10.985  -0.914  1.00 120.58 ? 14  A   A C8    1 
ATOM   291  N  N7    . A   A 1 14 ? 13.155  10.624  -2.173  1.00 114.85 ? 14  A   A N7    1 
ATOM   292  C  C5    . A   A 1 14 ? 13.412  9.261   -2.143  1.00 116.71 ? 14  A   A C5    1 
ATOM   293  C  C6    . A   A 1 14 ? 13.477  8.289   -3.158  1.00 115.08 ? 14  A   A C6    1 
ATOM   294  N  N6    . A   A 1 14 ? 13.286  8.558   -4.452  1.00 108.81 ? 14  A   A N6    1 
ATOM   295  N  N1    . A   A 1 14 ? 13.756  7.018   -2.795  1.00 105.75 ? 14  A   A N1    1 
ATOM   296  C  C2    . A   A 1 14 ? 13.951  6.752   -1.497  1.00 106.30 ? 14  A   A C2    1 
ATOM   297  N  N3    . A   A 1 14 ? 13.912  7.577   -0.454  1.00 112.55 ? 14  A   A N3    1 
ATOM   298  C  C4    . A   A 1 14 ? 13.634  8.832   -0.848  1.00 117.56 ? 14  A   A C4    1 
ATOM   299  P  P     . U   A 1 15 ? 18.254  11.343  2.364   1.00 144.11 ? 15  U   A P     1 
ATOM   300  O  OP1   . U   A 1 15 ? 19.163  11.484  3.530   1.00 140.66 ? 15  U   A OP1   1 
ATOM   301  O  OP2   . U   A 1 15 ? 18.235  12.391  1.312   1.00 138.17 ? 15  U   A OP2   1 
ATOM   302  O  "O5'" . U   A 1 15 ? 18.573  9.945   1.674   1.00 138.94 ? 15  U   A "O5'" 1 
ATOM   303  C  "C5'" . U   A 1 15 ? 18.436  8.732   2.405   1.00 122.82 ? 15  U   A "C5'" 1 
ATOM   304  C  "C4'" . U   A 1 15 ? 18.837  7.533   1.586   1.00 121.85 ? 15  U   A "C4'" 1 
ATOM   305  O  "O4'" . U   A 1 15 ? 17.928  7.385   0.463   1.00 125.04 ? 15  U   A "O4'" 1 
ATOM   306  C  "C3'" . U   A 1 15 ? 20.245  7.589   1.000   1.00 119.07 ? 15  U   A "C3'" 1 
ATOM   307  O  "O3'" . U   A 1 15 ? 20.828  6.292   1.058   1.00 111.69 ? 15  U   A "O3'" 1 
ATOM   308  C  "C2'" . U   A 1 15 ? 20.004  7.996   -0.451  1.00 123.85 ? 15  U   A "C2'" 1 
ATOM   309  O  "O2'" . U   A 1 15 ? 21.004  7.566   -1.353  1.00 133.72 ? 15  U   A "O2'" 1 
ATOM   310  C  "C1'" . U   A 1 15 ? 18.657  7.344   -0.748  1.00 121.68 ? 15  U   A "C1'" 1 
ATOM   311  N  N1    . U   A 1 15 ? 17.876  8.057   -1.768  1.00 127.09 ? 15  U   A N1    1 
ATOM   312  C  C2    . U   A 1 15 ? 17.562  7.398   -2.942  1.00 124.65 ? 15  U   A C2    1 
ATOM   313  O  O2    . U   A 1 15 ? 17.903  6.249   -3.163  1.00 122.25 ? 15  U   A O2    1 
ATOM   314  N  N3    . U   A 1 15 ? 16.834  8.139   -3.843  1.00 123.14 ? 15  U   A N3    1 
ATOM   315  C  C4    . U   A 1 15 ? 16.402  9.442   -3.692  1.00 125.45 ? 15  U   A C4    1 
ATOM   316  O  O4    . U   A 1 15 ? 15.750  9.980   -4.590  1.00 128.45 ? 15  U   A O4    1 
ATOM   317  C  C5    . U   A 1 15 ? 16.767  10.051  -2.450  1.00 124.94 ? 15  U   A C5    1 
ATOM   318  C  C6    . U   A 1 15 ? 17.475  9.356   -1.556  1.00 128.01 ? 15  U   A C6    1 
ATOM   319  P  P     . C   A 1 16 ? 21.601  5.841   2.391   1.00 96.97  ? 16  C   A P     1 
ATOM   320  O  OP1   . C   A 1 16 ? 20.799  4.791   3.066   1.00 111.59 ? 16  C   A OP1   1 
ATOM   321  O  OP2   . C   A 1 16 ? 21.970  7.070   3.139   1.00 88.60  ? 16  C   A OP2   1 
ATOM   322  O  "O5'" . C   A 1 16 ? 22.941  5.178   1.850   1.00 101.28 ? 16  C   A "O5'" 1 
ATOM   323  C  "C5'" . C   A 1 16 ? 23.949  5.954   1.219   1.00 86.88  ? 16  C   A "C5'" 1 
ATOM   324  C  "C4'" . C   A 1 16 ? 25.269  5.235   1.271   1.00 84.26  ? 16  C   A "C4'" 1 
ATOM   325  O  "O4'" . C   A 1 16 ? 25.801  5.309   2.622   1.00 77.61  ? 16  C   A "O4'" 1 
ATOM   326  C  "C3'" . C   A 1 16 ? 25.193  3.743   0.980   1.00 88.68  ? 16  C   A "C3'" 1 
ATOM   327  O  "O3'" . C   A 1 16 ? 25.199  3.441   -0.404  1.00 89.16  ? 16  C   A "O3'" 1 
ATOM   328  C  "C2'" . C   A 1 16 ? 26.387  3.190   1.740   1.00 86.91  ? 16  C   A "C2'" 1 
ATOM   329  O  "O2'" . C   A 1 16 ? 27.589  3.440   1.027   1.00 90.73  ? 16  C   A "O2'" 1 
ATOM   330  C  "C1'" . C   A 1 16 ? 26.375  4.073   2.987   1.00 83.35  ? 16  C   A "C1'" 1 
ATOM   331  N  N1    . C   A 1 16 ? 25.554  3.496   4.078   1.00 80.84  ? 16  C   A N1    1 
ATOM   332  C  C2    . C   A 1 16 ? 25.963  2.342   4.762   1.00 77.51  ? 16  C   A C2    1 
ATOM   333  O  O2    . C   A 1 16 ? 27.024  1.781   4.449   1.00 86.16  ? 16  C   A O2    1 
ATOM   334  N  N3    . C   A 1 16 ? 25.182  1.855   5.753   1.00 78.60  ? 16  C   A N3    1 
ATOM   335  C  C4    . C   A 1 16 ? 24.043  2.467   6.082   1.00 84.36  ? 16  C   A C4    1 
ATOM   336  N  N4    . C   A 1 16 ? 23.311  1.944   7.069   1.00 88.07  ? 16  C   A N4    1 
ATOM   337  C  C5    . C   A 1 16 ? 23.605  3.642   5.411   1.00 77.84  ? 16  C   A C5    1 
ATOM   338  C  C6    . C   A 1 16 ? 24.385  4.113   4.434   1.00 79.85  ? 16  C   A C6    1 
ATOM   339  P  P     . C   A 1 17 ? 24.107  2.429   -1.007  1.00 84.46  ? 17  C   A P     1 
ATOM   340  O  OP1   . C   A 1 17 ? 24.095  2.579   -2.485  1.00 98.19  ? 17  C   A OP1   1 
ATOM   341  O  OP2   . C   A 1 17 ? 22.852  2.615   -0.237  1.00 99.48  ? 17  C   A OP2   1 
ATOM   342  O  "O5'" . C   A 1 17 ? 24.685  0.987   -0.658  1.00 94.63  ? 17  C   A "O5'" 1 
ATOM   343  C  "C5'" . C   A 1 17 ? 26.009  0.627   -1.023  1.00 91.80  ? 17  C   A "C5'" 1 
ATOM   344  C  "C4'" . C   A 1 17 ? 26.403  -0.707  -0.441  1.00 84.34  ? 17  C   A "C4'" 1 
ATOM   345  O  "O4'" . C   A 1 17 ? 26.514  -0.605  1.003   1.00 86.46  ? 17  C   A "O4'" 1 
ATOM   346  C  "C3'" . C   A 1 17 ? 25.423  -1.848  -0.652  1.00 79.45  ? 17  C   A "C3'" 1 
ATOM   347  O  "O3'" . C   A 1 17 ? 25.515  -2.429  -1.940  1.00 81.11  ? 17  C   A "O3'" 1 
ATOM   348  C  "C2'" . C   A 1 17 ? 25.785  -2.803  0.476   1.00 78.22  ? 17  C   A "C2'" 1 
ATOM   349  O  "O2'" . C   A 1 17 ? 26.961  -3.530  0.152   1.00 77.30  ? 17  C   A "O2'" 1 
ATOM   350  C  "C1'" . C   A 1 17 ? 26.122  -1.825  1.600   1.00 80.54  ? 17  C   A "C1'" 1 
ATOM   351  N  N1    . C   A 1 17 ? 24.959  -1.570  2.480   1.00 77.99  ? 17  C   A N1    1 
ATOM   352  C  C2    . C   A 1 17 ? 24.618  -2.528  3.438   1.00 80.37  ? 17  C   A C2    1 
ATOM   353  O  O2    . C   A 1 17 ? 25.295  -3.563  3.527   1.00 88.71  ? 17  C   A O2    1 
ATOM   354  N  N3    . C   A 1 17 ? 23.559  -2.303  4.245   1.00 83.30  ? 17  C   A N3    1 
ATOM   355  C  C4    . C   A 1 17 ? 22.854  -1.178  4.122   1.00 82.50  ? 17  C   A C4    1 
ATOM   356  N  N4    . C   A 1 17 ? 21.817  -1.000  4.941   1.00 83.12  ? 17  C   A N4    1 
ATOM   357  C  C5    . C   A 1 17 ? 23.180  -0.184  3.154   1.00 89.35  ? 17  C   A C5    1 
ATOM   358  C  C6    . C   A 1 17 ? 24.231  -0.420  2.362   1.00 87.64  ? 17  C   A C6    1 
ATOM   359  P  P     . G   A 1 18 ? 24.224  -3.112  -2.609  1.00 91.81  ? 18  G   A P     1 
ATOM   360  O  OP1   . G   A 1 18 ? 24.529  -3.350  -4.043  1.00 98.85  ? 18  G   A OP1   1 
ATOM   361  O  OP2   . G   A 1 18 ? 23.031  -2.308  -2.234  1.00 84.22  ? 18  G   A OP2   1 
ATOM   362  O  "O5'" . G   A 1 18 ? 24.110  -4.523  -1.874  1.00 84.58  ? 18  G   A "O5'" 1 
ATOM   363  C  "C5'" . G   A 1 18 ? 25.198  -5.434  -1.877  1.00 81.96  ? 18  G   A "C5'" 1 
ATOM   364  C  "C4'" . G   A 1 18 ? 24.993  -6.554  -0.885  1.00 80.48  ? 18  G   A "C4'" 1 
ATOM   365  O  "O4'" . G   A 1 18 ? 24.824  -6.020  0.453   1.00 81.19  ? 18  G   A "O4'" 1 
ATOM   366  C  "C3'" . G   A 1 18 ? 23.763  -7.419  -1.088  1.00 77.36  ? 18  G   A "C3'" 1 
ATOM   367  O  "O3'" . G   A 1 18 ? 23.930  -8.383  -2.112  1.00 84.35  ? 18  G   A "O3'" 1 
ATOM   368  C  "C2'" . G   A 1 18 ? 23.560  -8.030  0.292   1.00 82.38  ? 18  G   A "C2'" 1 
ATOM   369  O  "O2'" . G   A 1 18 ? 24.455  -9.113  0.493   1.00 82.48  ? 18  G   A "O2'" 1 
ATOM   370  C  "C1'" . G   A 1 18 ? 23.981  -6.875  1.204   1.00 80.68  ? 18  G   A "C1'" 1 
ATOM   371  N  N9    . G   A 1 18 ? 22.822  -6.104  1.699   1.00 83.40  ? 18  G   A N9    1 
ATOM   372  C  C8    . G   A 1 18 ? 22.404  -4.857  1.295   1.00 81.51  ? 18  G   A C8    1 
ATOM   373  N  N7    . G   A 1 18 ? 21.339  -4.439  1.927   1.00 80.36  ? 18  G   A N7    1 
ATOM   374  C  C5    . G   A 1 18 ? 21.033  -5.473  2.804   1.00 81.50  ? 18  G   A C5    1 
ATOM   375  C  C6    . G   A 1 18 ? 19.985  -5.600  3.750   1.00 80.90  ? 18  G   A C6    1 
ATOM   376  O  O6    . G   A 1 18 ? 19.083  -4.797  4.015   1.00 80.08  ? 18  G   A O6    1 
ATOM   377  N  N1    . G   A 1 18 ? 20.050  -6.813  4.427   1.00 77.69  ? 18  G   A N1    1 
ATOM   378  C  C2    . G   A 1 18 ? 20.996  -7.785  4.228   1.00 74.69  ? 18  G   A C2    1 
ATOM   379  N  N2    . G   A 1 18 ? 20.877  -8.883  4.989   1.00 77.24  ? 18  G   A N2    1 
ATOM   380  N  N3    . G   A 1 18 ? 21.980  -7.679  3.348   1.00 78.21  ? 18  G   A N3    1 
ATOM   381  C  C4    . G   A 1 18 ? 21.938  -6.507  2.676   1.00 81.16  ? 18  G   A C4    1 
ATOM   382  P  P     . A   A 1 19 ? 22.656  -8.925  -2.925  1.00 91.75  ? 19  A   A P     1 
ATOM   383  O  OP1   . A   A 1 19 ? 23.158  -9.601  -4.148  1.00 80.42  ? 19  A   A OP1   1 
ATOM   384  O  OP2   . A   A 1 19 ? 21.671  -7.816  -3.034  1.00 78.57  ? 19  A   A OP2   1 
ATOM   385  O  "O5'" . A   A 1 19 ? 22.037  -10.041 -1.973  1.00 78.39  ? 19  A   A "O5'" 1 
ATOM   386  C  "C5'" . A   A 1 19 ? 22.830  -11.124 -1.514  1.00 78.57  ? 19  A   A "C5'" 1 
ATOM   387  C  "C4'" . A   A 1 19 ? 22.154  -11.855 -0.385  1.00 76.06  ? 19  A   A "C4'" 1 
ATOM   388  O  "O4'" . A   A 1 19 ? 22.092  -11.007 0.793   1.00 77.91  ? 19  A   A "O4'" 1 
ATOM   389  C  "C3'" . A   A 1 19 ? 20.707  -12.251 -0.621  1.00 70.62  ? 19  A   A "C3'" 1 
ATOM   390  O  "O3'" . A   A 1 19 ? 20.569  -13.409 -1.425  1.00 72.49  ? 19  A   A "O3'" 1 
ATOM   391  C  "C2'" . A   A 1 19 ? 20.178  -12.413 0.798   1.00 76.38  ? 19  A   A "C2'" 1 
ATOM   392  O  "O2'" . A   A 1 19 ? 20.609  -13.644 1.357   1.00 74.11  ? 19  A   A "O2'" 1 
ATOM   393  C  "C1'" . A   A 1 19 ? 20.907  -11.276 1.515   1.00 78.27  ? 19  A   A "C1'" 1 
ATOM   394  N  N9    . A   A 1 19 ? 20.092  -10.045 1.567   1.00 78.39  ? 19  A   A N9    1 
ATOM   395  C  C8    . A   A 1 19 ? 20.245  -8.895  0.833   1.00 78.78  ? 19  A   A C8    1 
ATOM   396  N  N7    . A   A 1 19 ? 19.356  -7.969  1.101   1.00 77.72  ? 19  A   A N7    1 
ATOM   397  C  C5    . A   A 1 19 ? 18.559  -8.549  2.079   1.00 81.17  ? 19  A   A C5    1 
ATOM   398  C  C6    . A   A 1 19 ? 17.436  -8.083  2.787   1.00 73.51  ? 19  A   A C6    1 
ATOM   399  N  N6    . A   A 1 19 ? 16.896  -6.876  2.612   1.00 75.34  ? 19  A   A N6    1 
ATOM   400  N  N1    . A   A 1 19 ? 16.876  -8.913  3.694   1.00 81.28  ? 19  A   A N1    1 
ATOM   401  C  C2    . A   A 1 19 ? 17.414  -10.126 3.872   1.00 84.58  ? 19  A   A C2    1 
ATOM   402  N  N3    . A   A 1 19 ? 18.466  -10.676 3.268   1.00 79.16  ? 19  A   A N3    1 
ATOM   403  C  C4    . A   A 1 19 ? 19.000  -9.827  2.373   1.00 79.35  ? 19  A   A C4    1 
ATOM   404  P  P     . G   A 1 20 ? 19.373  -13.508 -2.495  1.00 79.95  ? 20  G   A P     1 
ATOM   405  O  OP1   . G   A 1 20 ? 19.686  -14.598 -3.454  1.00 93.72  ? 20  G   A OP1   1 
ATOM   406  O  OP2   . G   A 1 20 ? 19.101  -12.141 -3.008  1.00 84.51  ? 20  G   A OP2   1 
ATOM   407  O  "O5'" . G   A 1 20 ? 18.123  -13.961 -1.619  1.00 73.95  ? 20  G   A "O5'" 1 
ATOM   408  C  "C5'" . G   A 1 20 ? 18.190  -15.121 -0.805  1.00 78.99  ? 20  G   A "C5'" 1 
ATOM   409  C  "C4'" . G   A 1 20 ? 17.140  -15.101 0.276   1.00 72.17  ? 20  G   A "C4'" 1 
ATOM   410  O  "O4'" . G   A 1 20 ? 17.360  -13.967 1.156   1.00 77.43  ? 20  G   A "O4'" 1 
ATOM   411  C  "C3'" . G   A 1 20 ? 15.704  -14.926 -0.193  1.00 69.10  ? 20  G   A "C3'" 1 
ATOM   412  O  "O3'" . G   A 1 20 ? 15.126  -16.133 -0.659  1.00 60.53  ? 20  G   A "O3'" 1 
ATOM   413  C  "C2'" . G   A 1 20 ? 15.021  -14.357 1.043   1.00 75.29  ? 20  G   A "C2'" 1 
ATOM   414  O  "O2'" . G   A 1 20 ? 14.757  -15.386 1.986   1.00 73.27  ? 20  G   A "O2'" 1 
ATOM   415  C  "C1'" . G   A 1 20 ? 16.122  -13.461 1.608   1.00 76.24  ? 20  G   A "C1'" 1 
ATOM   416  N  N9    . G   A 1 20 ? 15.989  -12.063 1.155   1.00 82.95  ? 20  G   A N9    1 
ATOM   417  C  C8    . G   A 1 20 ? 16.837  -11.378 0.319   1.00 82.77  ? 20  G   A C8    1 
ATOM   418  N  N7    . G   A 1 20 ? 16.462  -10.147 0.099   1.00 80.87  ? 20  G   A N7    1 
ATOM   419  C  C5    . G   A 1 20 ? 15.294  -10.007 0.837   1.00 72.03  ? 20  G   A C5    1 
ATOM   420  C  C6    . G   A 1 20 ? 14.433  -8.892  0.989   1.00 75.89  ? 20  G   A C6    1 
ATOM   421  O  O6    . G   A 1 20 ? 14.536  -7.766  0.486   1.00 91.05  ? 20  G   A O6    1 
ATOM   422  N  N1    . G   A 1 20 ? 13.360  -9.181  1.826   1.00 73.92  ? 20  G   A N1    1 
ATOM   423  C  C2    . G   A 1 20 ? 13.144  -10.390 2.437   1.00 76.53  ? 20  G   A C2    1 
ATOM   424  N  N2    . G   A 1 20 ? 12.050  -10.474 3.207   1.00 78.45  ? 20  G   A N2    1 
ATOM   425  N  N3    . G   A 1 20 ? 13.938  -11.440 2.303   1.00 83.23  ? 20  G   A N3    1 
ATOM   426  C  C4    . G   A 1 20 ? 14.987  -11.180 1.495   1.00 79.09  ? 20  G   A C4    1 
ATOM   427  P  P     . U   A 1 21 ? 13.945  -16.094 -1.746  1.00 76.29  ? 21  U   A P     1 
ATOM   428  O  OP1   . U   A 1 21 ? 13.717  -17.480 -2.229  1.00 91.06  ? 21  U   A OP1   1 
ATOM   429  O  OP2   . U   A 1 21 ? 14.247  -15.015 -2.720  1.00 78.07  ? 21  U   A OP2   1 
ATOM   430  O  "O5'" . U   A 1 21 ? 12.667  -15.652 -0.906  1.00 70.72  ? 21  U   A "O5'" 1 
ATOM   431  C  "C5'" . U   A 1 21 ? 12.207  -16.436 0.186   1.00 71.16  ? 21  U   A "C5'" 1 
ATOM   432  C  "C4'" . U   A 1 21 ? 10.963  -15.846 0.799   1.00 78.61  ? 21  U   A "C4'" 1 
ATOM   433  O  "O4'" . U   A 1 21 ? 11.293  -14.624 1.507   1.00 74.00  ? 21  U   A "O4'" 1 
ATOM   434  C  "C3'" . U   A 1 21 ? 9.883   -15.425 -0.184  1.00 69.90  ? 21  U   A "C3'" 1 
ATOM   435  O  "O3'" . U   A 1 21 ? 9.084   -16.509 -0.621  1.00 72.59  ? 21  U   A "O3'" 1 
ATOM   436  C  "C2'" . U   A 1 21 ? 9.113   -14.371 0.598   1.00 69.13  ? 21  U   A "C2'" 1 
ATOM   437  O  "O2'" . U   A 1 21 ? 8.230   -14.983 1.525   1.00 68.41  ? 21  U   A "O2'" 1 
ATOM   438  C  "C1'" . U   A 1 21 ? 10.240  -13.692 1.378   1.00 71.25  ? 21  U   A "C1'" 1 
ATOM   439  N  N1    . U   A 1 21 ? 10.759  -12.493 0.683   1.00 79.93  ? 21  U   A N1    1 
ATOM   440  C  C2    . U   A 1 21 ? 10.060  -11.308 0.832   1.00 74.30  ? 21  U   A C2    1 
ATOM   441  O  O2    . U   A 1 21 ? 9.044   -11.214 1.502   1.00 67.74  ? 21  U   A O2    1 
ATOM   442  N  N3    . U   A 1 21 ? 10.595  -10.234 0.163   1.00 74.53  ? 21  U   A N3    1 
ATOM   443  C  C4    . U   A 1 21 ? 11.734  -10.225 -0.619  1.00 81.67  ? 21  U   A C4    1 
ATOM   444  O  O4    . U   A 1 21 ? 12.091  -9.175  -1.157  1.00 75.38  ? 21  U   A O4    1 
ATOM   445  C  C5    . U   A 1 21 ? 12.400  -11.488 -0.721  1.00 79.25  ? 21  U   A C5    1 
ATOM   446  C  C6    . U   A 1 21 ? 11.903  -12.551 -0.082  1.00 69.54  ? 21  U   A C6    1 
ATOM   447  P  P     . U   A 1 22 ? 8.755   -16.684 -2.182  1.00 79.60  ? 22  U   A P     1 
ATOM   448  O  OP1   . U   A 1 22 ? 8.375   -18.101 -2.420  1.00 91.28  ? 22  U   A OP1   1 
ATOM   449  O  OP2   . U   A 1 22 ? 9.869   -16.072 -2.953  1.00 70.56  ? 22  U   A OP2   1 
ATOM   450  O  "O5'" . U   A 1 22 ? 7.465   -15.779 -2.404  1.00 86.51  ? 22  U   A "O5'" 1 
ATOM   451  C  "C5'" . U   A 1 22 ? 6.371   -15.832 -1.500  1.00 79.24  ? 22  U   A "C5'" 1 
ATOM   452  C  "C4'" . U   A 1 22 ? 5.437   -14.671 -1.717  1.00 78.67  ? 22  U   A "C4'" 1 
ATOM   453  O  "O4'" . U   A 1 22 ? 5.955   -13.488 -1.059  1.00 75.76  ? 22  U   A "O4'" 1 
ATOM   454  C  "C3'" . U   A 1 22 ? 5.257   -14.242 -3.163  1.00 84.92  ? 22  U   A "C3'" 1 
ATOM   455  O  "O3'" . U   A 1 22 ? 4.323   -15.049 -3.856  1.00 82.18  ? 22  U   A "O3'" 1 
ATOM   456  C  "C2'" . U   A 1 22 ? 4.830   -12.785 -3.035  1.00 82.12  ? 22  U   A "C2'" 1 
ATOM   457  O  "O2'" . U   A 1 22 ? 3.446   -12.693 -2.739  1.00 79.82  ? 22  U   A "O2'" 1 
ATOM   458  C  "C1'" . U   A 1 22 ? 5.620   -12.337 -1.804  1.00 80.06  ? 22  U   A "C1'" 1 
ATOM   459  N  N1    . U   A 1 22 ? 6.866   -11.621 -2.162  1.00 86.62  ? 22  U   A N1    1 
ATOM   460  C  C2    . U   A 1 22 ? 6.756   -10.290 -2.516  1.00 77.60  ? 22  U   A C2    1 
ATOM   461  O  O2    . U   A 1 22 ? 5.692   -9.695  -2.549  1.00 69.20  ? 22  U   A O2    1 
ATOM   462  N  N3    . U   A 1 22 ? 7.941   -9.676  -2.834  1.00 71.82  ? 22  U   A N3    1 
ATOM   463  C  C4    . U   A 1 22 ? 9.195   -10.249 -2.829  1.00 75.47  ? 22  U   A C4    1 
ATOM   464  O  O4    . U   A 1 22 ? 10.168  -9.562  -3.139  1.00 79.87  ? 22  U   A O4    1 
ATOM   465  C  C5    . U   A 1 22 ? 9.225   -11.629 -2.451  1.00 75.36  ? 22  U   A C5    1 
ATOM   466  C  C6    . U   A 1 22 ? 8.085   -12.253 -2.136  1.00 72.58  ? 22  U   A C6    1 
ATOM   467  P  P     . G   A 1 23 ? 4.691   -15.642 -5.301  1.00 88.04  ? 23  G   A P     1 
ATOM   468  O  OP1   . G   A 1 23 ? 3.658   -16.648 -5.655  1.00 110.48 ? 23  G   A OP1   1 
ATOM   469  O  OP2   . G   A 1 23 ? 6.127   -16.022 -5.289  1.00 99.86  ? 23  G   A OP2   1 
ATOM   470  O  "O5'" . G   A 1 23 ? 4.505   -14.398 -6.277  1.00 93.68  ? 23  G   A "O5'" 1 
ATOM   471  C  "C5'" . G   A 1 23 ? 3.249   -13.747 -6.377  1.00 92.14  ? 23  G   A "C5'" 1 
ATOM   472  C  "C4'" . G   A 1 23 ? 3.385   -12.345 -6.916  1.00 91.69  ? 23  G   A "C4'" 1 
ATOM   473  O  "O4'" . G   A 1 23 ? 4.123   -11.516 -5.981  1.00 84.85  ? 23  G   A "O4'" 1 
ATOM   474  C  "C3'" . G   A 1 23 ? 4.161   -12.196 -8.212  1.00 96.46  ? 23  G   A "C3'" 1 
ATOM   475  O  "O3'" . G   A 1 23 ? 3.415   -12.560 -9.357  1.00 103.82 ? 23  G   A "O3'" 1 
ATOM   476  C  "C2'" . G   A 1 23 ? 4.563   -10.727 -8.180  1.00 84.69  ? 23  G   A "C2'" 1 
ATOM   477  O  "O2'" . G   A 1 23 ? 3.469   -9.900  -8.546  1.00 82.61  ? 23  G   A "O2'" 1 
ATOM   478  C  "C1'" . G   A 1 23 ? 4.844   -10.528 -6.689  1.00 85.48  ? 23  G   A "C1'" 1 
ATOM   479  N  N9    . G   A 1 23 ? 6.282   -10.661 -6.384  1.00 88.15  ? 23  G   A N9    1 
ATOM   480  C  C8    . G   A 1 23 ? 6.974   -11.784 -6.000  1.00 88.71  ? 23  G   A C8    1 
ATOM   481  N  N7    . G   A 1 23 ? 8.249   -11.560 -5.821  1.00 90.12  ? 23  G   A N7    1 
ATOM   482  C  C5    . G   A 1 23 ? 8.408   -10.212 -6.111  1.00 86.06  ? 23  G   A C5    1 
ATOM   483  C  C6    . G   A 1 23 ? 9.566   -9.390  -6.096  1.00 86.64  ? 23  G   A C6    1 
ATOM   484  O  O6    . G   A 1 23 ? 10.729  -9.702  -5.813  1.00 96.02  ? 23  G   A O6    1 
ATOM   485  N  N1    . G   A 1 23 ? 9.269   -8.081  -6.460  1.00 86.01  ? 23  G   A N1    1 
ATOM   486  C  C2    . G   A 1 23 ? 8.019   -7.619  -6.796  1.00 85.45  ? 23  G   A C2    1 
ATOM   487  N  N2    . G   A 1 23 ? 7.928   -6.322  -7.118  1.00 86.91  ? 23  G   A N2    1 
ATOM   488  N  N3    . G   A 1 23 ? 6.934   -8.372  -6.815  1.00 89.11  ? 23  G   A N3    1 
ATOM   489  C  C4    . G   A 1 23 ? 7.202   -9.647  -6.464  1.00 91.60  ? 23  G   A C4    1 
ATOM   490  P  P     . C   A 1 24 ? 4.136   -13.359 -10.550 1.00 104.92 ? 24  C   A P     1 
ATOM   491  O  OP1   . C   A 1 24 ? 3.185   -13.455 -11.685 1.00 104.35 ? 24  C   A OP1   1 
ATOM   492  O  OP2   . C   A 1 24 ? 4.725   -14.597 -9.978  1.00 115.11 ? 24  C   A OP2   1 
ATOM   493  O  "O5'" . C   A 1 24 ? 5.329   -12.395 -10.981 1.00 107.09 ? 24  C   A "O5'" 1 
ATOM   494  C  "C5'" . C   A 1 24 ? 6.305   -12.815 -11.921 1.00 104.92 ? 24  C   A "C5'" 1 
ATOM   495  C  "C4'" . C   A 1 24 ? 6.740   -11.677 -12.811 1.00 111.47 ? 24  C   A "C4'" 1 
ATOM   496  O  "O4'" . C   A 1 24 ? 5.630   -11.247 -13.638 1.00 109.91 ? 24  C   A "O4'" 1 
ATOM   497  C  "C3'" . C   A 1 24 ? 7.196   -10.409 -12.105 1.00 105.48 ? 24  C   A "C3'" 1 
ATOM   498  O  "O3'" . C   A 1 24 ? 8.544   -10.487 -11.674 1.00 104.68 ? 24  C   A "O3'" 1 
ATOM   499  C  "C2'" . C   A 1 24 ? 6.963   -9.330  -13.159 1.00 101.14 ? 24  C   A "C2'" 1 
ATOM   500  O  "O2'" . C   A 1 24 ? 8.043   -9.291  -14.080 1.00 109.67 ? 24  C   A "O2'" 1 
ATOM   501  C  "C1'" . C   A 1 24 ? 5.725   -9.861  -13.888 1.00 104.96 ? 24  C   A "C1'" 1 
ATOM   502  N  N1    . C   A 1 24 ? 4.468   -9.208  -13.451 1.00 103.06 ? 24  C   A N1    1 
ATOM   503  C  C2    . C   A 1 24 ? 4.156   -7.935  -13.940 1.00 108.08 ? 24  C   A C2    1 
ATOM   504  O  O2    . C   A 1 24 ? 4.948   -7.378  -14.715 1.00 108.97 ? 24  C   A O2    1 
ATOM   505  N  N3    . C   A 1 24 ? 3.003   -7.338  -13.550 1.00 105.51 ? 24  C   A N3    1 
ATOM   506  C  C4    . C   A 1 24 ? 2.174   -7.967  -12.715 1.00 101.33 ? 24  C   A C4    1 
ATOM   507  N  N4    . C   A 1 24 ? 1.048   -7.346  -12.355 1.00 101.92 ? 24  C   A N4    1 
ATOM   508  C  C5    . C   A 1 24 ? 2.464   -9.267  -12.208 1.00 107.18 ? 24  C   A C5    1 
ATOM   509  C  C6    . C   A 1 24 ? 3.606   -9.845  -12.602 1.00 104.84 ? 24  C   A C6    1 
ATOM   510  P  P     . A   A 1 25 ? 8.970   -9.975  -10.212 1.00 111.19 ? 25  A   A P     1 
ATOM   511  O  OP1   . A   A 1 25 ? 10.407  -10.296 -10.015 1.00 101.65 ? 25  A   A OP1   1 
ATOM   512  O  OP2   . A   A 1 25 ? 7.972   -10.476 -9.236  1.00 106.21 ? 25  A   A OP2   1 
ATOM   513  O  "O5'" . A   A 1 25 ? 8.832   -8.390  -10.301 1.00 102.93 ? 25  A   A "O5'" 1 
ATOM   514  C  "C5'" . A   A 1 25 ? 9.589   -7.639  -11.239 1.00 99.63  ? 25  A   A "C5'" 1 
ATOM   515  C  "C4'" . A   A 1 25 ? 9.029   -6.250  -11.400 1.00 94.79  ? 25  A   A "C4'" 1 
ATOM   516  O  "O4'" . A   A 1 25 ? 7.670   -6.333  -11.900 1.00 100.25 ? 25  A   A "O4'" 1 
ATOM   517  C  "C3'" . A   A 1 25 ? 8.906   -5.435  -10.120 1.00 85.80  ? 25  A   A "C3'" 1 
ATOM   518  O  "O3'" . A   A 1 25 ? 10.121  -4.808  -9.746  1.00 83.38  ? 25  A   A "O3'" 1 
ATOM   519  C  "C2'" . A   A 1 25 ? 7.788   -4.454  -10.453 1.00 100.50 ? 25  A   A "C2'" 1 
ATOM   520  O  "O2'" . A   A 1 25 ? 8.282   -3.384  -11.245 1.00 111.87 ? 25  A   A "O2'" 1 
ATOM   521  C  "C1'" . A   A 1 25 ? 6.876   -5.319  -11.323 1.00 94.03  ? 25  A   A "C1'" 1 
ATOM   522  N  N9    . A   A 1 25 ? 5.797   -5.959  -10.544 1.00 93.07  ? 25  A   A N9    1 
ATOM   523  C  C8    . A   A 1 25 ? 5.878   -7.080  -9.754  1.00 92.99  ? 25  A   A C8    1 
ATOM   524  N  N7    . A   A 1 25 ? 4.745   -7.413  -9.186  1.00 91.52  ? 25  A   A N7    1 
ATOM   525  C  C5    . A   A 1 25 ? 3.854   -6.447  -9.630  1.00 90.34  ? 25  A   A C5    1 
ATOM   526  C  C6    . A   A 1 25 ? 2.484   -6.239  -9.386  1.00 95.04  ? 25  A   A C6    1 
ATOM   527  N  N6    . A   A 1 25 ? 1.745   -7.027  -8.600  1.00 89.29  ? 25  A   A N6    1 
ATOM   528  N  N1    . A   A 1 25 ? 1.892   -5.181  -9.981  1.00 89.65  ? 25  A   A N1    1 
ATOM   529  C  C2    . A   A 1 25 ? 2.635   -4.391  -10.769 1.00 92.86  ? 25  A   A C2    1 
ATOM   530  N  N3    . A   A 1 25 ? 3.928   -4.484  -11.075 1.00 97.26  ? 25  A   A N3    1 
ATOM   531  C  C4    . A   A 1 25 ? 4.488   -5.543  -10.466 1.00 96.07  ? 25  A   A C4    1 
ATOM   532  P  P     . A   A 1 26 ? 11.117  -5.523  -8.707  1.00 102.37 ? 26  A   A P     1 
ATOM   533  O  OP1   . A   A 1 26 ? 12.489  -5.478  -9.275  1.00 106.42 ? 26  A   A OP1   1 
ATOM   534  O  OP2   . A   A 1 26 ? 10.524  -6.827  -8.320  1.00 80.92  ? 26  A   A OP2   1 
ATOM   535  O  "O5'" . A   A 1 26 ? 11.081  -4.584  -7.420  1.00 99.18  ? 26  A   A "O5'" 1 
ATOM   536  C  "C5'" . A   A 1 26 ? 10.408  -3.330  -7.445  1.00 82.78  ? 26  A   A "C5'" 1 
ATOM   537  C  "C4'" . A   A 1 26 ? 10.264  -2.746  -6.060  1.00 80.74  ? 26  A   A "C4'" 1 
ATOM   538  O  "O4'" . A   A 1 26 ? 9.059   -3.263  -5.430  1.00 79.54  ? 26  A   A "O4'" 1 
ATOM   539  C  "C3'" . A   A 1 26 ? 11.413  -3.045  -5.092  1.00 80.21  ? 26  A   A "C3'" 1 
ATOM   540  O  "O3'" . A   A 1 26 ? 11.603  -1.927  -4.225  1.00 91.97  ? 26  A   A "O3'" 1 
ATOM   541  C  "C2'" . A   A 1 26 ? 10.860  -4.209  -4.276  1.00 76.24  ? 26  A   A "C2'" 1 
ATOM   542  O  "O2'" . A   A 1 26 ? 11.454  -4.372  -3.004  1.00 87.58  ? 26  A   A "O2'" 1 
ATOM   543  C  "C1'" . A   A 1 26 ? 9.390   -3.817  -4.172  1.00 76.34  ? 26  A   A "C1'" 1 
ATOM   544  N  N9    . A   A 1 26 ? 8.472   -4.922  -3.883  1.00 76.70  ? 26  A   A N9    1 
ATOM   545  C  C8    . A   A 1 26 ? 8.719   -6.272  -3.864  1.00 77.40  ? 26  A   A C8    1 
ATOM   546  N  N7    . A   A 1 26 ? 7.666   -6.993  -3.553  1.00 82.54  ? 26  A   A N7    1 
ATOM   547  C  C5    . A   A 1 26 ? 6.663   -6.054  -3.351  1.00 79.90  ? 26  A   A C5    1 
ATOM   548  C  C6    . A   A 1 26 ? 5.305   -6.166  -2.998  1.00 75.13  ? 26  A   A C6    1 
ATOM   549  N  N6    . A   A 1 26 ? 4.688   -7.328  -2.774  1.00 76.20  ? 26  A   A N6    1 
ATOM   550  N  N1    . A   A 1 26 ? 4.588   -5.027  -2.880  1.00 75.02  ? 26  A   A N1    1 
ATOM   551  C  C2    . A   A 1 26 ? 5.201   -3.857  -3.103  1.00 76.64  ? 26  A   A C2    1 
ATOM   552  N  N3    . A   A 1 26 ? 6.467   -3.623  -3.441  1.00 78.50  ? 26  A   A N3    1 
ATOM   553  C  C4    . A   A 1 26 ? 7.150   -4.776  -3.549  1.00 82.85  ? 26  A   A C4    1 
ATOM   554  P  P     . G   A 1 27 ? 12.359  -0.605  -4.740  1.00 85.50  ? 27  G   A P     1 
ATOM   555  O  OP1   . G   A 1 27 ? 11.485  0.096   -5.715  1.00 78.56  ? 27  G   A OP1   1 
ATOM   556  O  OP2   . G   A 1 27 ? 13.737  -0.992  -5.134  1.00 85.19  ? 27  G   A OP2   1 
ATOM   557  O  "O5'" . G   A 1 27 ? 12.450  0.314   -3.441  1.00 79.39  ? 27  G   A "O5'" 1 
ATOM   558  C  "C5'" . G   A 1 27 ? 13.147  -0.123  -2.277  1.00 82.12  ? 27  G   A "C5'" 1 
ATOM   559  C  "C4'" . G   A 1 27 ? 12.819  0.729   -1.075  1.00 83.65  ? 27  G   A "C4'" 1 
ATOM   560  O  "O4'" . G   A 1 27 ? 12.736  2.123   -1.486  1.00 89.60  ? 27  G   A "O4'" 1 
ATOM   561  C  "C3'" . G   A 1 27 ? 11.488  0.413   -0.393  1.00 70.78  ? 27  G   A "C3'" 1 
ATOM   562  O  "O3'" . G   A 1 27 ? 11.603  0.695   1.002   1.00 63.47  ? 27  G   A "O3'" 1 
ATOM   563  C  "C2'" . G   A 1 27 ? 10.546  1.425   -1.032  1.00 85.55  ? 27  G   A "C2'" 1 
ATOM   564  O  "O2'" . G   A 1 27 ? 9.388   1.712   -0.279  1.00 91.41  ? 27  G   A "O2'" 1 
ATOM   565  C  "C1'" . G   A 1 27 ? 11.460  2.639   -1.154  1.00 85.06  ? 27  G   A "C1'" 1 
ATOM   566  N  N9    . G   A 1 27 ? 11.057  3.597   -2.186  1.00 87.56  ? 27  G   A N9    1 
ATOM   567  C  C8    . G   A 1 27 ? 10.832  3.358   -3.519  1.00 88.12  ? 27  G   A C8    1 
ATOM   568  N  N7    . G   A 1 27 ? 10.484  4.433   -4.177  1.00 90.79  ? 27  G   A N7    1 
ATOM   569  C  C5    . G   A 1 27 ? 10.480  5.438   -3.219  1.00 98.45  ? 27  G   A C5    1 
ATOM   570  C  C6    . G   A 1 27 ? 10.182  6.822   -3.332  1.00 99.39  ? 27  G   A C6    1 
ATOM   571  O  O6    . G   A 1 27 ? 9.850   7.461   -4.338  1.00 96.36  ? 27  G   A O6    1 
ATOM   572  N  N1    . G   A 1 27 ? 10.304  7.471   -2.107  1.00 100.12 ? 27  G   A N1    1 
ATOM   573  C  C2    . G   A 1 27 ? 10.665  6.871   -0.925  1.00 98.14  ? 27  G   A C2    1 
ATOM   574  N  N2    . G   A 1 27 ? 10.729  7.663   0.156   1.00 108.88 ? 27  G   A N2    1 
ATOM   575  N  N3    . G   A 1 27 ? 10.944  5.585   -0.808  1.00 98.03  ? 27  G   A N3    1 
ATOM   576  C  C4    . G   A 1 27 ? 10.834  4.937   -1.986  1.00 98.13  ? 27  G   A C4    1 
ATOM   577  P  P     . A   A 1 28 ? 11.440  -0.478  2.087   1.00 80.77  ? 28  A   A P     1 
ATOM   578  O  OP1   . A   A 1 28 ? 12.253  -0.127  3.278   1.00 86.24  ? 28  A   A OP1   1 
ATOM   579  O  OP2   . A   A 1 28 ? 11.669  -1.774  1.399   1.00 101.90 ? 28  A   A OP2   1 
ATOM   580  O  "O5'" . A   A 1 28 ? 9.905   -0.403  2.507   1.00 72.11  ? 28  A   A "O5'" 1 
ATOM   581  C  "C5'" . A   A 1 28 ? 9.041   -1.515  2.302   1.00 72.17  ? 28  A   A "C5'" 1 
ATOM   582  C  "C4'" . A   A 1 28 ? 8.154   -1.306  1.102   1.00 71.62  ? 28  A   A "C4'" 1 
ATOM   583  O  "O4'" . A   A 1 28 ? 8.030   -2.557  0.374   1.00 80.20  ? 28  A   A "O4'" 1 
ATOM   584  C  "C3'" . A   A 1 28 ? 6.731   -0.836  1.405   1.00 86.14  ? 28  A   A "C3'" 1 
ATOM   585  O  "O3'" . A   A 1 28 ? 6.312   0.100   0.412   1.00 92.87  ? 28  A   A "O3'" 1 
ATOM   586  C  "C2'" . A   A 1 28 ? 5.912   -2.119  1.291   1.00 82.87  ? 28  A   A "C2'" 1 
ATOM   587  O  "O2'" . A   A 1 28 ? 4.556   -1.920  0.948   1.00 90.93  ? 28  A   A "O2'" 1 
ATOM   588  C  "C1'" . A   A 1 28 ? 6.666   -2.884  0.203   1.00 79.36  ? 28  A   A "C1'" 1 
ATOM   589  N  N9    . A   A 1 28 ? 6.524   -4.340  0.311   1.00 73.03  ? 28  A   A N9    1 
ATOM   590  C  C8    . A   A 1 28 ? 5.403   -5.015  0.719   1.00 71.54  ? 28  A   A C8    1 
ATOM   591  N  N7    . A   A 1 28 ? 5.529   -6.318  0.725   1.00 75.52  ? 28  A   A N7    1 
ATOM   592  C  C5    . A   A 1 28 ? 6.826   -6.525  0.282   1.00 78.51  ? 28  A   A C5    1 
ATOM   593  C  C6    . A   A 1 28 ? 7.569   -7.700  0.067   1.00 75.58  ? 28  A   A C6    1 
ATOM   594  N  N6    . A   A 1 28 ? 7.087   -8.927  0.280   1.00 69.00  ? 28  A   A N6    1 
ATOM   595  N  N1    . A   A 1 28 ? 8.837   -7.572  -0.378  1.00 72.78  ? 28  A   A N1    1 
ATOM   596  C  C2    . A   A 1 28 ? 9.314   -6.339  -0.588  1.00 72.45  ? 28  A   A C2    1 
ATOM   597  N  N3    . A   A 1 28 ? 8.713   -5.161  -0.425  1.00 79.97  ? 28  A   A N3    1 
ATOM   598  C  C4    . A   A 1 28 ? 7.451   -5.319  0.015   1.00 77.79  ? 28  A   A C4    1 
ATOM   599  P  P     . G   A 1 29 ? 5.367   1.343   0.809   1.00 74.42  ? 29  G   A P     1 
ATOM   600  O  OP1   . G   A 1 29 ? 4.061   0.794   1.256   1.00 83.56  ? 29  G   A OP1   1 
ATOM   601  O  OP2   . G   A 1 29 ? 5.414   2.313   -0.314  1.00 81.92  ? 29  G   A OP2   1 
ATOM   602  O  "O5'" . G   A 1 29 ? 6.077   2.017   2.071   1.00 76.56  ? 29  G   A "O5'" 1 
ATOM   603  C  "C5'" . G   A 1 29 ? 7.394   2.542   1.975   1.00 79.95  ? 29  G   A "C5'" 1 
ATOM   604  C  "C4'" . G   A 1 29 ? 7.513   3.933   2.550   1.00 93.42  ? 29  G   A "C4'" 1 
ATOM   605  O  "O4'" . G   A 1 29 ? 8.413   4.709   1.714   1.00 94.93  ? 29  G   A "O4'" 1 
ATOM   606  C  "C3'" . G   A 1 29 ? 6.237   4.767   2.606   1.00 91.97  ? 29  G   A "C3'" 1 
ATOM   607  O  "O3'" . G   A 1 29 ? 5.460   4.508   3.765   1.00 86.03  ? 29  G   A "O3'" 1 
ATOM   608  C  "C2'" . G   A 1 29 ? 6.764   6.196   2.549   1.00 90.38  ? 29  G   A "C2'" 1 
ATOM   609  O  "O2'" . G   A 1 29 ? 7.230   6.608   3.826   1.00 96.40  ? 29  G   A "O2'" 1 
ATOM   610  C  "C1'" . G   A 1 29 ? 7.968   6.042   1.623   1.00 89.30  ? 29  G   A "C1'" 1 
ATOM   611  N  N9    . G   A 1 29 ? 7.624   6.322   0.217   1.00 91.26  ? 29  G   A N9    1 
ATOM   612  C  C8    . G   A 1 29 ? 7.531   5.410   -0.807  1.00 94.56  ? 29  G   A C8    1 
ATOM   613  N  N7    . G   A 1 29 ? 7.208   5.953   -1.949  1.00 97.62  ? 29  G   A N7    1 
ATOM   614  C  C5    . G   A 1 29 ? 7.082   7.306   -1.664  1.00 103.45 ? 29  G   A C5    1 
ATOM   615  C  C6    . G   A 1 29 ? 6.747   8.396   -2.508  1.00 107.35 ? 29  G   A C6    1 
ATOM   616  O  O6    . G   A 1 29 ? 6.487   8.384   -3.717  1.00 111.68 ? 29  G   A O6    1 
ATOM   617  N  N1    . G   A 1 29 ? 6.731   9.598   -1.807  1.00 104.12 ? 29  G   A N1    1 
ATOM   618  C  C2    . G   A 1 29 ? 7.001   9.736   -0.469  1.00 105.09 ? 29  G   A C2    1 
ATOM   619  N  N2    . G   A 1 29 ? 6.934   10.981  0.024   1.00 111.89 ? 29  G   A N2    1 
ATOM   620  N  N3    . G   A 1 29 ? 7.314   8.729   0.329   1.00 100.76 ? 29  G   A N3    1 
ATOM   621  C  C4    . G   A 1 29 ? 7.337   7.550   -0.331  1.00 100.36 ? 29  G   A C4    1 
ATOM   622  P  P     . A   A 1 30 ? 3.902   4.910   3.820   1.00 91.09  ? 30  A   A P     1 
ATOM   623  O  OP1   . A   A 1 30 ? 3.377   4.499   5.147   1.00 80.69  ? 30  A   A OP1   1 
ATOM   624  O  OP2   . A   A 1 30 ? 3.252   4.407   2.584   1.00 95.68  ? 30  A   A OP2   1 
ATOM   625  O  "O5'" . A   A 1 30 ? 3.889   6.505   3.773   1.00 100.15 ? 30  A   A "O5'" 1 
ATOM   626  C  "C5'" . A   A 1 30 ? 3.912   7.277   4.966   1.00 97.84  ? 30  A   A "C5'" 1 
ATOM   627  C  "C4'" . A   A 1 30 ? 3.598   8.728   4.694   1.00 94.16  ? 30  A   A "C4'" 1 
ATOM   628  O  "O4'" . A   A 1 30 ? 4.486   9.234   3.664   1.00 95.37  ? 30  A   A "O4'" 1 
ATOM   629  C  "C3'" . A   A 1 30 ? 2.203   9.022   4.160   1.00 98.13  ? 30  A   A "C3'" 1 
ATOM   630  O  "O3'" . A   A 1 30 ? 1.220   9.086   5.179   1.00 95.62  ? 30  A   A "O3'" 1 
ATOM   631  C  "C2'" . A   A 1 30 ? 2.398   10.338  3.419   1.00 97.13  ? 30  A   A "C2'" 1 
ATOM   632  O  "O2'" . A   A 1 30 ? 2.429   11.427  4.331   1.00 104.06 ? 30  A   A "O2'" 1 
ATOM   633  C  "C1'" . A   A 1 30 ? 3.800   10.154  2.841   1.00 93.36  ? 30  A   A "C1'" 1 
ATOM   634  N  N9    . A   A 1 30 ? 3.767   9.615   1.468   1.00 95.67  ? 30  A   A N9    1 
ATOM   635  C  C8    . A   A 1 30 ? 3.989   8.317   1.076   1.00 100.46 ? 30  A   A C8    1 
ATOM   636  N  N7    . A   A 1 30 ? 3.894   8.131   -0.217  1.00 98.92  ? 30  A   A N7    1 
ATOM   637  C  C5    . A   A 1 30 ? 3.590   9.391   -0.713  1.00 102.59 ? 30  A   A C5    1 
ATOM   638  C  C6    . A   A 1 30 ? 3.363   9.861   -2.018  1.00 106.49 ? 30  A   A C6    1 
ATOM   639  N  N6    . A   A 1 30 ? 3.409   9.083   -3.102  1.00 107.61 ? 30  A   A N6    1 
ATOM   640  N  N1    . A   A 1 30 ? 3.081   11.174  -2.173  1.00 106.27 ? 30  A   A N1    1 
ATOM   641  C  C2    . A   A 1 30 ? 3.037   11.951  -1.084  1.00 107.38 ? 30  A   A C2    1 
ATOM   642  N  N3    . A   A 1 30 ? 3.232   11.626  0.193   1.00 105.67 ? 30  A   A N3    1 
ATOM   643  C  C4    . A   A 1 30 ? 3.508   10.315  0.314   1.00 101.89 ? 30  A   A C4    1 
ATOM   644  P  P     . G   A 1 31 ? -0.310  8.714   4.854   1.00 96.43  ? 31  G   A P     1 
ATOM   645  O  OP1   . G   A 1 31 ? -1.061  8.734   6.136   1.00 93.31  ? 31  G   A OP1   1 
ATOM   646  O  OP2   . G   A 1 31 ? -0.327  7.491   4.014   1.00 105.91 ? 31  G   A OP2   1 
ATOM   647  O  "O5'" . G   A 1 31 ? -0.825  9.930   3.962   1.00 103.85 ? 31  G   A "O5'" 1 
ATOM   648  C  "C5'" . G   A 1 31 ? -1.023  11.217  4.528   1.00 99.89  ? 31  G   A "C5'" 1 
ATOM   649  C  "C4'" . G   A 1 31 ? -1.233  12.268  3.465   1.00 92.07  ? 31  G   A "C4'" 1 
ATOM   650  O  "O4'" . G   A 1 31 ? -0.106  12.274  2.549   1.00 92.52  ? 31  G   A "O4'" 1 
ATOM   651  C  "C3'" . G   A 1 31 ? -2.437  12.079  2.556   1.00 97.82  ? 31  G   A "C3'" 1 
ATOM   652  O  "O3'" . G   A 1 31 ? -3.659  12.490  3.146   1.00 99.60  ? 31  G   A "O3'" 1 
ATOM   653  C  "C2'" . G   A 1 31 ? -2.048  12.888  1.327   1.00 100.68 ? 31  G   A "C2'" 1 
ATOM   654  O  "O2'" . G   A 1 31 ? -2.234  14.277  1.559   1.00 101.33 ? 31  G   A "O2'" 1 
ATOM   655  C  "C1'" . G   A 1 31 ? -0.547  12.610  1.248   1.00 100.33 ? 31  G   A "C1'" 1 
ATOM   656  N  N9    . G   A 1 31 ? -0.245  11.493  0.331   1.00 100.89 ? 31  G   A N9    1 
ATOM   657  C  C8    . G   A 1 31 ? 0.144   10.216  0.657   1.00 101.99 ? 31  G   A C8    1 
ATOM   658  N  N7    . G   A 1 31 ? 0.331   9.456   -0.389  1.00 106.64 ? 31  G   A N7    1 
ATOM   659  C  C5    . G   A 1 31 ? 0.048   10.278  -1.471  1.00 103.55 ? 31  G   A C5    1 
ATOM   660  C  C6    . G   A 1 31 ? 0.076   10.011  -2.866  1.00 101.53 ? 31  G   A C6    1 
ATOM   661  O  O6    . G   A 1 31 ? 0.367   8.959   -3.448  1.00 105.61 ? 31  G   A O6    1 
ATOM   662  N  N1    . G   A 1 31 ? -0.283  11.129  -3.610  1.00 109.76 ? 31  G   A N1    1 
ATOM   663  C  C2    . G   A 1 31 ? -0.627  12.349  -3.084  1.00 107.69 ? 31  G   A C2    1 
ATOM   664  N  N2    . G   A 1 31 ? -0.944  13.304  -3.969  1.00 105.09 ? 31  G   A N2    1 
ATOM   665  N  N3    . G   A 1 31 ? -0.657  12.611  -1.786  1.00 98.46  ? 31  G   A N3    1 
ATOM   666  C  C4    . G   A 1 31 ? -0.311  11.538  -1.043  1.00 99.33  ? 31  G   A C4    1 
ATOM   667  P  P     . G   A 1 32 ? -5.034  11.763  2.740   1.00 121.38 ? 32  G   A P     1 
ATOM   668  O  OP1   . G   A 1 32 ? -6.127  12.375  3.539   1.00 108.26 ? 32  G   A OP1   1 
ATOM   669  O  OP2   . G   A 1 32 ? -4.818  10.296  2.795   1.00 106.72 ? 32  G   A OP2   1 
ATOM   670  O  "O5'" . G   A 1 32 ? -5.255  12.173  1.215   1.00 102.70 ? 32  G   A "O5'" 1 
ATOM   671  C  "C5'" . G   A 1 32 ? -5.511  13.523  0.857   1.00 85.23  ? 32  G   A "C5'" 1 
ATOM   672  C  "C4'" . G   A 1 32 ? -5.470  13.730  -0.638  1.00 81.08  ? 32  G   A "C4'" 1 
ATOM   673  O  "O4'" . G   A 1 32 ? -4.181  13.325  -1.169  1.00 85.20  ? 32  G   A "O4'" 1 
ATOM   674  C  "C3'" . G   A 1 32 ? -6.466  12.934  -1.463  1.00 83.30  ? 32  G   A "C3'" 1 
ATOM   675  O  "O3'" . G   A 1 32 ? -7.770  13.486  -1.442  1.00 91.46  ? 32  G   A "O3'" 1 
ATOM   676  C  "C2'" . G   A 1 32 ? -5.826  12.941  -2.846  1.00 85.30  ? 32  G   A "C2'" 1 
ATOM   677  O  "O2'" . G   A 1 32 ? -6.058  14.178  -3.502  1.00 82.41  ? 32  G   A "O2'" 1 
ATOM   678  C  "C1'" . G   A 1 32 ? -4.339  12.852  -2.493  1.00 97.54  ? 32  G   A "C1'" 1 
ATOM   679  N  N9    . G   A 1 32 ? -3.836  11.467  -2.581  1.00 93.55  ? 32  G   A N9    1 
ATOM   680  C  C8    . G   A 1 32 ? -3.456  10.636  -1.555  1.00 95.99  ? 32  G   A C8    1 
ATOM   681  N  N7    . G   A 1 32 ? -3.057  9.464   -1.969  1.00 99.69  ? 32  G   A N7    1 
ATOM   682  C  C5    . G   A 1 32 ? -3.183  9.522   -3.352  1.00 102.64 ? 32  G   A C5    1 
ATOM   683  C  C6    . G   A 1 32 ? -2.903  8.550   -4.348  1.00 104.26 ? 32  G   A C6    1 
ATOM   684  O  O6    . G   A 1 32 ? -2.472  7.398   -4.211  1.00 94.80  ? 32  G   A O6    1 
ATOM   685  N  N1    . G   A 1 32 ? -3.177  9.032   -5.624  1.00 112.52 ? 32  G   A N1    1 
ATOM   686  C  C2    . G   A 1 32 ? -3.657  10.285  -5.911  1.00 101.09 ? 32  G   A C2    1 
ATOM   687  N  N2    . G   A 1 32 ? -3.856  10.558  -7.210  1.00 101.14 ? 32  G   A N2    1 
ATOM   688  N  N3    . G   A 1 32 ? -3.922  11.200  -4.993  1.00 88.35  ? 32  G   A N3    1 
ATOM   689  C  C4    . G   A 1 32 ? -3.663  10.752  -3.744  1.00 89.29  ? 32  G   A C4    1 
ATOM   690  P  P     . G   A 1 33 ? -9.053  12.521  -1.381  1.00 96.06  ? 33  G   A P     1 
ATOM   691  O  OP1   . G   A 1 33 ? -10.271 13.372  -1.374  1.00 99.06  ? 33  G   A OP1   1 
ATOM   692  O  OP2   . G   A 1 33 ? -8.840  11.545  -0.282  1.00 87.74  ? 33  G   A OP2   1 
ATOM   693  O  "O5'" . G   A 1 33 ? -9.009  11.733  -2.764  1.00 85.16  ? 33  G   A "O5'" 1 
ATOM   694  C  "C5'" . G   A 1 33 ? -9.158  12.412  -4.002  1.00 91.13  ? 33  G   A "C5'" 1 
ATOM   695  C  "C4'" . G   A 1 33 ? -8.783  11.524  -5.160  1.00 89.63  ? 33  G   A "C4'" 1 
ATOM   696  O  "O4'" . G   A 1 33 ? -7.381  11.161  -5.063  1.00 96.24  ? 33  G   A "O4'" 1 
ATOM   697  C  "C3'" . G   A 1 33 ? -9.508  10.188  -5.229  1.00 96.53  ? 33  G   A "C3'" 1 
ATOM   698  O  "O3'" . G   A 1 33 ? -10.793 10.291  -5.817  1.00 98.68  ? 33  G   A "O3'" 1 
ATOM   699  C  "C2'" . G   A 1 33 ? -8.535  9.320   -6.016  1.00 106.41 ? 33  G   A "C2'" 1 
ATOM   700  O  "O2'" . G   A 1 33 ? -8.614  9.606   -7.404  1.00 111.09 ? 33  G   A "O2'" 1 
ATOM   701  C  "C1'" . G   A 1 33 ? -7.193  9.829   -5.493  1.00 105.63 ? 33  G   A "C1'" 1 
ATOM   702  N  N9    . G   A 1 33 ? -6.709  9.038   -4.345  1.00 100.77 ? 33  G   A N9    1 
ATOM   703  C  C8    . G   A 1 33 ? -6.691  9.435   -3.030  1.00 101.26 ? 33  G   A C8    1 
ATOM   704  N  N7    . G   A 1 33 ? -6.206  8.533   -2.224  1.00 103.22 ? 33  G   A N7    1 
ATOM   705  C  C5    . G   A 1 33 ? -5.882  7.472   -3.056  1.00 97.69  ? 33  G   A C5    1 
ATOM   706  C  C6    . G   A 1 33 ? -5.316  6.211   -2.744  1.00 89.65  ? 33  G   A C6    1 
ATOM   707  O  O6    . G   A 1 33 ? -4.983  5.776   -1.635  1.00 86.71  ? 33  G   A O6    1 
ATOM   708  N  N1    . G   A 1 33 ? -5.149  5.430   -3.884  1.00 89.55  ? 33  G   A N1    1 
ATOM   709  C  C2    . G   A 1 33 ? -5.486  5.816   -5.160  1.00 98.84  ? 33  G   A C2    1 
ATOM   710  N  N2    . G   A 1 33 ? -5.252  4.927   -6.135  1.00 90.52  ? 33  G   A N2    1 
ATOM   711  N  N3    . G   A 1 33 ? -6.014  6.993   -5.462  1.00 111.57 ? 33  G   A N3    1 
ATOM   712  C  C4    . G   A 1 33 ? -6.184  7.766   -4.369  1.00 97.99  ? 33  G   A C4    1 
ATOM   713  P  P     . A   A 1 34 ? -11.816 9.052   -5.770  1.00 109.67 ? 34  A   A P     1 
ATOM   714  O  OP1   . A   A 1 34 ? -13.167 9.591   -5.477  1.00 114.62 ? 34  A   A OP1   1 
ATOM   715  O  OP2   . A   A 1 34 ? -11.249 7.990   -4.901  1.00 115.24 ? 34  A   A OP2   1 
ATOM   716  O  "O5'" . A   A 1 34 ? -11.824 8.518   -7.270  1.00 95.54  ? 34  A   A "O5'" 1 
ATOM   717  C  "C5'" . A   A 1 34 ? -12.071 9.405   -8.352  1.00 97.04  ? 34  A   A "C5'" 1 
ATOM   718  C  "C4'" . A   A 1 34 ? -11.948 8.701   -9.677  1.00 104.00 ? 34  A   A "C4'" 1 
ATOM   719  O  "O4'" . A   A 1 34 ? -10.554 8.402   -9.950  1.00 103.29 ? 34  A   A "O4'" 1 
ATOM   720  C  "C3'" . A   A 1 34 ? -12.643 7.354   -9.776  1.00 106.30 ? 34  A   A "C3'" 1 
ATOM   721  O  "O3'" . A   A 1 34 ? -14.033 7.472   -10.027 1.00 108.68 ? 34  A   A "O3'" 1 
ATOM   722  C  "C2'" . A   A 1 34 ? -11.869 6.658   -10.889 1.00 101.03 ? 34  A   A "C2'" 1 
ATOM   723  O  "O2'" . A   A 1 34 ? -12.297 7.116   -12.163 1.00 99.62  ? 34  A   A "O2'" 1 
ATOM   724  C  "C1'" . A   A 1 34 ? -10.450 7.175   -10.642 1.00 105.17 ? 34  A   A "C1'" 1 
ATOM   725  N  N9    . A   A 1 34 ? -9.644  6.245   -9.830  1.00 111.61 ? 34  A   A N9    1 
ATOM   726  C  C8    . A   A 1 34 ? -9.247  6.400   -8.524  1.00 108.21 ? 34  A   A C8    1 
ATOM   727  N  N7    . A   A 1 34 ? -8.527  5.404   -8.068  1.00 104.97 ? 34  A   A N7    1 
ATOM   728  C  C5    . A   A 1 34 ? -8.441  4.534   -9.146  1.00 105.81 ? 34  A   A C5    1 
ATOM   729  C  C6    . A   A 1 34 ? -7.810  3.289   -9.308  1.00 111.20 ? 34  A   A C6    1 
ATOM   730  N  N6    . A   A 1 34 ? -7.117  2.678   -8.344  1.00 115.10 ? 34  A   A N6    1 
ATOM   731  N  N1    . A   A 1 34 ? -7.915  2.682   -10.511 1.00 108.80 ? 34  A   A N1    1 
ATOM   732  C  C2    . A   A 1 34 ? -8.611  3.294   -11.479 1.00 110.99 ? 34  A   A C2    1 
ATOM   733  N  N3    . A   A 1 34 ? -9.247  4.463   -11.447 1.00 112.86 ? 34  A   A N3    1 
ATOM   734  C  C4    . A   A 1 34 ? -9.122  5.041   -10.239 1.00 108.96 ? 34  A   A C4    1 
ATOM   735  P  P     . A   A 1 35 ? -15.085 6.595   -9.188  1.00 119.79 ? 35  A   A P     1 
ATOM   736  O  OP1   . A   A 1 35 ? -16.419 7.244   -9.281  1.00 113.20 ? 35  A   A OP1   1 
ATOM   737  O  OP2   . A   A 1 35 ? -14.498 6.327   -7.851  1.00 118.34 ? 35  A   A OP2   1 
ATOM   738  O  "O5'" . A   A 1 35 ? -15.149 5.219   -9.984  1.00 112.25 ? 35  A   A "O5'" 1 
ATOM   739  C  "C5'" . A   A 1 35 ? -15.414 5.202   -11.380 1.00 108.07 ? 35  A   A "C5'" 1 
ATOM   740  C  "C4'" . A   A 1 35 ? -14.830 3.978   -12.038 1.00 114.94 ? 35  A   A "C4'" 1 
ATOM   741  O  "O4'" . A   A 1 35 ? -13.384 3.996   -11.914 1.00 113.07 ? 35  A   A "O4'" 1 
ATOM   742  C  "C3'" . A   A 1 35 ? -15.237 2.643   -11.436 1.00 112.65 ? 35  A   A "C3'" 1 
ATOM   743  O  "O3'" . A   A 1 35 ? -16.509 2.206   -11.882 1.00 111.17 ? 35  A   A "O3'" 1 
ATOM   744  C  "C2'" . A   A 1 35 ? -14.092 1.727   -11.853 1.00 110.48 ? 35  A   A "C2'" 1 
ATOM   745  O  "O2'" . A   A 1 35 ? -14.243 1.315   -13.203 1.00 100.36 ? 35  A   A "O2'" 1 
ATOM   746  C  "C1'" . A   A 1 35 ? -12.896 2.679   -11.769 1.00 111.86 ? 35  A   A "C1'" 1 
ATOM   747  N  N9    . A   A 1 35 ? -12.188 2.578   -10.478 1.00 114.17 ? 35  A   A N9    1 
ATOM   748  C  C8    . A   A 1 35 ? -12.248 3.444   -9.412  1.00 109.92 ? 35  A   A C8    1 
ATOM   749  N  N7    . A   A 1 35 ? -11.495 3.087   -8.398  1.00 112.53 ? 35  A   A N7    1 
ATOM   750  C  C5    . A   A 1 35 ? -10.898 1.909   -8.825  1.00 111.83 ? 35  A   A C5    1 
ATOM   751  C  C6    . A   A 1 35 ? -9.986  1.029   -8.212  1.00 103.22 ? 35  A   A C6    1 
ATOM   752  N  N6    . A   A 1 35 ? -9.496  1.210   -6.983  1.00 101.59 ? 35  A   A N6    1 
ATOM   753  N  N1    . A   A 1 35 ? -9.590  -0.055  -8.913  1.00 97.17  ? 35  A   A N1    1 
ATOM   754  C  C2    . A   A 1 35 ? -10.080 -0.237  -10.145 1.00 103.50 ? 35  A   A C2    1 
ATOM   755  N  N3    . A   A 1 35 ? -10.939 0.516   -10.827 1.00 107.83 ? 35  A   A N3    1 
ATOM   756  C  C4    . A   A 1 35 ? -11.314 1.585   -10.104 1.00 110.88 ? 35  A   A C4    1 
ATOM   757  P  P     . A   A 1 36 ? -17.588 1.651   -10.830 1.00 118.04 ? 36  A   A P     1 
ATOM   758  O  OP1   . A   A 1 36 ? -18.903 1.556   -11.514 1.00 137.29 ? 36  A   A OP1   1 
ATOM   759  O  OP2   . A   A 1 36 ? -17.469 2.446   -9.582  1.00 117.45 ? 36  A   A OP2   1 
ATOM   760  O  "O5'" . A   A 1 36 ? -17.093 0.170   -10.526 1.00 111.43 ? 36  A   A "O5'" 1 
ATOM   761  C  "C5'" . A   A 1 36 ? -16.868 -0.749  -11.585 1.00 113.81 ? 36  A   A "C5'" 1 
ATOM   762  C  "C4'" . A   A 1 36 ? -15.937 -1.856  -11.161 1.00 112.00 ? 36  A   A "C4'" 1 
ATOM   763  O  "O4'" . A   A 1 36 ? -14.607 -1.323  -10.931 1.00 117.92 ? 36  A   A "O4'" 1 
ATOM   764  C  "C3'" . A   A 1 36 ? -16.285 -2.546  -9.852  1.00 102.08 ? 36  A   A "C3'" 1 
ATOM   765  O  "O3'" . A   A 1 36 ? -17.315 -3.509  -9.987  1.00 96.40  ? 36  A   A "O3'" 1 
ATOM   766  C  "C2'" . A   A 1 36 ? -14.944 -3.122  -9.423  1.00 105.18 ? 36  A   A "C2'" 1 
ATOM   767  O  "O2'" . A   A 1 36 ? -14.637 -4.292  -10.167 1.00 109.72 ? 36  A   A "O2'" 1 
ATOM   768  C  "C1'" . A   A 1 36 ? -13.992 -2.010  -9.859  1.00 111.62 ? 36  A   A "C1'" 1 
ATOM   769  N  N9    . A   A 1 36 ? -13.743 -1.049  -8.768  1.00 107.46 ? 36  A   A N9    1 
ATOM   770  C  C8    . A   A 1 36 ? -14.341 0.171   -8.567  1.00 107.33 ? 36  A   A C8    1 
ATOM   771  N  N7    . A   A 1 36 ? -13.913 0.800   -7.499  1.00 109.67 ? 36  A   A N7    1 
ATOM   772  C  C5    . A   A 1 36 ? -12.972 -0.066  -6.958  1.00 105.37 ? 36  A   A C5    1 
ATOM   773  C  C6    . A   A 1 36 ? -12.153 0.016   -5.817  1.00 100.61 ? 36  A   A C6    1 
ATOM   774  N  N6    . A   A 1 36 ? -12.152 1.056   -4.979  1.00 95.94  ? 36  A   A N6    1 
ATOM   775  N  N1    . A   A 1 36 ? -11.324 -1.021  -5.563  1.00 97.51  ? 36  A   A N1    1 
ATOM   776  C  C2    . A   A 1 36 ? -11.324 -2.063  -6.402  1.00 95.98  ? 36  A   A C2    1 
ATOM   777  N  N3    . A   A 1 36 ? -12.046 -2.255  -7.505  1.00 105.64 ? 36  A   A N3    1 
ATOM   778  C  C4    . A   A 1 36 ? -12.858 -1.208  -7.730  1.00 103.33 ? 36  A   A C4    1 
ATOM   779  P  P     . C   A 1 37 ? -18.385 -3.716  -8.807  1.00 105.86 ? 37  C   A P     1 
ATOM   780  O  OP1   . C   A 1 37 ? -19.567 -4.417  -9.369  1.00 99.59  ? 37  C   A OP1   1 
ATOM   781  O  OP2   . C   A 1 37 ? -18.571 -2.420  -8.106  1.00 117.56 ? 37  C   A OP2   1 
ATOM   782  O  "O5'" . C   A 1 37 ? -17.653 -4.713  -7.806  1.00 95.35  ? 37  C   A "O5'" 1 
ATOM   783  C  "C5'" . C   A 1 37 ? -17.007 -5.880  -8.292  1.00 101.62 ? 37  C   A "C5'" 1 
ATOM   784  C  "C4'" . C   A 1 37 ? -15.944 -6.357  -7.336  1.00 105.07 ? 37  C   A "C4'" 1 
ATOM   785  O  "O4'" . C   A 1 37 ? -14.884 -5.370  -7.243  1.00 106.62 ? 37  C   A "O4'" 1 
ATOM   786  C  "C3'" . C   A 1 37 ? -16.391 -6.553  -5.899  1.00 102.63 ? 37  C   A "C3'" 1 
ATOM   787  O  "O3'" . C   A 1 37 ? -17.061 -7.783  -5.697  1.00 110.40 ? 37  C   A "O3'" 1 
ATOM   788  C  "C2'" . C   A 1 37 ? -15.085 -6.427  -5.125  1.00 99.14  ? 37  C   A "C2'" 1 
ATOM   789  O  "O2'" . C   A 1 37 ? -14.340 -7.633  -5.205  1.00 95.85  ? 37  C   A "O2'" 1 
ATOM   790  C  "C1'" . C   A 1 37 ? -14.355 -5.353  -5.933  1.00 98.39  ? 37  C   A "C1'" 1 
ATOM   791  N  N1    . C   A 1 37 ? -14.526 -3.994  -5.365  1.00 96.97  ? 37  C   A N1    1 
ATOM   792  C  C2    . C   A 1 37 ? -13.643 -3.566  -4.369  1.00 94.84  ? 37  C   A C2    1 
ATOM   793  O  O2    . C   A 1 37 ? -12.750 -4.337  -3.990  1.00 95.46  ? 37  C   A O2    1 
ATOM   794  N  N3    . C   A 1 37 ? -13.781 -2.326  -3.841  1.00 94.86  ? 37  C   A N3    1 
ATOM   795  C  C4    . C   A 1 37 ? -14.752 -1.519  -4.272  1.00 94.41  ? 37  C   A C4    1 
ATOM   796  N  N4    . C   A 1 37 ? -14.851 -0.306  -3.724  1.00 88.05  ? 37  C   A N4    1 
ATOM   797  C  C5    . C   A 1 37 ? -15.667 -1.926  -5.287  1.00 97.13  ? 37  C   A C5    1 
ATOM   798  C  C6    . C   A 1 37 ? -15.517 -3.154  -5.799  1.00 99.80  ? 37  C   A C6    1 
ATOM   799  P  P     . G   A 1 38 ? -18.052 -7.959  -4.448  1.00 113.32 ? 38  G   A P     1 
ATOM   800  O  OP1   . G   A 1 38 ? -19.057 -8.996  -4.799  1.00 105.11 ? 38  G   A OP1   1 
ATOM   801  O  OP2   . G   A 1 38 ? -18.498 -6.607  -4.023  1.00 77.64  ? 38  G   A OP2   1 
ATOM   802  O  "O5'" . G   A 1 38 ? -17.114 -8.550  -3.307  1.00 100.88 ? 38  G   A "O5'" 1 
ATOM   803  C  "C5'" . G   A 1 38 ? -17.240 -8.116  -1.962  1.00 86.24  ? 38  G   A "C5'" 1 
ATOM   804  C  "C4'" . G   A 1 38 ? -15.890 -7.912  -1.323  1.00 74.24  ? 38  G   A "C4'" 1 
ATOM   805  O  "O4'" . G   A 1 38 ? -15.200 -6.817  -1.976  1.00 80.54  ? 38  G   A "O4'" 1 
ATOM   806  C  "C3'" . G   A 1 38 ? -15.909 -7.517  0.144   1.00 68.73  ? 38  G   A "C3'" 1 
ATOM   807  O  "O3'" . G   A 1 38 ? -16.062 -8.630  1.004   1.00 57.16  ? 38  G   A "O3'" 1 
ATOM   808  C  "C2'" . G   A 1 38 ? -14.578 -6.800  0.317   1.00 82.89  ? 38  G   A "C2'" 1 
ATOM   809  O  "O2'" . G   A 1 38 ? -13.520 -7.737  0.453   1.00 75.82  ? 38  G   A "O2'" 1 
ATOM   810  C  "C1'" . G   A 1 38 ? -14.428 -6.101  -1.035  1.00 84.07  ? 38  G   A "C1'" 1 
ATOM   811  N  N9    . G   A 1 38 ? -14.895 -4.699  -1.013  1.00 84.06  ? 38  G   A N9    1 
ATOM   812  C  C8    . G   A 1 38 ? -15.823 -4.149  -1.865  1.00 87.33  ? 38  G   A C8    1 
ATOM   813  N  N7    . G   A 1 38 ? -16.050 -2.886  -1.643  1.00 80.57  ? 38  G   A N7    1 
ATOM   814  C  C5    . G   A 1 38 ? -15.215 -2.572  -0.581  1.00 84.52  ? 38  G   A C5    1 
ATOM   815  C  C6    . G   A 1 38 ? -15.025 -1.341  0.102   1.00 77.56  ? 38  G   A C6    1 
ATOM   816  O  O6    . G   A 1 38 ? -15.571 -0.250  -0.104  1.00 85.11  ? 38  G   A O6    1 
ATOM   817  N  N1    . G   A 1 38 ? -14.085 -1.458  1.118   1.00 75.41  ? 38  G   A N1    1 
ATOM   818  C  C2    . G   A 1 38 ? -13.413 -2.606  1.443   1.00 77.27  ? 38  G   A C2    1 
ATOM   819  N  N2    . G   A 1 38 ? -12.547 -2.503  2.461   1.00 80.42  ? 38  G   A N2    1 
ATOM   820  N  N3    . G   A 1 38 ? -13.578 -3.761  0.817   1.00 84.83  ? 38  G   A N3    1 
ATOM   821  C  C4    . G   A 1 38 ? -14.488 -3.676  -0.181  1.00 86.47  ? 38  G   A C4    1 
ATOM   822  P  P     . C   A 1 39 ? -17.337 -8.731  1.975   1.00 81.73  ? 39  C   A P     1 
ATOM   823  O  OP1   . C   A 1 39 ? -17.721 -10.163 2.087   1.00 87.69  ? 39  C   A OP1   1 
ATOM   824  O  OP2   . C   A 1 39 ? -18.330 -7.723  1.525   1.00 74.32  ? 39  C   A OP2   1 
ATOM   825  O  "O5'" . C   A 1 39 ? -16.783 -8.247  3.385   1.00 70.40  ? 39  C   A "O5'" 1 
ATOM   826  C  "C5'" . C   A 1 39 ? -15.393 -8.304  3.680   1.00 66.16  ? 39  C   A "C5'" 1 
ATOM   827  C  "C4'" . C   A 1 39 ? -15.013 -7.287  4.725   1.00 72.12  ? 39  C   A "C4'" 1 
ATOM   828  O  "O4'" . C   A 1 39 ? -14.917 -5.969  4.114   1.00 79.08  ? 39  C   A "O4'" 1 
ATOM   829  C  "C3'" . C   A 1 39 ? -15.999 -7.149  5.885   1.00 72.68  ? 39  C   A "C3'" 1 
ATOM   830  O  "O3'" . C   A 1 39 ? -15.282 -6.887  7.083   1.00 66.21  ? 39  C   A "O3'" 1 
ATOM   831  C  "C2'" . C   A 1 39 ? -16.801 -5.911  5.507   1.00 67.72  ? 39  C   A "C2'" 1 
ATOM   832  O  "O2'" . C   A 1 39 ? -17.381 -5.234  6.602   1.00 85.43  ? 39  C   A "O2'" 1 
ATOM   833  C  "C1'" . C   A 1 39 ? -15.743 -5.059  4.816   1.00 69.82  ? 39  C   A "C1'" 1 
ATOM   834  N  N1    . C   A 1 39 ? -16.306 -4.090  3.867   1.00 69.04  ? 39  C   A N1    1 
ATOM   835  C  C2    . C   A 1 39 ? -16.253 -2.733  4.196   1.00 79.90  ? 39  C   A C2    1 
ATOM   836  O  O2    . C   A 1 39 ? -15.710 -2.397  5.261   1.00 78.28  ? 39  C   A O2    1 
ATOM   837  N  N3    . C   A 1 39 ? -16.783 -1.824  3.346   1.00 71.16  ? 39  C   A N3    1 
ATOM   838  C  C4    . C   A 1 39 ? -17.357 -2.233  2.214   1.00 72.42  ? 39  C   A C4    1 
ATOM   839  N  N4    . C   A 1 39 ? -17.867 -1.306  1.402   1.00 74.65  ? 39  C   A N4    1 
ATOM   840  C  C5    . C   A 1 39 ? -17.432 -3.610  1.859   1.00 85.20  ? 39  C   A C5    1 
ATOM   841  C  C6    . C   A 1 39 ? -16.903 -4.499  2.709   1.00 67.57  ? 39  C   A C6    1 
ATOM   842  P  P     . A   A 1 40 ? -15.127 -8.034  8.191   1.00 75.85  ? 40  A   A P     1 
ATOM   843  O  OP1   . A   A 1 40 ? -13.980 -8.881  7.782   1.00 90.58  ? 40  A   A OP1   1 
ATOM   844  O  OP2   . A   A 1 40 ? -16.459 -8.649  8.442   1.00 70.23  ? 40  A   A OP2   1 
ATOM   845  O  "O5'" . A   A 1 40 ? -14.704 -7.218  9.487   1.00 82.62  ? 40  A   A "O5'" 1 
ATOM   846  C  "C5'" . A   A 1 40 ? -15.182 -5.898  9.689   1.00 68.19  ? 40  A   A "C5'" 1 
ATOM   847  C  "C4'" . A   A 1 40 ? -15.300 -5.593  11.156  1.00 69.33  ? 40  A   A "C4'" 1 
ATOM   848  O  "O4'" . A   A 1 40 ? -16.517 -6.181  11.679  1.00 68.09  ? 40  A   A "O4'" 1 
ATOM   849  C  "C3'" . A   A 1 40 ? -14.195 -6.168  12.028  1.00 52.70  ? 40  A   A "C3'" 1 
ATOM   850  O  "O3'" . A   A 1 40 ? -13.046 -5.339  12.049  1.00 55.72  ? 40  A   A "O3'" 1 
ATOM   851  C  "C2'" . A   A 1 40 ? -14.867 -6.309  13.386  1.00 74.49  ? 40  A   A "C2'" 1 
ATOM   852  O  "O2'" . A   A 1 40 ? -14.877 -5.069  14.079  1.00 82.56  ? 40  A   A "O2'" 1 
ATOM   853  C  "C1'" . A   A 1 40 ? -16.305 -6.648  12.991  1.00 81.46  ? 40  A   A "C1'" 1 
ATOM   854  N  N9    . A   A 1 40 ? -16.588 -8.094  13.016  1.00 83.95  ? 40  A   A N9    1 
ATOM   855  C  C8    . A   A 1 40 ? -16.970 -8.874  11.953  1.00 75.55  ? 40  A   A C8    1 
ATOM   856  N  N7    . A   A 1 40 ? -17.175 -10.129 12.262  1.00 77.65  ? 40  A   A N7    1 
ATOM   857  C  C5    . A   A 1 40 ? -16.917 -10.175 13.625  1.00 67.56  ? 40  A   A C5    1 
ATOM   858  C  C6    . A   A 1 40 ? -16.956 -11.224 14.557  1.00 71.28  ? 40  A   A C6    1 
ATOM   859  N  N6    . A   A 1 40 ? -17.285 -12.476 14.237  1.00 76.06  ? 40  A   A N6    1 
ATOM   860  N  N1    . A   A 1 40 ? -16.644 -10.939 15.839  1.00 70.35  ? 40  A   A N1    1 
ATOM   861  C  C2    . A   A 1 40 ? -16.313 -9.681  16.154  1.00 72.66  ? 40  A   A C2    1 
ATOM   862  N  N3    . A   A 1 40 ? -16.242 -8.610  15.370  1.00 77.20  ? 40  A   A N3    1 
ATOM   863  C  C4    . A   A 1 40 ? -16.559 -8.929  14.104  1.00 69.26  ? 40  A   A C4    1 
ATOM   864  P  P     . G   A 1 41 ? -11.573 -5.976  11.989  1.00 68.23  ? 41  G   A P     1 
ATOM   865  O  OP1   . G   A 1 41 ? -10.598 -4.861  12.099  1.00 88.48  ? 41  G   A OP1   1 
ATOM   866  O  OP2   . G   A 1 41 ? -11.499 -6.891  10.823  1.00 84.85  ? 41  G   A OP2   1 
ATOM   867  O  "O5'" . G   A 1 41 ? -11.474 -6.846  13.319  1.00 78.98  ? 41  G   A "O5'" 1 
ATOM   868  C  "C5'" . G   A 1 41 ? -11.381 -6.236  14.598  1.00 60.36  ? 41  G   A "C5'" 1 
ATOM   869  C  "C4'" . G   A 1 41 ? -11.410 -7.278  15.685  1.00 73.99  ? 41  G   A "C4'" 1 
ATOM   870  O  "O4'" . G   A 1 41 ? -12.715 -7.914  15.699  1.00 75.44  ? 41  G   A "O4'" 1 
ATOM   871  C  "C3'" . G   A 1 41 ? -10.428 -8.430  15.510  1.00 69.31  ? 41  G   A "C3'" 1 
ATOM   872  O  "O3'" . G   A 1 41 ? -9.137  -8.126  16.009  1.00 62.55  ? 41  G   A "O3'" 1 
ATOM   873  C  "C2'" . G   A 1 41 ? -11.111 -9.577  16.242  1.00 59.99  ? 41  G   A "C2'" 1 
ATOM   874  O  "O2'" . G   A 1 41 ? -10.913 -9.462  17.643  1.00 63.09  ? 41  G   A "O2'" 1 
ATOM   875  C  "C1'" . G   A 1 41 ? -12.582 -9.298  15.939  1.00 70.85  ? 41  G   A "C1'" 1 
ATOM   876  N  N9    . G   A 1 41 ? -13.053 -10.015 14.740  1.00 71.20  ? 41  G   A N9    1 
ATOM   877  C  C8    . G   A 1 41 ? -13.106 -9.518  13.459  1.00 71.80  ? 41  G   A C8    1 
ATOM   878  N  N7    . G   A 1 41 ? -13.575 -10.374 12.595  1.00 77.01  ? 41  G   A N7    1 
ATOM   879  C  C5    . G   A 1 41 ? -13.850 -11.502 13.353  1.00 74.68  ? 41  G   A C5    1 
ATOM   880  C  C6    . G   A 1 41 ? -14.382 -12.754 12.959  1.00 64.98  ? 41  G   A C6    1 
ATOM   881  O  O6    . G   A 1 41 ? -14.719 -13.119 11.828  1.00 66.65  ? 41  G   A O6    1 
ATOM   882  N  N1    . G   A 1 41 ? -14.504 -13.622 14.037  1.00 72.30  ? 41  G   A N1    1 
ATOM   883  C  C2    . G   A 1 41 ? -14.162 -13.326 15.333  1.00 68.74  ? 41  G   A C2    1 
ATOM   884  N  N2    . G   A 1 41 ? -14.361 -14.306 16.226  1.00 65.95  ? 41  G   A N2    1 
ATOM   885  N  N3    . G   A 1 41 ? -13.666 -12.160 15.715  1.00 71.08  ? 41  G   A N3    1 
ATOM   886  C  C4    . G   A 1 41 ? -13.537 -11.301 14.680  1.00 73.71  ? 41  G   A C4    1 
ATOM   887  P  P     . U   A 1 42 ? -7.822  -8.671  15.263  1.00 82.31  ? 42  U   A P     1 
ATOM   888  O  OP1   . U   A 1 42 ? -6.664  -7.892  15.769  1.00 70.81  ? 42  U   A OP1   1 
ATOM   889  O  OP2   . U   A 1 42 ? -8.101  -8.707  13.805  1.00 81.03  ? 42  U   A OP2   1 
ATOM   890  O  "O5'" . U   A 1 42 ? -7.666  -10.164 15.797  1.00 80.77  ? 42  U   A "O5'" 1 
ATOM   891  C  "C5'" . U   A 1 42 ? -7.596  -10.427 17.194  1.00 72.21  ? 42  U   A "C5'" 1 
ATOM   892  C  "C4'" . U   A 1 42 ? -7.879  -11.874 17.520  1.00 78.69  ? 42  U   A "C4'" 1 
ATOM   893  O  "O4'" . U   A 1 42 ? -9.075  -12.309 16.815  1.00 74.29  ? 42  U   A "O4'" 1 
ATOM   894  C  "C3'" . U   A 1 42 ? -6.780  -12.868 17.147  1.00 81.23  ? 42  U   A "C3'" 1 
ATOM   895  O  "O3'" . U   A 1 42 ? -6.743  -13.912 18.120  1.00 76.93  ? 42  U   A "O3'" 1 
ATOM   896  C  "C2'" . U   A 1 42 ? -7.279  -13.437 15.824  1.00 82.85  ? 42  U   A "C2'" 1 
ATOM   897  O  "O2'" . U   A 1 42 ? -6.770  -14.715 15.507  1.00 84.13  ? 42  U   A "O2'" 1 
ATOM   898  C  "C1'" . U   A 1 42 ? -8.785  -13.470 16.064  1.00 68.94  ? 42  U   A "C1'" 1 
ATOM   899  N  N1    . U   A 1 42 ? -9.593  -13.450 14.836  1.00 71.40  ? 42  U   A N1    1 
ATOM   900  C  C2    . U   A 1 42 ? -10.490 -14.485 14.657  1.00 74.92  ? 42  U   A C2    1 
ATOM   901  O  O2    . U   A 1 42 ? -10.629 -15.385 15.466  1.00 78.76  ? 42  U   A O2    1 
ATOM   902  N  N3    . U   A 1 42 ? -11.220 -14.426 13.495  1.00 72.83  ? 42  U   A N3    1 
ATOM   903  C  C4    . U   A 1 42 ? -11.143 -13.458 12.516  1.00 74.45  ? 42  U   A C4    1 
ATOM   904  O  O4    . U   A 1 42 ? -11.866 -13.543 11.522  1.00 81.15  ? 42  U   A O4    1 
ATOM   905  C  C5    . U   A 1 42 ? -10.188 -12.422 12.776  1.00 76.65  ? 42  U   A C5    1 
ATOM   906  C  C6    . U   A 1 42 ? -9.462  -12.453 13.899  1.00 76.94  ? 42  U   A C6    1 
ATOM   907  P  P     . C   A 1 43 ? -5.373  -14.267 18.878  1.00 76.94  ? 43  C   A P     1 
ATOM   908  O  OP1   . C   A 1 43 ? -4.319  -14.470 17.852  1.00 90.38  ? 43  C   A OP1   1 
ATOM   909  O  OP2   . C   A 1 43 ? -5.665  -15.346 19.854  1.00 82.30  ? 43  C   A OP2   1 
ATOM   910  O  "O5'" . C   A 1 43 ? -5.029  -12.942 19.694  1.00 85.12  ? 43  C   A "O5'" 1 
ATOM   911  C  "C5'" . C   A 1 43 ? -5.906  -12.462 20.700  1.00 75.15  ? 43  C   A "C5'" 1 
ATOM   912  C  "C4'" . C   A 1 43 ? -6.163  -10.983 20.556  1.00 78.42  ? 43  C   A "C4'" 1 
ATOM   913  O  "O4'" . C   A 1 43 ? -7.551  -10.698 20.863  1.00 74.82  ? 43  C   A "O4'" 1 
ATOM   914  C  "C3'" . C   A 1 43 ? -5.379  -10.069 21.485  1.00 75.59  ? 43  C   A "C3'" 1 
ATOM   915  O  "O3'" . C   A 1 43 ? -4.068  -9.801  21.021  1.00 83.15  ? 43  C   A "O3'" 1 
ATOM   916  C  "C2'" . C   A 1 43 ? -6.259  -8.829  21.550  1.00 81.25  ? 43  C   A "C2'" 1 
ATOM   917  O  "O2'" . C   A 1 43 ? -6.083  -8.035  20.386  1.00 81.52  ? 43  C   A "O2'" 1 
ATOM   918  C  "C1'" . C   A 1 43 ? -7.657  -9.447  21.506  1.00 79.28  ? 43  C   A "C1'" 1 
ATOM   919  N  N1    . C   A 1 43 ? -8.216  -9.660  22.860  1.00 77.51  ? 43  C   A N1    1 
ATOM   920  C  C2    . C   A 1 43 ? -8.756  -8.569  23.545  1.00 81.11  ? 43  C   A C2    1 
ATOM   921  O  O2    . C   A 1 43 ? -8.751  -7.454  23.005  1.00 83.16  ? 43  C   A O2    1 
ATOM   922  N  N3    . C   A 1 43 ? -9.268  -8.755  24.782  1.00 81.62  ? 43  C   A N3    1 
ATOM   923  C  C4    . C   A 1 43 ? -9.258  -9.967  25.336  1.00 74.54  ? 43  C   A C4    1 
ATOM   924  N  N4    . C   A 1 43 ? -9.777  -10.098 26.558  1.00 78.06  ? 43  C   A N4    1 
ATOM   925  C  C5    . C   A 1 43 ? -8.717  -11.099 24.662  1.00 72.10  ? 43  C   A C5    1 
ATOM   926  C  C6    . C   A 1 43 ? -8.214  -10.899 23.438  1.00 74.56  ? 43  C   A C6    1 
ATOM   927  P  P     . U   A 1 44 ? -2.878  -9.537  22.069  1.00 90.40  ? 44  U   A P     1 
ATOM   928  O  OP1   . U   A 1 44 ? -1.602  -9.465  21.313  1.00 81.02  ? 44  U   A OP1   1 
ATOM   929  O  OP2   . U   A 1 44 ? -3.036  -10.512 23.179  1.00 86.63  ? 44  U   A OP2   1 
ATOM   930  O  "O5'" . U   A 1 44 ? -3.175  -8.078  22.639  1.00 88.29  ? 44  U   A "O5'" 1 
ATOM   931  C  "C5'" . U   A 1 44 ? -3.021  -6.928  21.819  1.00 89.93  ? 44  U   A "C5'" 1 
ATOM   932  C  "C4'" . U   A 1 44 ? -3.507  -5.683  22.517  1.00 79.74  ? 44  U   A "C4'" 1 
ATOM   933  O  "O4'" . U   A 1 44 ? -4.893  -5.855  22.906  1.00 79.58  ? 44  U   A "O4'" 1 
ATOM   934  C  "C3'" . U   A 1 44 ? -2.797  -5.320  23.815  1.00 76.46  ? 44  U   A "C3'" 1 
ATOM   935  O  "O3'" . U   A 1 44 ? -1.583  -4.620  23.593  1.00 84.57  ? 44  U   A "O3'" 1 
ATOM   936  C  "C2'" . U   A 1 44 ? -3.845  -4.496  24.554  1.00 84.74  ? 44  U   A "C2'" 1 
ATOM   937  O  "O2'" . U   A 1 44 ? -3.862  -3.160  24.074  1.00 79.60  ? 44  U   A "O2'" 1 
ATOM   938  C  "C1'" . U   A 1 44 ? -5.143  -5.182  24.120  1.00 84.76  ? 44  U   A "C1'" 1 
ATOM   939  N  N1    . U   A 1 44 ? -5.630  -6.164  25.114  1.00 83.50  ? 44  U   A N1    1 
ATOM   940  C  C2    . U   A 1 44 ? -6.299  -5.680  26.222  1.00 82.99  ? 44  U   A C2    1 
ATOM   941  O  O2    . U   A 1 44 ? -6.490  -4.491  26.417  1.00 83.01  ? 44  U   A O2    1 
ATOM   942  N  N3    . U   A 1 44 ? -6.733  -6.646  27.098  1.00 76.77  ? 44  U   A N3    1 
ATOM   943  C  C4    . U   A 1 44 ? -6.572  -8.011  26.974  1.00 82.31  ? 44  U   A C4    1 
ATOM   944  O  O4    . U   A 1 44 ? -7.020  -8.753  27.848  1.00 82.42  ? 44  U   A O4    1 
ATOM   945  C  C5    . U   A 1 44 ? -5.874  -8.429  25.796  1.00 85.31  ? 44  U   A C5    1 
ATOM   946  C  C6    . U   A 1 44 ? -5.441  -7.513  24.927  1.00 78.19  ? 44  U   A C6    1 
ATOM   947  P  P     . C   A 1 45 ? -0.489  -4.480  24.764  1.00 98.17  ? 45  C   A P     1 
ATOM   948  O  OP1   . C   A 1 45 ? 0.736   -3.883  24.173  1.00 96.30  ? 45  C   A OP1   1 
ATOM   949  O  OP2   . C   A 1 45 ? -0.407  -5.780  25.478  1.00 79.19  ? 45  C   A OP2   1 
ATOM   950  O  "O5'" . C   A 1 45 ? -1.109  -3.394  25.752  1.00 96.81  ? 45  C   A "O5'" 1 
ATOM   951  C  "C5'" . C   A 1 45 ? -0.408  -2.977  26.914  1.00 92.38  ? 45  C   A "C5'" 1 
ATOM   952  C  "C4'" . C   A 1 45 ? -1.301  -2.187  27.838  1.00 93.48  ? 45  C   A "C4'" 1 
ATOM   953  O  "O4'" . C   A 1 45 ? -2.663  -2.678  27.726  1.00 85.53  ? 45  C   A "O4'" 1 
ATOM   954  C  "C3'" . C   A 1 45 ? -0.983  -2.297  29.323  1.00 94.44  ? 45  C   A "C3'" 1 
ATOM   955  O  "O3'" . C   A 1 45 ? 0.056   -1.424  29.733  1.00 82.25  ? 45  C   A "O3'" 1 
ATOM   956  C  "C2'" . C   A 1 45 ? -2.325  -1.998  29.976  1.00 88.71  ? 45  C   A "C2'" 1 
ATOM   957  O  "O2'" . C   A 1 45 ? -2.572  -0.598  29.997  1.00 84.61  ? 45  C   A "O2'" 1 
ATOM   958  C  "C1'" . C   A 1 45 ? -3.294  -2.648  28.987  1.00 87.14  ? 45  C   A "C1'" 1 
ATOM   959  N  N1    . C   A 1 45 ? -3.637  -4.039  29.367  1.00 90.43  ? 45  C   A N1    1 
ATOM   960  C  C2    . C   A 1 45 ? -4.612  -4.263  30.344  1.00 84.08  ? 45  C   A C2    1 
ATOM   961  O  O2    . C   A 1 45 ? -5.169  -3.293  30.876  1.00 90.99  ? 45  C   A O2    1 
ATOM   962  N  N3    . C   A 1 45 ? -4.926  -5.534  30.686  1.00 79.80  ? 45  C   A N3    1 
ATOM   963  C  C4    . C   A 1 45 ? -4.310  -6.559  30.095  1.00 83.71  ? 45  C   A C4    1 
ATOM   964  N  N4    . C   A 1 45 ? -4.653  -7.794  30.467  1.00 76.39  ? 45  C   A N4    1 
ATOM   965  C  C5    . C   A 1 45 ? -3.314  -6.361  29.094  1.00 83.93  ? 45  C   A C5    1 
ATOM   966  C  C6    . C   A 1 45 ? -3.014  -5.098  28.764  1.00 84.73  ? 45  C   A C6    1 
HETATM 967  IR IR    . IRI B 2 .  ? 11.218  -13.795 -7.701  0.83 136.47 ? 101 IRI A IR    1 
HETATM 968  N  N1    . IRI B 2 .  ? 9.344   -12.937 -8.603  0.83 146.32 ? 101 IRI A N1    1 
HETATM 969  N  N2    . IRI B 2 .  ? 10.006  -14.693 -6.031  0.83 130.75 ? 101 IRI A N2    1 
HETATM 970  N  N3    . IRI B 2 .  ? 13.093  -14.652 -6.798  0.83 151.58 ? 101 IRI A N3    1 
HETATM 971  N  N4    . IRI B 2 .  ? 12.430  -12.896 -9.370  0.83 141.88 ? 101 IRI A N4    1 
HETATM 972  N  N5    . IRI B 2 .  ? 10.941  -15.673 -8.909  0.83 163.73 ? 101 IRI A N5    1 
HETATM 973  N  N6    . IRI B 2 .  ? 11.497  -11.917 -6.493  0.83 139.22 ? 101 IRI A N6    1 
HETATM 974  IR IR    . IRI C 2 .  ? -20.630 3.017   -1.145  1.00 131.42 ? 102 IRI A IR    1 
HETATM 975  N  N1    . IRI C 2 .  ? -18.982 2.464   0.283   1.00 108.03 ? 102 IRI A N1    1 
HETATM 976  N  N2    . IRI C 2 .  ? -20.919 4.967   -0.062  1.00 134.08 ? 102 IRI A N2    1 
HETATM 977  N  N3    . IRI C 2 .  ? -22.279 3.569   -2.571  1.00 135.04 ? 102 IRI A N3    1 
HETATM 978  N  N4    . IRI C 2 .  ? -20.341 1.069   -2.234  1.00 143.75 ? 102 IRI A N4    1 
HETATM 979  N  N5    . IRI C 2 .  ? -22.134 2.030   0.208   1.00 82.62  ? 102 IRI A N5    1 
HETATM 980  N  N6    . IRI C 2 .  ? -19.125 4.002   -2.495  1.00 122.51 ? 102 IRI A N6    1 
HETATM 981  IR IR    . IRI D 2 .  ? -7.869  7.472   1.341   1.00 120.73 ? 103 IRI A IR    1 
HETATM 982  N  N1    . IRI D 2 .  ? -10.053 7.202   1.806   1.00 84.00  ? 103 IRI A N1    1 
HETATM 983  N  N2    . IRI D 2 .  ? -7.374  7.250   3.524   1.00 119.96 ? 103 IRI A N2    1 
HETATM 984  N  N3    . IRI D 2 .  ? -5.683  7.738   0.876   1.00 112.68 ? 103 IRI A N3    1 
HETATM 985  N  N4    . IRI D 2 .  ? -8.362  7.695   -0.844  1.00 107.61 ? 103 IRI A N4    1 
HETATM 986  N  N5    . IRI D 2 .  ? -7.652  5.248   1.064   1.00 118.55 ? 103 IRI A N5    1 
HETATM 987  N  N6    . IRI D 2 .  ? -8.082  9.695   1.616   1.00 121.35 ? 103 IRI A N6    1 
HETATM 988  IR IR    . IRI E 2 .  ? 1.591   0.719   3.913   0.75 92.24  ? 104 IRI A IR    1 
HETATM 989  N  N1    . IRI E 2 .  ? 1.173   -1.177  2.780   0.75 85.46  ? 104 IRI A N1    1 
HETATM 990  N  N2    . IRI E 2 .  ? 1.748   -0.450  5.830   0.75 78.24  ? 104 IRI A N2    1 
HETATM 991  N  N3    . IRI E 2 .  ? 1.999   2.615   5.048   0.75 104.91 ? 104 IRI A N3    1 
HETATM 992  N  N4    . IRI E 2 .  ? 1.429   1.888   1.997   0.75 78.25  ? 104 IRI A N4    1 
HETATM 993  N  N5    . IRI E 2 .  ? 3.796   0.445   3.564   0.75 80.36  ? 104 IRI A N5    1 
HETATM 994  N  N6    . IRI E 2 .  ? -0.615  0.995   4.264   0.75 92.55  ? 104 IRI A N6    1 
HETATM 995  IR IR    . IRI F 2 .  ? 5.741   -19.307 -8.521  1.00 272.58 ? 105 IRI A IR    1 
HETATM 996  N  N1    . IRI F 2 .  ? 5.923   -18.842 -10.715 1.00 259.81 ? 105 IRI A N1    1 
HETATM 997  N  N2    . IRI F 2 .  ? 3.504   -19.419 -8.734  1.00 254.29 ? 105 IRI A N2    1 
HETATM 998  N  N3    . IRI F 2 .  ? 5.557   -19.772 -6.327  1.00 248.25 ? 105 IRI A N3    1 
HETATM 999  N  N4    . IRI F 2 .  ? 7.978   -19.195 -8.309  1.00 273.96 ? 105 IRI A N4    1 
HETATM 1000 N  N5    . IRI F 2 .  ? 5.893   -21.507 -8.973  1.00 280.90 ? 105 IRI A N5    1 
HETATM 1001 N  N6    . IRI F 2 .  ? 5.587   -17.108 -8.074  1.00 270.69 ? 105 IRI A N6    1 
HETATM 1002 IR IR    . IRI G 2 .  ? 15.754  -7.194  -3.274  1.00 83.50  ? 106 IRI A IR    1 
HETATM 1003 N  N1    . IRI G 2 .  ? 17.969  -7.310  -3.657  1.00 109.66 ? 106 IRI A N1    1 
HETATM 1004 N  N2    . IRI G 2 .  ? 15.740  -5.049  -3.956  1.00 77.04  ? 106 IRI A N2    1 
HETATM 1005 N  N3    . IRI G 2 .  ? 13.540  -7.081  -2.892  1.00 89.33  ? 106 IRI A N3    1 
HETATM 1006 N  N4    . IRI G 2 .  ? 15.768  -9.337  -2.587  1.00 83.06  ? 106 IRI A N4    1 
HETATM 1007 N  N5    . IRI G 2 .  ? 15.359  -7.874  -5.382  1.00 80.85  ? 106 IRI A N5    1 
HETATM 1008 N  N6    . IRI G 2 .  ? 16.149  -6.512  -1.166  1.00 80.48  ? 106 IRI A N6    1 
HETATM 1009 IR IR    . IRI H 2 .  ? -0.822  5.330   -0.958  0.58 98.86  ? 107 IRI A IR    1 
HETATM 1010 N  N1    . IRI H 2 .  ? -1.842  7.290   -1.384  0.58 98.00  ? 107 IRI A N1    1 
HETATM 1011 N  N2    . IRI H 2 .  ? -2.307  4.913   0.682   0.58 87.02  ? 107 IRI A N2    1 
HETATM 1012 N  N3    . IRI H 2 .  ? 0.198   3.371   -0.530  0.58 108.65 ? 107 IRI A N3    1 
HETATM 1013 N  N4    . IRI H 2 .  ? 0.663   5.746   -2.596  0.58 88.11  ? 107 IRI A N4    1 
HETATM 1014 N  N5    . IRI H 2 .  ? -2.168  4.303   -2.440  0.58 87.36  ? 107 IRI A N5    1 
HETATM 1015 N  N6    . IRI H 2 .  ? 0.524   6.356   0.525   0.58 89.58  ? 107 IRI A N6    1 
HETATM 1016 IR IR    . IRI I 2 .  ? 18.097  -1.313  1.598   0.61 73.92  ? 108 IRI A IR    1 
HETATM 1017 N  N1    . IRI I 2 .  ? 17.682  -0.873  -0.570  0.61 58.19  ? 108 IRI A N1    1 
HETATM 1018 N  N2    . IRI I 2 .  ? 15.903  -1.107  2.058   0.61 80.18  ? 108 IRI A N2    1 
HETATM 1019 N  N3    . IRI I 2 .  ? 18.508  -1.754  3.766   0.61 78.27  ? 108 IRI A N3    1 
HETATM 1020 N  N4    . IRI I 2 .  ? 20.290  -1.516  1.136   0.61 73.69  ? 108 IRI A N4    1 
HETATM 1021 N  N5    . IRI I 2 .  ? 17.811  -3.511  1.209   0.61 57.83  ? 108 IRI A N5    1 
HETATM 1022 N  N6    . IRI I 2 .  ? 18.382  0.884   1.990   0.61 77.31  ? 108 IRI A N6    1 
HETATM 1023 IR IR    . IRI J 2 .  ? 19.785  3.524   -4.740  0.66 135.52 ? 109 IRI A IR    1 
HETATM 1024 N  N1    . IRI J 2 .  ? 18.516  2.504   -6.293  0.66 123.84 ? 109 IRI A N1    1 
HETATM 1025 N  N2    . IRI J 2 .  ? 20.216  1.532   -3.785  0.66 123.36 ? 109 IRI A N2    1 
HETATM 1026 N  N3    . IRI J 2 .  ? 21.052  4.544   -3.186  0.66 122.34 ? 109 IRI A N3    1 
HETATM 1027 N  N4    . IRI J 2 .  ? 19.354  5.515   -5.694  0.66 125.64 ? 109 IRI A N4    1 
HETATM 1028 N  N5    . IRI J 2 .  ? 21.593  3.283   -6.057  0.66 150.61 ? 109 IRI A N5    1 
HETATM 1029 N  N6    . IRI J 2 .  ? 17.977  3.766   -3.423  0.66 135.96 ? 109 IRI A N6    1 
HETATM 1030 IR IR    . IRI K 2 .  ? -5.702  -8.263  -4.081  0.74 140.14 ? 110 IRI A IR    1 
HETATM 1031 N  N1    . IRI K 2 .  ? -6.767  -10.235 -3.890  0.74 131.94 ? 110 IRI A N1    1 
HETATM 1032 N  N2    . IRI K 2 .  ? -4.714  -8.976  -5.973  0.74 128.73 ? 110 IRI A N2    1 
HETATM 1033 N  N3    . IRI K 2 .  ? -4.639  -6.289  -4.269  0.74 135.91 ? 110 IRI A N3    1 
HETATM 1034 N  N4    . IRI K 2 .  ? -6.687  -7.549  -2.188  0.74 145.68 ? 110 IRI A N4    1 
HETATM 1035 N  N5    . IRI K 2 .  ? -7.421  -7.450  -5.284  0.74 152.80 ? 110 IRI A N5    1 
HETATM 1036 N  N6    . IRI K 2 .  ? -3.983  -9.074  -2.877  0.74 148.76 ? 110 IRI A N6    1 
# 
